data_3HUG
#
_entry.id   3HUG
#
_cell.length_a   83.070
_cell.length_b   166.770
_cell.length_c   178.870
_cell.angle_alpha   90.00
_cell.angle_beta   90.00
_cell.angle_gamma   90.00
#
_symmetry.space_group_name_H-M   'P 21 21 21'
#
loop_
_entity.id
_entity.type
_entity.pdbx_description
1 polymer 'RNA polymerase sigma factor'
2 polymer 'PROBABLE CONSERVED MEMBRANE PROTEIN'
3 non-polymer 'SULFATE ION'
4 non-polymer 'ZINC ION'
5 water water
#
loop_
_entity_poly.entity_id
_entity_poly.type
_entity_poly.pdbx_seq_one_letter_code
_entity_poly.pdbx_strand_id
1 'polypeptide(L)'
;MGSSHHHHHHSQDPEQSTPDEVNAALDRLLIADALAQLSAEHRAVIQRSYYRGWSTAQIATDLGIAEGTVKSRLHYAVRA
LRLTLQELGVTR
;
A,C,E,G,I,K,M,O,Q,S
2 'polypeptide(L)'
;MTMPLRGLGPPDDTGVREVSTGDDHHYAMWDAAYVLGALSAADRREFEAHLAGCPECRGAVTELCGVPALLSQLDRDEVA
AISESAPTVVASGLSPELLPSLLAAVHR
;
B,D,F,H,J,L,N,P,R,T
#
loop_
_chem_comp.id
_chem_comp.type
_chem_comp.name
_chem_comp.formula
SO4 non-polymer 'SULFATE ION' 'O4 S -2'
ZN non-polymer 'ZINC ION' 'Zn 2'
#
# COMPACT_ATOMS: atom_id res chain seq x y z
N ASP A 13 -13.11 25.28 -41.76
CA ASP A 13 -12.19 24.38 -41.00
C ASP A 13 -10.95 24.11 -41.83
N PRO A 14 -9.77 24.00 -41.18
CA PRO A 14 -8.59 23.70 -41.97
C PRO A 14 -8.68 22.33 -42.66
N GLU A 15 -7.90 22.17 -43.72
CA GLU A 15 -7.81 20.92 -44.45
C GLU A 15 -7.16 19.83 -43.58
N GLN A 16 -7.68 18.61 -43.61
CA GLN A 16 -7.02 17.51 -42.90
C GLN A 16 -6.50 16.52 -43.93
N SER A 17 -5.56 15.70 -43.51
CA SER A 17 -5.15 14.57 -44.33
C SER A 17 -6.36 13.68 -44.64
N THR A 18 -6.24 12.89 -45.68
CA THR A 18 -7.30 11.99 -46.09
C THR A 18 -7.62 10.95 -45.02
N PRO A 19 -6.60 10.32 -44.46
CA PRO A 19 -6.91 9.38 -43.37
C PRO A 19 -7.67 10.04 -42.22
N ASP A 20 -7.23 11.22 -41.79
CA ASP A 20 -7.87 11.89 -40.65
C ASP A 20 -9.31 12.19 -40.97
N GLU A 21 -9.51 12.61 -42.21
CA GLU A 21 -10.84 12.95 -42.65
C GLU A 21 -11.75 11.72 -42.58
N VAL A 22 -11.27 10.59 -43.11
CA VAL A 22 -12.08 9.39 -43.12
C VAL A 22 -12.33 8.83 -41.70
N ASN A 23 -11.28 8.78 -40.90
CA ASN A 23 -11.39 8.24 -39.56
C ASN A 23 -12.39 8.99 -38.71
N ALA A 24 -12.35 10.32 -38.82
CA ALA A 24 -13.27 11.14 -38.08
C ALA A 24 -14.69 10.89 -38.55
N ALA A 25 -14.87 10.68 -39.85
CA ALA A 25 -16.23 10.39 -40.34
C ALA A 25 -16.67 9.03 -39.82
N LEU A 26 -15.75 8.07 -39.81
CA LEU A 26 -16.08 6.73 -39.29
C LEU A 26 -16.52 6.85 -37.82
N ASP A 27 -15.68 7.50 -37.02
CA ASP A 27 -16.03 7.78 -35.64
C ASP A 27 -17.43 8.36 -35.46
N ARG A 28 -17.77 9.41 -36.22
CA ARG A 28 -19.08 10.03 -36.08
CA ARG A 28 -19.07 10.04 -36.12
C ARG A 28 -20.14 9.00 -36.42
N LEU A 29 -19.84 8.12 -37.35
CA LEU A 29 -20.76 7.07 -37.74
C LEU A 29 -21.04 6.13 -36.53
N LEU A 30 -19.98 5.68 -35.88
CA LEU A 30 -20.11 4.70 -34.81
C LEU A 30 -20.80 5.31 -33.56
N ILE A 31 -20.38 6.54 -33.22
CA ILE A 31 -20.97 7.29 -32.13
C ILE A 31 -22.47 7.44 -32.35
N ALA A 32 -22.86 7.81 -33.56
CA ALA A 32 -24.28 7.91 -33.89
C ALA A 32 -24.98 6.55 -33.71
N ASP A 33 -24.33 5.51 -34.22
CA ASP A 33 -24.82 4.15 -34.08
C ASP A 33 -25.00 3.82 -32.59
N ALA A 34 -23.97 4.12 -31.79
CA ALA A 34 -24.05 3.83 -30.36
C ALA A 34 -25.26 4.52 -29.68
N LEU A 35 -25.51 5.78 -30.03
CA LEU A 35 -26.62 6.53 -29.46
C LEU A 35 -27.97 5.98 -29.94
N ALA A 36 -28.03 5.59 -31.20
CA ALA A 36 -29.26 4.97 -31.70
C ALA A 36 -29.56 3.69 -30.93
N GLN A 37 -28.54 3.01 -30.44
CA GLN A 37 -28.75 1.75 -29.75
C GLN A 37 -29.15 1.93 -28.28
N LEU A 38 -29.06 3.14 -27.79
CA LEU A 38 -29.56 3.44 -26.46
C LEU A 38 -31.07 3.22 -26.42
N SER A 39 -31.60 2.81 -25.27
CA SER A 39 -33.04 2.78 -25.09
C SER A 39 -33.54 4.22 -25.20
N ALA A 40 -34.82 4.41 -25.49
CA ALA A 40 -35.38 5.75 -25.62
C ALA A 40 -35.15 6.61 -24.39
N GLU A 41 -35.32 6.03 -23.21
CA GLU A 41 -35.10 6.76 -21.96
C GLU A 41 -33.65 7.19 -21.72
N HIS A 42 -32.70 6.33 -22.11
CA HIS A 42 -31.31 6.68 -21.92
C HIS A 42 -30.93 7.78 -22.89
N ARG A 43 -31.36 7.65 -24.15
CA ARG A 43 -31.06 8.66 -25.15
C ARG A 43 -31.72 9.99 -24.76
N ALA A 44 -32.91 9.91 -24.18
CA ALA A 44 -33.65 11.12 -23.81
C ALA A 44 -32.90 11.97 -22.81
N VAL A 45 -32.37 11.34 -21.75
CA VAL A 45 -31.58 12.12 -20.78
C VAL A 45 -30.24 12.60 -21.31
N ILE A 46 -29.60 11.84 -22.19
CA ILE A 46 -28.33 12.29 -22.76
C ILE A 46 -28.57 13.45 -23.71
N GLN A 47 -29.62 13.38 -24.52
CA GLN A 47 -29.96 14.46 -25.47
C GLN A 47 -30.22 15.77 -24.72
N ARG A 48 -31.01 15.70 -23.65
CA ARG A 48 -31.36 16.87 -22.86
C ARG A 48 -30.18 17.49 -22.10
N SER A 49 -29.36 16.66 -21.46
CA SER A 49 -28.26 17.23 -20.70
C SER A 49 -27.13 17.71 -21.58
N TYR A 50 -26.64 16.86 -22.45
CA TYR A 50 -25.45 17.23 -23.22
C TYR A 50 -25.76 18.08 -24.45
N TYR A 51 -26.75 17.67 -25.24
CA TYR A 51 -26.99 18.36 -26.51
C TYR A 51 -27.79 19.68 -26.36
N ARG A 52 -28.75 19.71 -25.43
CA ARG A 52 -29.55 20.88 -25.15
C ARG A 52 -29.05 21.70 -23.97
N GLY A 53 -28.03 21.23 -23.26
CA GLY A 53 -27.47 21.97 -22.10
C GLY A 53 -28.35 22.06 -20.85
N TRP A 54 -29.46 21.31 -20.79
CA TRP A 54 -30.37 21.39 -19.63
C TRP A 54 -29.75 20.90 -18.32
N SER A 55 -30.34 21.37 -17.22
CA SER A 55 -29.96 20.96 -15.88
C SER A 55 -30.84 19.79 -15.45
N THR A 56 -30.39 19.07 -14.42
CA THR A 56 -31.20 17.93 -13.96
C THR A 56 -32.63 18.37 -13.59
N ALA A 57 -32.76 19.48 -12.88
CA ALA A 57 -34.12 19.98 -12.50
C ALA A 57 -35.01 20.16 -13.70
N GLN A 58 -34.48 20.79 -14.74
CA GLN A 58 -35.26 21.01 -15.96
C GLN A 58 -35.62 19.68 -16.62
N ILE A 59 -34.65 18.76 -16.67
CA ILE A 59 -34.90 17.46 -17.25
C ILE A 59 -36.00 16.75 -16.46
N ALA A 60 -35.94 16.90 -15.14
CA ALA A 60 -36.94 16.30 -14.24
C ALA A 60 -38.35 16.74 -14.61
N THR A 61 -38.55 18.05 -14.81
CA THR A 61 -39.86 18.56 -15.21
C THR A 61 -40.30 18.04 -16.56
N ASP A 62 -39.45 18.18 -17.57
CA ASP A 62 -39.86 17.74 -18.89
C ASP A 62 -40.20 16.25 -18.92
N LEU A 63 -39.47 15.44 -18.17
CA LEU A 63 -39.61 14.01 -18.35
C LEU A 63 -40.68 13.40 -17.46
N GLY A 64 -40.92 14.02 -16.31
CA GLY A 64 -41.91 13.53 -15.36
C GLY A 64 -41.38 12.60 -14.29
N ILE A 65 -40.13 12.83 -13.83
CA ILE A 65 -39.49 11.99 -12.81
C ILE A 65 -38.72 12.85 -11.82
N ALA A 66 -38.33 12.29 -10.70
CA ALA A 66 -37.61 13.07 -9.69
C ALA A 66 -36.18 13.34 -10.13
N GLU A 67 -35.61 14.40 -9.56
CA GLU A 67 -34.35 14.87 -10.05
C GLU A 67 -33.33 13.78 -9.74
N GLY A 68 -33.34 13.27 -8.52
CA GLY A 68 -32.49 12.14 -8.14
C GLY A 68 -32.53 11.01 -9.16
N THR A 69 -33.72 10.75 -9.70
CA THR A 69 -33.85 9.81 -10.79
C THR A 69 -33.26 10.29 -12.12
N VAL A 70 -33.15 11.60 -12.31
CA VAL A 70 -32.52 12.09 -13.54
C VAL A 70 -31.04 11.78 -13.41
N LYS A 71 -30.49 12.00 -12.21
CA LYS A 71 -29.10 11.74 -12.01
C LYS A 71 -28.74 10.28 -12.25
N SER A 72 -29.43 9.38 -11.56
CA SER A 72 -29.11 7.98 -11.70
C SER A 72 -29.39 7.54 -13.15
N ARG A 73 -30.49 7.99 -13.74
CA ARG A 73 -30.75 7.61 -15.13
C ARG A 73 -29.61 8.01 -16.09
N LEU A 74 -29.04 9.19 -15.88
CA LEU A 74 -27.87 9.65 -16.64
C LEU A 74 -26.64 8.78 -16.39
N HIS A 75 -26.46 8.40 -15.14
CA HIS A 75 -25.37 7.54 -14.74
C HIS A 75 -25.41 6.24 -15.57
N TYR A 76 -26.60 5.62 -15.65
CA TYR A 76 -26.76 4.37 -16.39
C TYR A 76 -26.69 4.61 -17.88
N ALA A 77 -27.22 5.75 -18.32
CA ALA A 77 -27.27 6.08 -19.74
C ALA A 77 -25.84 6.21 -20.30
N VAL A 78 -24.99 6.91 -19.57
CA VAL A 78 -23.64 7.12 -20.02
C VAL A 78 -22.82 5.82 -19.93
N ARG A 79 -22.99 5.08 -18.85
CA ARG A 79 -22.31 3.79 -18.74
C ARG A 79 -22.76 2.81 -19.84
N ALA A 80 -24.04 2.84 -20.20
CA ALA A 80 -24.49 1.97 -21.31
C ALA A 80 -23.87 2.37 -22.64
N LEU A 81 -23.85 3.69 -22.88
CA LEU A 81 -23.30 4.28 -24.08
C LEU A 81 -21.86 3.81 -24.17
N ARG A 82 -21.15 3.89 -23.06
CA ARG A 82 -19.74 3.55 -23.05
C ARG A 82 -19.53 2.10 -23.50
N LEU A 83 -20.27 1.19 -22.88
CA LEU A 83 -20.27 -0.21 -23.25
C LEU A 83 -20.37 -0.39 -24.73
N THR A 84 -21.34 0.25 -25.37
CA THR A 84 -21.46 0.12 -26.82
C THR A 84 -20.25 0.70 -27.52
N LEU A 85 -19.80 1.86 -27.07
CA LEU A 85 -18.67 2.54 -27.68
C LEU A 85 -17.42 1.62 -27.65
N GLN A 86 -17.17 0.96 -26.51
CA GLN A 86 -16.07 -0.01 -26.40
C GLN A 86 -16.32 -1.17 -27.36
N GLU A 87 -17.50 -1.76 -27.31
CA GLU A 87 -17.73 -2.91 -28.18
C GLU A 87 -17.45 -2.47 -29.60
N LEU A 88 -17.78 -1.22 -29.90
CA LEU A 88 -17.76 -0.74 -31.28
C LEU A 88 -16.34 -0.40 -31.75
N GLY A 89 -15.40 -0.33 -30.82
CA GLY A 89 -14.04 0.00 -31.13
C GLY A 89 -13.71 1.50 -31.00
N VAL A 90 -14.63 2.30 -30.52
CA VAL A 90 -14.41 3.74 -30.50
C VAL A 90 -13.54 4.19 -29.33
N THR A 91 -13.71 3.58 -28.17
CA THR A 91 -12.91 3.92 -27.02
C THR A 91 -12.43 2.61 -26.38
N ARG A 92 -11.32 2.66 -25.67
CA ARG A 92 -10.88 1.52 -24.87
C ARG A 92 -11.50 1.64 -23.47
N HIS B 25 -24.22 5.62 -0.49
CA HIS B 25 -24.03 7.10 -0.65
C HIS B 25 -24.50 7.55 -2.04
N HIS B 26 -25.40 8.54 -2.06
CA HIS B 26 -26.12 8.92 -3.27
C HIS B 26 -25.19 9.52 -4.33
N TYR B 27 -24.06 10.06 -3.85
CA TYR B 27 -23.09 10.68 -4.73
C TYR B 27 -22.69 9.82 -5.91
N ALA B 28 -22.40 8.54 -5.68
CA ALA B 28 -21.98 7.64 -6.75
C ALA B 28 -22.81 7.80 -8.04
N MET B 29 -24.05 8.21 -7.90
CA MET B 29 -24.91 8.37 -9.05
C MET B 29 -24.71 9.70 -9.80
N TRP B 30 -23.84 10.56 -9.27
CA TRP B 30 -23.66 11.92 -9.80
C TRP B 30 -22.58 12.05 -10.86
N ASP B 31 -21.74 11.03 -11.00
CA ASP B 31 -20.65 11.06 -11.96
C ASP B 31 -21.01 11.54 -13.37
N ALA B 32 -22.07 11.01 -13.96
CA ALA B 32 -22.34 11.33 -15.35
C ALA B 32 -22.82 12.78 -15.48
N ALA B 33 -23.86 13.12 -14.72
CA ALA B 33 -24.31 14.52 -14.58
C ALA B 33 -23.14 15.47 -14.43
N TYR B 34 -22.24 15.17 -13.52
CA TYR B 34 -21.12 16.06 -13.33
C TYR B 34 -20.30 16.22 -14.61
N VAL B 35 -19.94 15.11 -15.23
CA VAL B 35 -19.07 15.16 -16.38
C VAL B 35 -19.84 15.74 -17.59
N LEU B 36 -21.15 15.52 -17.65
CA LEU B 36 -21.89 16.08 -18.76
C LEU B 36 -22.22 17.58 -18.60
N GLY B 37 -21.85 18.20 -17.48
CA GLY B 37 -22.23 19.59 -17.20
C GLY B 37 -23.67 19.84 -16.76
N ALA B 38 -24.38 18.83 -16.27
CA ALA B 38 -25.81 18.99 -15.94
C ALA B 38 -26.12 19.30 -14.45
N LEU B 39 -25.09 19.31 -13.62
CA LEU B 39 -25.25 19.63 -12.22
C LEU B 39 -25.44 21.15 -12.05
N SER B 40 -26.51 21.53 -11.33
CA SER B 40 -26.75 22.93 -10.99
C SER B 40 -25.47 23.35 -10.31
N ALA B 41 -25.26 24.65 -10.18
CA ALA B 41 -24.04 25.18 -9.58
C ALA B 41 -23.87 24.76 -8.13
N ALA B 42 -24.98 24.66 -7.39
CA ALA B 42 -24.90 24.21 -5.99
C ALA B 42 -24.57 22.70 -5.89
N ASP B 43 -25.14 21.89 -6.78
CA ASP B 43 -24.84 20.44 -6.79
C ASP B 43 -23.41 20.21 -7.25
N ARG B 44 -22.99 21.00 -8.24
CA ARG B 44 -21.63 20.87 -8.72
C ARG B 44 -20.61 21.10 -7.60
N ARG B 45 -20.77 22.17 -6.82
CA ARG B 45 -19.83 22.39 -5.69
C ARG B 45 -19.92 21.31 -4.60
N GLU B 46 -21.13 20.86 -4.30
CA GLU B 46 -21.32 19.75 -3.37
C GLU B 46 -20.53 18.52 -3.81
N PHE B 47 -20.66 18.17 -5.09
CA PHE B 47 -19.95 17.04 -5.67
C PHE B 47 -18.44 17.23 -5.74
N GLU B 48 -17.99 18.44 -6.05
CA GLU B 48 -16.56 18.67 -6.13
C GLU B 48 -15.94 18.51 -4.74
N ALA B 49 -16.69 18.96 -3.72
CA ALA B 49 -16.30 18.79 -2.33
C ALA B 49 -16.21 17.29 -1.97
N HIS B 50 -17.31 16.55 -2.25
CA HIS B 50 -17.32 15.09 -2.04
C HIS B 50 -16.16 14.40 -2.77
N LEU B 51 -15.84 14.85 -3.98
CA LEU B 51 -14.79 14.20 -4.75
C LEU B 51 -13.43 14.27 -4.09
N ALA B 52 -13.17 15.39 -3.41
CA ALA B 52 -11.87 15.62 -2.78
C ALA B 52 -11.58 14.55 -1.72
N GLY B 53 -12.64 14.10 -1.04
CA GLY B 53 -12.50 13.00 -0.11
C GLY B 53 -13.27 11.74 -0.44
N CYS B 54 -13.40 11.40 -1.75
CA CYS B 54 -13.97 10.10 -2.13
C CYS B 54 -13.34 9.45 -3.36
N PRO B 55 -12.25 8.71 -3.17
CA PRO B 55 -11.55 7.96 -4.23
C PRO B 55 -12.43 7.10 -5.15
N GLU B 56 -13.59 6.66 -4.70
CA GLU B 56 -14.44 5.86 -5.56
C GLU B 56 -15.08 6.73 -6.61
N CYS B 57 -15.72 7.79 -6.16
CA CYS B 57 -16.32 8.74 -7.08
C CYS B 57 -15.25 9.32 -8.00
N ARG B 58 -14.12 9.66 -7.41
CA ARG B 58 -13.07 10.18 -8.22
C ARG B 58 -12.74 9.22 -9.38
N GLY B 59 -12.68 7.93 -9.10
CA GLY B 59 -12.34 6.94 -10.14
C GLY B 59 -13.48 6.77 -11.13
N ALA B 60 -14.69 6.91 -10.64
CA ALA B 60 -15.87 6.90 -11.50
C ALA B 60 -15.83 8.03 -12.57
N VAL B 61 -15.55 9.27 -12.15
CA VAL B 61 -15.51 10.37 -13.12
C VAL B 61 -14.39 10.14 -14.11
N THR B 62 -13.26 9.65 -13.62
CA THR B 62 -12.11 9.31 -14.47
C THR B 62 -12.48 8.30 -15.57
N GLU B 63 -13.32 7.33 -15.24
CA GLU B 63 -13.79 6.39 -16.24
C GLU B 63 -14.61 7.06 -17.34
N LEU B 64 -15.31 8.14 -17.00
CA LEU B 64 -16.23 8.80 -17.92
C LEU B 64 -15.66 10.05 -18.62
N CYS B 65 -14.46 10.47 -18.26
CA CYS B 65 -14.05 11.80 -18.70
C CYS B 65 -13.82 11.86 -20.21
N GLY B 66 -13.74 10.70 -20.85
CA GLY B 66 -13.56 10.68 -22.28
C GLY B 66 -14.86 10.80 -23.04
N VAL B 67 -15.99 10.76 -22.33
CA VAL B 67 -17.29 10.65 -23.01
C VAL B 67 -17.85 11.94 -23.65
N PRO B 68 -17.76 13.08 -22.92
CA PRO B 68 -18.10 14.36 -23.52
C PRO B 68 -17.30 14.60 -24.80
N ALA B 69 -16.01 14.31 -24.78
CA ALA B 69 -15.22 14.46 -26.02
C ALA B 69 -15.83 13.66 -27.17
N LEU B 70 -16.38 12.47 -26.89
CA LEU B 70 -16.91 11.68 -27.98
C LEU B 70 -18.27 12.23 -28.38
N LEU B 71 -19.08 12.57 -27.38
CA LEU B 71 -20.39 13.14 -27.61
C LEU B 71 -20.30 14.41 -28.47
N SER B 72 -19.23 15.17 -28.28
CA SER B 72 -19.10 16.44 -29.00
C SER B 72 -18.85 16.26 -30.50
N GLN B 73 -18.65 15.03 -30.98
CA GLN B 73 -18.48 14.87 -32.41
C GLN B 73 -19.76 15.01 -33.22
N LEU B 74 -20.91 14.96 -32.56
CA LEU B 74 -22.20 15.14 -33.23
C LEU B 74 -22.84 16.45 -32.79
N ASP B 75 -23.66 17.05 -33.67
CA ASP B 75 -24.43 18.26 -33.36
C ASP B 75 -25.80 17.86 -32.85
N ARG B 76 -26.48 18.75 -32.12
CA ARG B 76 -27.79 18.37 -31.55
C ARG B 76 -28.83 17.99 -32.60
N ASP B 77 -28.69 18.55 -33.79
CA ASP B 77 -29.62 18.21 -34.87
C ASP B 77 -29.45 16.75 -35.28
N GLU B 78 -28.20 16.33 -35.49
CA GLU B 78 -27.96 14.95 -35.88
C GLU B 78 -28.63 14.08 -34.82
N VAL B 79 -28.38 14.41 -33.56
CA VAL B 79 -28.92 13.63 -32.47
C VAL B 79 -30.44 13.60 -32.46
N ALA B 80 -31.07 14.75 -32.69
CA ALA B 80 -32.54 14.80 -32.73
C ALA B 80 -33.09 13.89 -33.83
N ALA B 81 -32.40 13.85 -34.97
CA ALA B 81 -32.82 12.97 -36.06
C ALA B 81 -32.74 11.50 -35.67
N ILE B 82 -31.75 11.15 -34.86
CA ILE B 82 -31.64 9.77 -34.39
C ILE B 82 -32.86 9.40 -33.54
N SER B 83 -33.31 10.35 -32.72
CA SER B 83 -34.49 10.10 -31.88
C SER B 83 -35.78 9.98 -32.70
N GLU B 84 -36.10 11.02 -33.47
CA GLU B 84 -37.35 10.99 -34.22
C GLU B 84 -37.42 9.69 -35.02
N SER B 85 -36.25 9.21 -35.41
CA SER B 85 -36.15 8.10 -36.35
C SER B 85 -36.13 6.68 -35.75
N ALA B 86 -36.29 6.54 -34.43
CA ALA B 86 -36.23 5.22 -33.78
C ALA B 86 -37.45 4.35 -34.09
N GLN C 16 -38.15 36.85 -7.62
CA GLN C 16 -38.72 36.11 -8.79
C GLN C 16 -37.65 35.22 -9.46
N SER C 17 -36.40 35.68 -9.45
CA SER C 17 -35.25 34.87 -9.87
C SER C 17 -35.09 33.66 -8.93
N THR C 18 -35.07 32.45 -9.47
CA THR C 18 -34.81 31.26 -8.66
C THR C 18 -33.36 31.16 -8.21
N PRO C 19 -33.14 30.72 -6.96
CA PRO C 19 -31.76 30.64 -6.45
C PRO C 19 -30.81 29.96 -7.44
N ASP C 20 -31.32 28.99 -8.20
CA ASP C 20 -30.45 28.28 -9.12
C ASP C 20 -30.20 29.02 -10.41
N GLU C 21 -31.16 29.77 -10.89
CA GLU C 21 -30.89 30.53 -12.10
C GLU C 21 -29.92 31.71 -11.80
N VAL C 22 -29.95 32.22 -10.57
CA VAL C 22 -29.05 33.26 -10.13
C VAL C 22 -27.60 32.74 -10.12
N ASN C 23 -27.40 31.61 -9.45
CA ASN C 23 -26.07 30.97 -9.40
C ASN C 23 -25.55 30.61 -10.77
N ALA C 24 -26.43 30.11 -11.62
CA ALA C 24 -26.04 29.78 -12.99
C ALA C 24 -25.60 31.07 -13.71
N ALA C 25 -26.36 32.14 -13.53
CA ALA C 25 -26.02 33.41 -14.19
C ALA C 25 -24.65 33.88 -13.73
N LEU C 26 -24.38 33.77 -12.43
CA LEU C 26 -23.09 34.16 -11.89
C LEU C 26 -21.94 33.35 -12.52
N ASP C 27 -22.06 32.02 -12.46
CA ASP C 27 -21.05 31.14 -13.07
C ASP C 27 -20.76 31.48 -14.54
N ARG C 28 -21.80 31.80 -15.30
CA ARG C 28 -21.58 32.15 -16.70
C ARG C 28 -20.76 33.43 -16.84
N LEU C 29 -21.11 34.46 -16.08
CA LEU C 29 -20.24 35.67 -16.02
C LEU C 29 -18.78 35.34 -15.68
N LEU C 30 -18.58 34.61 -14.59
CA LEU C 30 -17.22 34.23 -14.17
C LEU C 30 -16.44 33.39 -15.19
N ILE C 31 -17.09 32.46 -15.86
CA ILE C 31 -16.36 31.62 -16.82
C ILE C 31 -15.96 32.50 -17.98
N ALA C 32 -16.86 33.35 -18.43
CA ALA C 32 -16.55 34.28 -19.52
C ALA C 32 -15.36 35.14 -19.09
N ASP C 33 -15.45 35.65 -17.88
CA ASP C 33 -14.43 36.49 -17.29
C ASP C 33 -13.08 35.76 -17.26
N ALA C 34 -13.09 34.51 -16.79
CA ALA C 34 -11.89 33.70 -16.74
C ALA C 34 -11.32 33.50 -18.14
N LEU C 35 -12.16 33.24 -19.13
CA LEU C 35 -11.68 33.13 -20.51
C LEU C 35 -11.12 34.47 -20.99
N ALA C 36 -11.73 35.57 -20.58
CA ALA C 36 -11.15 36.87 -21.00
C ALA C 36 -9.76 37.12 -20.40
N GLN C 37 -9.46 36.51 -19.25
CA GLN C 37 -8.14 36.74 -18.60
C GLN C 37 -6.99 35.87 -19.12
N LEU C 38 -7.29 34.90 -19.98
CA LEU C 38 -6.23 34.09 -20.55
C LEU C 38 -5.38 34.92 -21.51
N SER C 39 -4.12 34.54 -21.66
CA SER C 39 -3.29 35.13 -22.71
C SER C 39 -3.94 34.90 -24.09
N ALA C 40 -3.56 35.67 -25.09
CA ALA C 40 -4.19 35.46 -26.39
C ALA C 40 -3.92 34.05 -26.93
N GLU C 41 -2.72 33.53 -26.68
CA GLU C 41 -2.31 32.24 -27.25
C GLU C 41 -3.06 31.07 -26.62
N HIS C 42 -3.33 31.18 -25.32
CA HIS C 42 -4.08 30.20 -24.59
C HIS C 42 -5.54 30.24 -25.04
N ARG C 43 -6.10 31.44 -25.16
CA ARG C 43 -7.50 31.54 -25.57
C ARG C 43 -7.69 30.95 -26.98
N ALA C 44 -6.75 31.28 -27.86
CA ALA C 44 -6.76 30.78 -29.23
C ALA C 44 -6.87 29.24 -29.30
N VAL C 45 -6.06 28.51 -28.54
CA VAL C 45 -6.07 27.03 -28.69
C VAL C 45 -7.32 26.49 -28.05
N ILE C 46 -7.77 27.08 -26.96
CA ILE C 46 -8.98 26.60 -26.35
C ILE C 46 -10.18 26.86 -27.24
N GLN C 47 -10.19 28.03 -27.86
CA GLN C 47 -11.29 28.43 -28.73
C GLN C 47 -11.40 27.45 -29.90
N ARG C 48 -10.25 27.09 -30.45
CA ARG C 48 -10.21 26.26 -31.63
C ARG C 48 -10.52 24.78 -31.33
N SER C 49 -10.03 24.25 -30.21
CA SER C 49 -10.32 22.86 -29.88
C SER C 49 -11.74 22.72 -29.36
N TYR C 50 -12.06 23.35 -28.25
CA TYR C 50 -13.37 23.11 -27.67
C TYR C 50 -14.52 23.74 -28.48
N TYR C 51 -14.43 25.02 -28.80
CA TYR C 51 -15.59 25.70 -29.35
C TYR C 51 -15.80 25.50 -30.85
N ARG C 52 -14.70 25.35 -31.59
CA ARG C 52 -14.78 25.15 -33.04
C ARG C 52 -14.70 23.67 -33.38
N GLY C 53 -14.34 22.85 -32.39
CA GLY C 53 -14.20 21.40 -32.54
C GLY C 53 -13.05 20.96 -33.42
N TRP C 54 -12.00 21.75 -33.54
CA TRP C 54 -10.88 21.35 -34.39
C TRP C 54 -9.95 20.33 -33.77
N SER C 55 -9.35 19.50 -34.62
CA SER C 55 -8.37 18.51 -34.18
C SER C 55 -7.02 19.17 -33.90
N THR C 56 -6.13 18.42 -33.24
CA THR C 56 -4.79 18.91 -32.97
C THR C 56 -4.07 19.32 -34.25
N ALA C 57 -4.21 18.50 -35.29
CA ALA C 57 -3.52 18.74 -36.56
C ALA C 57 -4.05 19.99 -37.27
N GLN C 58 -5.36 20.19 -37.20
CA GLN C 58 -5.98 21.34 -37.83
C GLN C 58 -5.54 22.61 -37.12
N ILE C 59 -5.53 22.56 -35.80
CA ILE C 59 -5.04 23.71 -35.08
C ILE C 59 -3.59 24.03 -35.47
N ALA C 60 -2.77 23.01 -35.65
CA ALA C 60 -1.37 23.21 -36.07
C ALA C 60 -1.31 23.95 -37.42
N THR C 61 -1.98 23.39 -38.41
CA THR C 61 -2.08 24.02 -39.72
C THR C 61 -2.51 25.49 -39.60
N ASP C 62 -3.62 25.75 -38.93
CA ASP C 62 -4.13 27.11 -38.84
C ASP C 62 -3.22 28.09 -38.13
N LEU C 63 -2.37 27.63 -37.22
CA LEU C 63 -1.54 28.56 -36.47
C LEU C 63 -0.11 28.59 -37.02
N GLY C 64 0.24 27.60 -37.82
CA GLY C 64 1.59 27.54 -38.37
C GLY C 64 2.60 27.14 -37.33
N ILE C 65 2.19 26.34 -36.35
CA ILE C 65 3.14 25.79 -35.37
C ILE C 65 3.06 24.26 -35.41
N ALA C 66 4.00 23.60 -34.74
CA ALA C 66 4.04 22.13 -34.73
C ALA C 66 2.89 21.53 -33.91
N GLU C 67 2.47 20.31 -34.27
CA GLU C 67 1.34 19.67 -33.61
C GLU C 67 1.62 19.47 -32.13
N GLY C 68 2.83 19.04 -31.82
CA GLY C 68 3.26 18.82 -30.45
C GLY C 68 3.14 20.08 -29.61
N THR C 69 3.46 21.22 -30.23
CA THR C 69 3.32 22.50 -29.56
C THR C 69 1.86 22.85 -29.27
N VAL C 70 0.97 22.43 -30.17
CA VAL C 70 -0.44 22.67 -29.95
C VAL C 70 -0.90 21.91 -28.71
N LYS C 71 -0.49 20.65 -28.61
CA LYS C 71 -0.82 19.84 -27.43
C LYS C 71 -0.30 20.44 -26.11
N SER C 72 1.00 20.74 -26.03
CA SER C 72 1.49 21.32 -24.78
C SER C 72 0.88 22.69 -24.52
N ARG C 73 0.68 23.47 -25.56
CA ARG C 73 0.04 24.76 -25.36
C ARG C 73 -1.37 24.63 -24.77
N LEU C 74 -2.13 23.65 -25.29
CA LEU C 74 -3.45 23.34 -24.78
C LEU C 74 -3.37 22.86 -23.33
N HIS C 75 -2.36 22.04 -23.05
CA HIS C 75 -2.06 21.59 -21.70
C HIS C 75 -1.93 22.80 -20.74
N TYR C 76 -1.05 23.74 -21.09
CA TYR C 76 -0.87 24.91 -20.22
C TYR C 76 -2.08 25.83 -20.17
N ALA C 77 -2.78 25.95 -21.31
CA ALA C 77 -3.93 26.87 -21.39
C ALA C 77 -5.07 26.40 -20.51
N VAL C 78 -5.34 25.10 -20.54
CA VAL C 78 -6.42 24.58 -19.74
C VAL C 78 -6.06 24.70 -18.27
N ARG C 79 -4.82 24.36 -17.93
CA ARG C 79 -4.40 24.56 -16.54
C ARG C 79 -4.47 26.03 -16.10
N ALA C 80 -4.11 26.98 -16.97
CA ALA C 80 -4.26 28.40 -16.61
C ALA C 80 -5.72 28.77 -16.39
N LEU C 81 -6.60 28.34 -17.31
CA LEU C 81 -8.03 28.62 -17.17
C LEU C 81 -8.48 28.17 -15.80
N ARG C 82 -8.11 26.94 -15.44
CA ARG C 82 -8.55 26.34 -14.18
C ARG C 82 -8.08 27.15 -12.96
N LEU C 83 -6.82 27.57 -12.96
CA LEU C 83 -6.29 28.41 -11.90
C LEU C 83 -7.19 29.62 -11.70
N THR C 84 -7.53 30.28 -12.80
CA THR C 84 -8.41 31.45 -12.71
C THR C 84 -9.79 31.09 -12.15
N LEU C 85 -10.36 30.00 -12.66
CA LEU C 85 -11.70 29.61 -12.26
C LEU C 85 -11.73 29.25 -10.77
N GLN C 86 -10.64 28.66 -10.28
CA GLN C 86 -10.48 28.43 -8.84
C GLN C 86 -10.43 29.73 -8.06
N GLU C 87 -9.54 30.64 -8.45
CA GLU C 87 -9.48 31.92 -7.78
C GLU C 87 -10.81 32.65 -7.83
N LEU C 88 -11.53 32.51 -8.95
CA LEU C 88 -12.81 33.19 -9.11
C LEU C 88 -13.88 32.50 -8.26
N GLY C 89 -13.59 31.30 -7.76
CA GLY C 89 -14.57 30.55 -6.94
C GLY C 89 -15.55 29.69 -7.74
N VAL C 90 -15.31 29.53 -9.03
CA VAL C 90 -16.23 28.73 -9.83
C VAL C 90 -16.05 27.24 -9.56
N THR C 91 -14.81 26.81 -9.34
CA THR C 91 -14.53 25.41 -9.09
C THR C 91 -13.52 25.30 -7.94
N ARG C 92 -13.52 24.18 -7.23
CA ARG C 92 -12.81 24.15 -5.95
C ARG C 92 -11.29 23.95 -6.07
N ASP D 24 9.65 14.23 -20.03
CA ASP D 24 10.46 13.06 -20.37
C ASP D 24 9.58 11.88 -20.75
N HIS D 25 8.27 12.01 -20.51
CA HIS D 25 7.25 11.26 -21.27
C HIS D 25 6.19 12.16 -21.93
N HIS D 26 6.17 12.16 -23.26
CA HIS D 26 5.42 13.13 -24.02
C HIS D 26 3.91 13.09 -23.77
N TYR D 27 3.40 11.90 -23.46
CA TYR D 27 1.98 11.72 -23.18
C TYR D 27 1.45 12.69 -22.13
N ALA D 28 2.33 13.19 -21.26
CA ALA D 28 1.86 14.08 -20.20
C ALA D 28 1.23 15.35 -20.75
N MET D 29 1.60 15.74 -21.96
CA MET D 29 1.06 16.97 -22.58
C MET D 29 -0.30 16.75 -23.25
N TRP D 30 -0.76 15.50 -23.37
CA TRP D 30 -1.95 15.21 -24.15
C TRP D 30 -3.23 15.30 -23.36
N ASP D 31 -3.13 15.47 -22.05
CA ASP D 31 -4.31 15.43 -21.20
C ASP D 31 -5.44 16.42 -21.61
N ALA D 32 -5.05 17.68 -21.85
CA ALA D 32 -6.02 18.73 -22.24
C ALA D 32 -6.65 18.41 -23.60
N ALA D 33 -5.82 18.09 -24.58
CA ALA D 33 -6.36 17.80 -25.91
C ALA D 33 -7.31 16.61 -25.80
N TYR D 34 -6.98 15.65 -24.94
CA TYR D 34 -7.86 14.49 -24.79
C TYR D 34 -9.22 14.92 -24.25
N VAL D 35 -9.20 15.59 -23.12
CA VAL D 35 -10.45 15.96 -22.49
C VAL D 35 -11.25 16.96 -23.34
N LEU D 36 -10.57 17.80 -24.12
CA LEU D 36 -11.29 18.77 -24.97
C LEU D 36 -11.83 18.17 -26.25
N GLY D 37 -11.46 16.93 -26.58
CA GLY D 37 -11.99 16.30 -27.76
C GLY D 37 -11.18 16.59 -29.02
N ALA D 38 -9.94 17.03 -28.86
CA ALA D 38 -9.15 17.50 -29.99
C ALA D 38 -8.15 16.49 -30.56
N LEU D 39 -8.08 15.33 -29.94
CA LEU D 39 -7.20 14.27 -30.41
C LEU D 39 -7.83 13.56 -31.60
N SER D 40 -7.06 13.28 -32.63
CA SER D 40 -7.58 12.44 -33.72
C SER D 40 -7.96 11.04 -33.19
N ALA D 41 -8.79 10.33 -33.94
CA ALA D 41 -9.14 8.96 -33.57
C ALA D 41 -7.91 8.12 -33.22
N ALA D 42 -6.89 8.19 -34.05
CA ALA D 42 -5.64 7.46 -33.82
C ALA D 42 -4.93 7.90 -32.56
N ASP D 43 -4.79 9.21 -32.40
CA ASP D 43 -4.12 9.76 -31.21
C ASP D 43 -4.89 9.38 -29.97
N ARG D 44 -6.22 9.39 -30.06
CA ARG D 44 -7.05 9.04 -28.92
C ARG D 44 -6.82 7.58 -28.46
N ARG D 45 -6.63 6.67 -29.41
CA ARG D 45 -6.37 5.26 -29.04
C ARG D 45 -5.04 5.06 -28.34
N GLU D 46 -3.98 5.70 -28.88
CA GLU D 46 -2.65 5.61 -28.26
C GLU D 46 -2.75 6.07 -26.85
N PHE D 47 -3.48 7.17 -26.67
CA PHE D 47 -3.50 7.84 -25.37
C PHE D 47 -4.33 7.05 -24.36
N GLU D 48 -5.44 6.49 -24.80
CA GLU D 48 -6.23 5.60 -23.92
C GLU D 48 -5.40 4.36 -23.52
N ALA D 49 -4.68 3.81 -24.49
CA ALA D 49 -3.71 2.75 -24.21
C ALA D 49 -2.73 3.21 -23.13
N HIS D 50 -2.03 4.32 -23.35
CA HIS D 50 -1.12 4.81 -22.32
C HIS D 50 -1.85 5.01 -21.00
N LEU D 51 -3.09 5.50 -21.05
CA LEU D 51 -3.78 5.80 -19.79
C LEU D 51 -3.97 4.53 -18.97
N ALA D 52 -4.17 3.41 -19.65
CA ALA D 52 -4.43 2.15 -18.94
C ALA D 52 -3.23 1.77 -18.07
N GLY D 53 -2.05 2.30 -18.40
CA GLY D 53 -0.85 1.99 -17.62
C GLY D 53 -0.12 3.15 -16.94
N CYS D 54 -0.65 4.37 -16.98
CA CYS D 54 0.04 5.49 -16.34
C CYS D 54 -0.85 6.23 -15.34
N PRO D 55 -0.65 5.95 -14.05
CA PRO D 55 -1.49 6.56 -13.01
C PRO D 55 -1.32 8.06 -12.96
N GLU D 56 -0.15 8.55 -13.38
CA GLU D 56 0.08 9.99 -13.43
C GLU D 56 -0.85 10.63 -14.47
N CYS D 57 -0.82 10.14 -15.71
CA CYS D 57 -1.70 10.70 -16.72
C CYS D 57 -3.18 10.59 -16.34
N ARG D 58 -3.54 9.52 -15.64
CA ARG D 58 -4.91 9.37 -15.17
C ARG D 58 -5.32 10.42 -14.16
N GLY D 59 -4.38 10.80 -13.28
CA GLY D 59 -4.65 11.80 -12.27
C GLY D 59 -4.78 13.14 -12.96
N ALA D 60 -4.00 13.31 -14.01
CA ALA D 60 -4.06 14.50 -14.82
C ALA D 60 -5.42 14.68 -15.51
N VAL D 61 -5.91 13.64 -16.21
CA VAL D 61 -7.20 13.82 -16.88
C VAL D 61 -8.33 13.97 -15.86
N THR D 62 -8.22 13.29 -14.74
CA THR D 62 -9.19 13.43 -13.66
C THR D 62 -9.31 14.87 -13.13
N GLU D 63 -8.19 15.56 -12.98
CA GLU D 63 -8.19 16.96 -12.55
C GLU D 63 -8.87 17.87 -13.57
N LEU D 64 -8.66 17.54 -14.85
CA LEU D 64 -9.15 18.35 -15.95
C LEU D 64 -10.56 18.03 -16.39
N CYS D 65 -11.27 17.10 -15.75
CA CYS D 65 -12.49 16.67 -16.41
C CYS D 65 -13.77 17.43 -16.07
N GLY D 66 -13.69 18.40 -15.16
CA GLY D 66 -14.86 19.23 -14.92
C GLY D 66 -14.79 20.38 -15.91
N VAL D 67 -13.67 20.48 -16.62
CA VAL D 67 -13.42 21.62 -17.47
C VAL D 67 -14.40 21.75 -18.66
N PRO D 68 -14.65 20.65 -19.39
CA PRO D 68 -15.60 20.70 -20.49
C PRO D 68 -16.98 21.15 -20.04
N ALA D 69 -17.38 20.66 -18.88
CA ALA D 69 -18.70 20.98 -18.34
C ALA D 69 -18.81 22.47 -18.09
N LEU D 70 -17.71 23.08 -17.63
CA LEU D 70 -17.67 24.52 -17.37
C LEU D 70 -17.69 25.29 -18.68
N LEU D 71 -16.81 24.89 -19.60
CA LEU D 71 -16.72 25.48 -20.94
C LEU D 71 -18.06 25.45 -21.69
N SER D 72 -18.81 24.37 -21.50
CA SER D 72 -20.06 24.19 -22.22
C SER D 72 -21.12 25.20 -21.80
N GLN D 73 -20.91 25.90 -20.68
CA GLN D 73 -21.89 26.91 -20.26
C GLN D 73 -21.90 28.19 -21.11
N LEU D 74 -20.94 28.32 -22.03
CA LEU D 74 -20.92 29.43 -22.98
C LEU D 74 -20.99 28.91 -24.42
N ASP D 75 -21.56 29.68 -25.36
CA ASP D 75 -21.53 29.30 -26.80
C ASP D 75 -20.28 29.80 -27.51
N ARG D 76 -19.99 29.16 -28.65
CA ARG D 76 -18.87 29.58 -29.47
C ARG D 76 -18.96 31.03 -29.96
N ASP D 77 -20.18 31.57 -30.08
CA ASP D 77 -20.36 32.96 -30.51
C ASP D 77 -19.91 33.97 -29.44
N GLU D 78 -20.34 33.75 -28.21
CA GLU D 78 -19.87 34.53 -27.07
C GLU D 78 -18.36 34.49 -27.07
N VAL D 79 -17.81 33.29 -27.23
CA VAL D 79 -16.38 33.09 -27.14
C VAL D 79 -15.59 33.76 -28.26
N ALA D 80 -16.14 33.71 -29.46
CA ALA D 80 -15.51 34.37 -30.60
C ALA D 80 -15.53 35.91 -30.39
N ALA D 81 -16.65 36.40 -29.87
CA ALA D 81 -16.81 37.82 -29.59
C ALA D 81 -15.73 38.26 -28.60
N ILE D 82 -15.53 37.46 -27.56
CA ILE D 82 -14.54 37.78 -26.55
C ILE D 82 -13.13 37.79 -27.14
N SER D 83 -12.86 36.89 -28.08
CA SER D 83 -11.51 36.80 -28.62
C SER D 83 -11.16 37.92 -29.58
N GLU D 84 -12.14 38.39 -30.33
CA GLU D 84 -11.95 39.56 -31.20
C GLU D 84 -11.75 40.81 -30.36
N SER D 85 -12.58 40.97 -29.33
CA SER D 85 -12.29 41.89 -28.22
C SER D 85 -13.46 42.74 -27.75
N ASP E 20 26.51 27.59 -18.62
CA ASP E 20 27.28 28.80 -18.97
C ASP E 20 26.66 30.06 -18.34
N GLU E 21 27.26 31.21 -18.64
CA GLU E 21 26.65 32.52 -18.36
C GLU E 21 25.46 32.73 -19.29
N VAL E 22 25.54 32.12 -20.47
CA VAL E 22 24.57 32.31 -21.55
C VAL E 22 23.24 31.60 -21.23
N ASN E 23 23.33 30.47 -20.53
CA ASN E 23 22.11 29.80 -20.04
C ASN E 23 21.46 30.59 -18.92
N ALA E 24 22.28 31.10 -18.00
CA ALA E 24 21.79 31.92 -16.91
C ALA E 24 21.21 33.22 -17.46
N ALA E 25 21.82 33.75 -18.52
CA ALA E 25 21.35 34.99 -19.11
C ALA E 25 19.99 34.74 -19.74
N LEU E 26 19.88 33.63 -20.47
CA LEU E 26 18.63 33.34 -21.11
C LEU E 26 17.55 33.06 -20.07
N ASP E 27 17.90 32.33 -19.00
CA ASP E 27 16.96 32.04 -17.91
C ASP E 27 16.43 33.28 -17.21
N ARG E 28 17.29 34.29 -17.07
CA ARG E 28 16.90 35.55 -16.41
C ARG E 28 15.90 36.29 -17.28
N LEU E 29 16.14 36.29 -18.59
CA LEU E 29 15.18 36.87 -19.51
C LEU E 29 13.81 36.18 -19.38
N LEU E 30 13.83 34.84 -19.40
CA LEU E 30 12.57 34.08 -19.34
C LEU E 30 11.84 34.31 -18.04
N ILE E 31 12.58 34.38 -16.94
CA ILE E 31 11.93 34.59 -15.65
C ILE E 31 11.27 35.96 -15.60
N ALA E 32 11.97 36.98 -16.08
CA ALA E 32 11.44 38.33 -16.13
C ALA E 32 10.16 38.35 -16.96
N ASP E 33 10.25 37.74 -18.13
CA ASP E 33 9.14 37.56 -19.06
C ASP E 33 7.92 36.93 -18.38
N ALA E 34 8.18 35.88 -17.59
CA ALA E 34 7.10 35.22 -16.86
C ALA E 34 6.45 36.21 -15.89
N LEU E 35 7.29 36.93 -15.13
CA LEU E 35 6.80 37.93 -14.21
C LEU E 35 5.95 38.98 -14.92
N ALA E 36 6.35 39.34 -16.14
CA ALA E 36 5.60 40.36 -16.89
C ALA E 36 4.24 39.83 -17.35
N GLN E 37 4.12 38.53 -17.51
CA GLN E 37 2.84 37.96 -17.95
C GLN E 37 1.83 37.75 -16.83
N LEU E 38 2.17 38.08 -15.59
CA LEU E 38 1.20 37.97 -14.51
C LEU E 38 0.17 39.10 -14.57
N SER E 39 -1.02 38.88 -14.01
CA SER E 39 -1.94 39.98 -13.86
C SER E 39 -1.27 41.02 -12.96
N ALA E 40 -1.80 42.24 -12.96
CA ALA E 40 -1.24 43.31 -12.12
C ALA E 40 -1.38 42.95 -10.66
N GLU E 41 -2.48 42.27 -10.35
CA GLU E 41 -2.78 41.94 -8.99
C GLU E 41 -1.84 40.85 -8.46
N HIS E 42 -1.50 39.88 -9.31
CA HIS E 42 -0.56 38.84 -8.94
C HIS E 42 0.84 39.40 -8.82
N ARG E 43 1.27 40.21 -9.79
CA ARG E 43 2.61 40.77 -9.72
C ARG E 43 2.75 41.64 -8.47
N ALA E 44 1.71 42.37 -8.09
CA ALA E 44 1.80 43.25 -6.94
C ALA E 44 2.12 42.47 -5.65
N VAL E 45 1.46 41.34 -5.42
CA VAL E 45 1.77 40.53 -4.25
C VAL E 45 3.15 39.83 -4.33
N ILE E 46 3.51 39.27 -5.48
CA ILE E 46 4.84 38.68 -5.60
C ILE E 46 5.92 39.70 -5.28
N GLN E 47 5.87 40.88 -5.90
CA GLN E 47 6.94 41.87 -5.73
C GLN E 47 7.06 42.31 -4.29
N ARG E 48 5.94 42.45 -3.62
CA ARG E 48 5.97 42.90 -2.24
C ARG E 48 6.49 41.79 -1.31
N SER E 49 5.99 40.56 -1.47
CA SER E 49 6.41 39.49 -0.60
C SER E 49 7.87 39.12 -0.89
N TYR E 50 8.22 38.85 -2.12
CA TYR E 50 9.54 38.32 -2.33
C TYR E 50 10.61 39.39 -2.46
N TYR E 51 10.38 40.39 -3.31
CA TYR E 51 11.42 41.40 -3.52
C TYR E 51 11.53 42.48 -2.43
N ARG E 52 10.47 42.75 -1.68
CA ARG E 52 10.59 43.70 -0.59
C ARG E 52 10.71 42.97 0.75
N GLY E 53 10.49 41.65 0.72
CA GLY E 53 10.47 40.85 1.91
C GLY E 53 9.39 41.28 2.88
N TRP E 54 8.20 41.59 2.40
CA TRP E 54 7.14 42.07 3.31
C TRP E 54 6.24 41.00 3.86
N SER E 55 5.80 41.23 5.07
CA SER E 55 4.83 40.37 5.67
C SER E 55 3.49 40.43 4.94
N THR E 56 2.70 39.39 5.15
CA THR E 56 1.39 39.26 4.61
C THR E 56 0.55 40.43 5.14
N ALA E 57 0.76 40.80 6.40
CA ALA E 57 -0.01 41.86 7.03
C ALA E 57 0.43 43.23 6.47
N GLN E 58 1.71 43.37 6.16
CA GLN E 58 2.20 44.61 5.58
C GLN E 58 1.72 44.81 4.14
N ILE E 59 1.55 43.72 3.41
CA ILE E 59 1.07 43.82 2.05
C ILE E 59 -0.42 44.21 2.11
N ALA E 60 -1.17 43.63 3.03
CA ALA E 60 -2.58 43.97 3.19
C ALA E 60 -2.74 45.49 3.38
N THR E 61 -1.88 46.04 4.22
CA THR E 61 -1.90 47.44 4.56
C THR E 61 -1.46 48.35 3.40
N ASP E 62 -0.35 47.99 2.75
CA ASP E 62 0.16 48.83 1.68
C ASP E 62 -0.86 49.00 0.56
N LEU E 63 -1.65 47.95 0.34
CA LEU E 63 -2.53 47.81 -0.82
C LEU E 63 -3.98 48.05 -0.46
N GLY E 64 -4.23 48.27 0.81
CA GLY E 64 -5.58 48.56 1.28
C GLY E 64 -6.56 47.43 1.09
N ILE E 65 -6.08 46.18 1.15
CA ILE E 65 -6.94 44.98 1.05
C ILE E 65 -6.77 44.04 2.25
N ALA E 66 -7.53 42.95 2.28
CA ALA E 66 -7.55 42.08 3.44
C ALA E 66 -6.39 41.07 3.45
N GLU E 67 -6.03 40.63 4.62
CA GLU E 67 -4.91 39.77 4.74
C GLU E 67 -5.24 38.41 4.23
N GLY E 68 -6.46 37.99 4.44
CA GLY E 68 -6.95 36.76 3.80
C GLY E 68 -6.76 36.79 2.28
N THR E 69 -6.91 37.96 1.69
CA THR E 69 -6.84 38.09 0.23
C THR E 69 -5.39 38.09 -0.25
N VAL E 70 -4.48 38.62 0.57
CA VAL E 70 -3.08 38.55 0.22
C VAL E 70 -2.65 37.10 0.11
N LYS E 71 -3.14 36.27 1.03
CA LYS E 71 -2.79 34.84 0.99
C LYS E 71 -3.27 34.11 -0.27
N SER E 72 -4.58 34.17 -0.50
CA SER E 72 -5.20 33.72 -1.75
C SER E 72 -4.43 34.17 -2.96
N ARG E 73 -4.25 35.47 -3.11
CA ARG E 73 -3.59 35.98 -4.29
C ARG E 73 -2.18 35.43 -4.43
N LEU E 74 -1.44 35.37 -3.34
CA LEU E 74 -0.09 34.83 -3.44
C LEU E 74 -0.12 33.38 -3.90
N HIS E 75 -1.03 32.60 -3.32
CA HIS E 75 -1.28 31.20 -3.74
C HIS E 75 -1.47 31.10 -5.26
N TYR E 76 -2.41 31.87 -5.81
CA TYR E 76 -2.65 31.77 -7.26
C TYR E 76 -1.54 32.41 -8.05
N ALA E 77 -1.00 33.50 -7.52
CA ALA E 77 0.07 34.21 -8.21
C ALA E 77 1.29 33.30 -8.42
N VAL E 78 1.70 32.59 -7.38
CA VAL E 78 2.87 31.75 -7.49
C VAL E 78 2.57 30.59 -8.43
N ARG E 79 1.38 30.02 -8.28
CA ARG E 79 0.98 28.91 -9.13
C ARG E 79 0.89 29.37 -10.59
N ALA E 80 0.41 30.59 -10.82
CA ALA E 80 0.35 31.09 -12.19
C ALA E 80 1.75 31.25 -12.75
N LEU E 81 2.64 31.80 -11.93
CA LEU E 81 3.99 32.10 -12.36
C LEU E 81 4.65 30.80 -12.83
N ARG E 82 4.47 29.77 -12.02
CA ARG E 82 5.12 28.50 -12.25
C ARG E 82 4.72 27.90 -13.60
N LEU E 83 3.41 27.95 -13.86
CA LEU E 83 2.86 27.46 -15.09
C LEU E 83 3.57 28.13 -16.28
N THR E 84 3.70 29.44 -16.25
CA THR E 84 4.40 30.12 -17.33
C THR E 84 5.83 29.63 -17.42
N LEU E 85 6.51 29.56 -16.29
CA LEU E 85 7.90 29.09 -16.24
C LEU E 85 8.07 27.72 -16.85
N GLN E 86 7.14 26.82 -16.52
CA GLN E 86 7.10 25.53 -17.21
C GLN E 86 6.89 25.73 -18.71
N GLU E 87 5.85 26.44 -19.10
CA GLU E 87 5.62 26.55 -20.54
C GLU E 87 6.86 27.10 -21.21
N LEU E 88 7.54 28.05 -20.55
CA LEU E 88 8.72 28.70 -21.10
C LEU E 88 9.96 27.79 -21.15
N GLY E 89 9.91 26.66 -20.46
CA GLY E 89 11.02 25.71 -20.49
C GLY E 89 12.07 25.96 -19.42
N VAL E 90 11.76 26.83 -18.45
CA VAL E 90 12.72 27.21 -17.41
C VAL E 90 12.74 26.17 -16.31
N THR E 91 11.56 25.67 -15.94
CA THR E 91 11.43 24.67 -14.89
C THR E 91 10.61 23.47 -15.40
N ARG E 92 10.87 22.26 -14.89
CA ARG E 92 10.21 21.07 -15.43
C ARG E 92 8.68 21.23 -15.50
N ASP F 24 -13.78 23.32 2.70
CA ASP F 24 -13.30 24.42 3.54
C ASP F 24 -11.98 24.09 4.21
N HIS F 25 -10.95 23.86 3.39
CA HIS F 25 -9.61 23.53 3.89
C HIS F 25 -8.74 24.78 3.76
N HIS F 26 -8.81 25.69 4.74
CA HIS F 26 -8.34 27.05 4.50
C HIS F 26 -6.82 27.20 4.39
N TYR F 27 -6.09 26.33 5.06
CA TYR F 27 -4.66 26.37 5.00
C TYR F 27 -4.15 26.21 3.60
N ALA F 28 -4.93 25.58 2.76
CA ALA F 28 -4.50 25.35 1.37
C ALA F 28 -4.08 26.66 0.70
N MET F 29 -4.51 27.78 1.26
CA MET F 29 -4.21 29.05 0.64
C MET F 29 -2.87 29.61 1.13
N TRP F 30 -2.27 28.96 2.12
CA TRP F 30 -1.07 29.50 2.76
C TRP F 30 0.26 29.05 2.16
N ASP F 31 0.22 28.06 1.26
CA ASP F 31 1.45 27.50 0.74
C ASP F 31 2.41 28.53 0.18
N ALA F 32 1.93 29.41 -0.68
CA ALA F 32 2.84 30.35 -1.31
C ALA F 32 3.42 31.34 -0.29
N ALA F 33 2.58 31.83 0.61
CA ALA F 33 3.00 32.75 1.64
C ALA F 33 4.09 32.10 2.48
N TYR F 34 3.84 30.86 2.89
CA TYR F 34 4.83 30.09 3.63
C TYR F 34 6.16 30.11 2.90
N VAL F 35 6.19 29.60 1.69
CA VAL F 35 7.46 29.46 0.98
C VAL F 35 8.16 30.78 0.64
N LEU F 36 7.40 31.85 0.48
CA LEU F 36 8.00 33.16 0.19
C LEU F 36 8.53 33.87 1.44
N GLY F 37 8.15 33.40 2.62
CA GLY F 37 8.62 34.04 3.85
C GLY F 37 7.72 35.17 4.36
N ALA F 38 6.48 35.20 3.85
CA ALA F 38 5.52 36.26 4.13
C ALA F 38 4.64 35.99 5.35
N LEU F 39 4.66 34.77 5.87
CA LEU F 39 3.86 34.48 7.06
C LEU F 39 4.46 35.12 8.31
N SER F 40 3.60 35.60 9.20
CA SER F 40 4.03 36.05 10.52
C SER F 40 4.43 34.83 11.37
N ALA F 41 5.16 35.08 12.44
CA ALA F 41 5.57 34.05 13.40
C ALA F 41 4.39 33.19 13.82
N ALA F 42 3.37 33.84 14.36
CA ALA F 42 2.20 33.12 14.77
C ALA F 42 1.68 32.22 13.64
N ASP F 43 1.53 32.79 12.43
CA ASP F 43 0.96 32.06 11.29
C ASP F 43 1.87 30.93 10.81
N ARG F 44 3.17 31.18 10.77
CA ARG F 44 4.13 30.16 10.35
C ARG F 44 4.03 28.95 11.28
N ARG F 45 3.90 29.20 12.58
CA ARG F 45 3.74 28.13 13.57
C ARG F 45 2.47 27.34 13.29
N GLU F 46 1.36 28.05 13.18
CA GLU F 46 0.09 27.45 12.78
C GLU F 46 0.28 26.57 11.55
N PHE F 47 0.88 27.14 10.50
CA PHE F 47 1.02 26.41 9.24
C PHE F 47 1.92 25.18 9.34
N GLU F 48 3.09 25.34 9.94
CA GLU F 48 3.99 24.21 10.13
C GLU F 48 3.28 23.08 10.91
N ALA F 49 2.53 23.46 11.95
CA ALA F 49 1.73 22.49 12.68
C ALA F 49 0.74 21.80 11.74
N HIS F 50 0.02 22.55 10.91
CA HIS F 50 -0.92 21.89 10.01
C HIS F 50 -0.16 20.98 9.04
N LEU F 51 1.00 21.44 8.57
CA LEU F 51 1.83 20.70 7.60
C LEU F 51 2.17 19.26 8.07
N ALA F 52 2.47 19.11 9.36
CA ALA F 52 2.64 17.77 9.92
C ALA F 52 1.24 17.11 9.84
N GLY F 53 1.16 15.86 9.41
CA GLY F 53 -0.19 15.30 9.21
C GLY F 53 -1.15 15.92 8.17
N CYS F 54 -0.64 16.72 7.23
CA CYS F 54 -1.43 17.07 6.04
C CYS F 54 -0.61 16.88 4.78
N PRO F 55 -0.66 15.66 4.23
CA PRO F 55 0.10 15.31 3.03
C PRO F 55 -0.26 16.22 1.84
N GLU F 56 -1.45 16.80 1.82
CA GLU F 56 -1.82 17.64 0.70
C GLU F 56 -1.03 18.95 0.74
N CYS F 57 -1.02 19.60 1.90
CA CYS F 57 -0.22 20.80 2.07
C CYS F 57 1.30 20.54 1.98
N ARG F 58 1.76 19.40 2.47
CA ARG F 58 3.16 19.05 2.30
C ARG F 58 3.51 19.01 0.81
N GLY F 59 2.61 18.45 0.00
CA GLY F 59 2.84 18.34 -1.43
C GLY F 59 2.77 19.70 -2.14
N ALA F 60 1.89 20.58 -1.66
CA ALA F 60 1.81 21.94 -2.23
C ALA F 60 3.11 22.69 -2.01
N VAL F 61 3.64 22.71 -0.79
CA VAL F 61 4.87 23.45 -0.61
C VAL F 61 6.00 22.81 -1.40
N THR F 62 5.99 21.49 -1.52
CA THR F 62 7.00 20.81 -2.32
C THR F 62 6.99 21.29 -3.77
N GLU F 63 5.80 21.54 -4.32
CA GLU F 63 5.70 22.01 -5.72
C GLU F 63 6.19 23.43 -5.88
N LEU F 64 5.92 24.28 -4.87
CA LEU F 64 6.24 25.70 -4.99
C LEU F 64 7.66 26.04 -4.58
N CYS F 65 8.32 25.13 -3.88
CA CYS F 65 9.57 25.54 -3.27
C CYS F 65 10.68 25.90 -4.25
N GLY F 66 10.55 25.51 -5.52
CA GLY F 66 11.58 25.87 -6.49
C GLY F 66 11.47 27.31 -6.99
N VAL F 67 10.37 27.98 -6.63
CA VAL F 67 10.05 29.28 -7.25
C VAL F 67 10.89 30.46 -6.72
N PRO F 68 10.91 30.65 -5.39
CA PRO F 68 11.79 31.65 -4.78
C PRO F 68 13.20 31.47 -5.31
N ALA F 69 13.66 30.24 -5.29
CA ALA F 69 14.95 29.96 -5.87
C ALA F 69 15.06 30.64 -7.24
N LEU F 70 14.03 30.49 -8.08
CA LEU F 70 13.99 31.10 -9.41
C LEU F 70 13.79 32.61 -9.41
N LEU F 71 12.93 33.10 -8.54
CA LEU F 71 12.72 34.53 -8.39
C LEU F 71 14.06 35.20 -8.01
N SER F 72 14.85 34.49 -7.21
CA SER F 72 16.03 35.11 -6.63
C SER F 72 17.01 35.56 -7.67
N GLN F 73 16.83 35.19 -8.93
CA GLN F 73 17.79 35.61 -9.94
C GLN F 73 17.73 37.01 -10.52
N LEU F 74 16.77 37.80 -10.07
CA LEU F 74 16.65 39.19 -10.49
C LEU F 74 16.66 40.07 -9.23
N ASP F 75 16.42 41.38 -9.40
CA ASP F 75 16.23 42.29 -8.23
C ASP F 75 15.15 43.36 -8.42
N ARG F 76 14.89 44.12 -7.36
CA ARG F 76 13.74 45.02 -7.29
C ARG F 76 13.51 45.93 -8.49
N ASP F 77 14.57 46.57 -8.97
CA ASP F 77 14.44 47.60 -10.00
C ASP F 77 13.93 46.99 -11.31
N GLU F 78 14.56 45.90 -11.71
CA GLU F 78 14.14 45.17 -12.90
C GLU F 78 12.66 44.81 -12.81
N VAL F 79 12.27 44.28 -11.65
CA VAL F 79 10.92 43.77 -11.51
C VAL F 79 9.89 44.88 -11.51
N PRO G 19 1.97 45.70 19.13
CA PRO G 19 1.57 44.76 18.06
C PRO G 19 2.24 43.36 18.13
N ASP G 20 1.98 42.54 17.10
CA ASP G 20 2.70 41.27 16.87
C ASP G 20 4.01 41.57 16.12
N GLU G 21 4.35 42.85 16.02
CA GLU G 21 5.61 43.27 15.44
C GLU G 21 6.72 43.23 16.49
N VAL G 22 6.43 42.63 17.63
CA VAL G 22 7.46 42.25 18.60
C VAL G 22 7.91 40.78 18.40
N ASN G 23 6.95 39.90 18.11
CA ASN G 23 7.26 38.53 17.73
C ASN G 23 8.31 38.50 16.63
N ALA G 24 8.17 39.42 15.67
CA ALA G 24 9.00 39.44 14.46
C ALA G 24 10.38 39.95 14.74
N ALA G 25 10.49 40.81 15.75
CA ALA G 25 11.79 41.27 16.20
C ALA G 25 12.55 40.10 16.87
N LEU G 26 11.84 39.31 17.67
CA LEU G 26 12.35 38.07 18.24
C LEU G 26 12.90 37.16 17.17
N ASP G 27 11.99 36.72 16.31
CA ASP G 27 12.33 35.74 15.30
C ASP G 27 13.56 36.19 14.55
N ARG G 28 13.62 37.47 14.22
CA ARG G 28 14.75 37.98 13.49
C ARG G 28 16.00 37.83 14.35
N LEU G 29 15.85 38.06 15.64
CA LEU G 29 16.95 37.82 16.58
C LEU G 29 17.34 36.35 16.63
N LEU G 30 16.39 35.47 16.93
CA LEU G 30 16.67 34.04 16.92
C LEU G 30 17.36 33.61 15.63
N ILE G 31 16.91 34.10 14.48
CA ILE G 31 17.49 33.65 13.22
C ILE G 31 18.95 34.09 13.08
N ALA G 32 19.25 35.33 13.45
CA ALA G 32 20.63 35.81 13.43
C ALA G 32 21.48 34.97 14.36
N ASP G 33 20.95 34.65 15.53
CA ASP G 33 21.68 33.82 16.49
C ASP G 33 22.05 32.44 15.92
N ALA G 34 21.08 31.79 15.27
CA ALA G 34 21.31 30.51 14.63
C ALA G 34 22.43 30.57 13.60
N LEU G 35 22.42 31.61 12.77
CA LEU G 35 23.47 31.78 11.78
C LEU G 35 24.80 31.99 12.49
N ALA G 36 24.71 32.61 13.67
CA ALA G 36 25.91 32.92 14.45
C ALA G 36 26.52 31.62 14.98
N GLN G 37 25.67 30.63 15.25
CA GLN G 37 26.16 29.38 15.82
C GLN G 37 26.77 28.43 14.79
N LEU G 38 26.48 28.67 13.52
CA LEU G 38 27.10 27.93 12.45
C LEU G 38 28.63 27.95 12.57
N SER G 39 29.26 26.86 12.15
CA SER G 39 30.71 26.87 12.02
C SER G 39 31.01 27.94 10.99
N ALA G 40 32.26 28.40 10.94
CA ALA G 40 32.64 29.37 9.93
C ALA G 40 32.43 28.84 8.50
N GLU G 41 32.87 27.61 8.25
CA GLU G 41 32.70 26.98 6.93
C GLU G 41 31.23 26.88 6.52
N HIS G 42 30.34 26.65 7.48
CA HIS G 42 28.94 26.54 7.15
C HIS G 42 28.33 27.90 6.80
N ARG G 43 28.61 28.89 7.64
CA ARG G 43 28.14 30.24 7.39
C ARG G 43 28.67 30.74 6.07
N ALA G 44 29.91 30.41 5.76
CA ALA G 44 30.54 30.91 4.54
C ALA G 44 29.80 30.50 3.28
N VAL G 45 29.26 29.29 3.25
CA VAL G 45 28.58 28.84 2.04
C VAL G 45 27.11 29.27 1.99
N ILE G 46 26.48 29.48 3.14
CA ILE G 46 25.14 30.04 3.18
C ILE G 46 25.22 31.47 2.65
N GLN G 47 25.96 32.32 3.36
CA GLN G 47 26.31 33.66 2.91
C GLN G 47 26.50 33.69 1.39
N ARG G 48 27.52 32.98 0.91
CA ARG G 48 27.85 33.00 -0.51
C ARG G 48 26.61 32.77 -1.38
N SER G 49 25.83 31.75 -1.03
CA SER G 49 24.83 31.19 -1.94
C SER G 49 23.52 31.94 -1.79
N TYR G 50 23.08 32.15 -0.57
CA TYR G 50 21.79 32.79 -0.39
C TYR G 50 21.93 34.30 -0.40
N TYR G 51 22.82 34.86 0.42
CA TYR G 51 22.85 36.30 0.56
C TYR G 51 23.54 37.06 -0.56
N ARG G 52 24.44 36.40 -1.28
CA ARG G 52 25.15 37.05 -2.36
C ARG G 52 24.66 36.52 -3.69
N GLY G 53 23.87 35.44 -3.66
CA GLY G 53 23.30 34.87 -4.88
C GLY G 53 24.30 34.17 -5.78
N TRP G 54 25.45 33.77 -5.25
CA TRP G 54 26.44 33.08 -6.07
C TRP G 54 26.05 31.65 -6.40
N SER G 55 26.58 31.16 -7.50
CA SER G 55 26.30 29.79 -7.89
C SER G 55 27.28 28.82 -7.23
N THR G 56 27.03 27.54 -7.47
CA THR G 56 27.89 26.47 -7.03
C THR G 56 29.30 26.57 -7.59
N ALA G 57 29.40 26.80 -8.90
CA ALA G 57 30.68 26.98 -9.57
C ALA G 57 31.45 28.17 -9.03
N GLN G 58 30.77 29.30 -8.87
CA GLN G 58 31.38 30.50 -8.34
C GLN G 58 31.87 30.36 -6.89
N ILE G 59 31.08 29.69 -6.06
CA ILE G 59 31.50 29.46 -4.68
C ILE G 59 32.74 28.57 -4.64
N ALA G 60 32.76 27.55 -5.48
CA ALA G 60 33.92 26.66 -5.57
C ALA G 60 35.18 27.45 -5.94
N THR G 61 35.09 28.21 -7.02
CA THR G 61 36.18 29.11 -7.43
C THR G 61 36.64 30.17 -6.45
N ASP G 62 35.72 30.82 -5.78
CA ASP G 62 36.06 31.68 -4.69
C ASP G 62 36.75 31.15 -3.47
N LEU G 63 36.31 30.00 -3.01
CA LEU G 63 36.76 29.38 -1.77
C LEU G 63 37.90 28.44 -2.15
N GLY G 64 38.03 28.17 -3.44
CA GLY G 64 39.03 27.21 -3.88
C GLY G 64 38.80 25.83 -3.30
N ILE G 65 37.60 25.29 -3.52
CA ILE G 65 37.31 23.87 -3.26
C ILE G 65 36.54 23.31 -4.47
N ALA G 66 36.34 22.00 -4.52
CA ALA G 66 35.59 21.41 -5.63
C ALA G 66 34.07 21.70 -5.57
N GLU G 67 33.44 21.75 -6.75
CA GLU G 67 32.03 22.06 -6.85
C GLU G 67 31.23 21.06 -6.01
N GLY G 68 31.54 19.78 -6.19
CA GLY G 68 30.97 18.69 -5.41
C GLY G 68 31.02 18.95 -3.91
N THR G 69 32.15 19.45 -3.41
CA THR G 69 32.28 19.79 -2.00
C THR G 69 31.37 20.95 -1.65
N VAL G 70 31.22 21.88 -2.58
CA VAL G 70 30.35 23.02 -2.30
C VAL G 70 28.92 22.53 -2.03
N LYS G 71 28.47 21.56 -2.83
CA LYS G 71 27.14 21.03 -2.63
C LYS G 71 26.96 20.30 -1.30
N SER G 72 27.88 19.39 -0.98
CA SER G 72 27.85 18.70 0.33
C SER G 72 27.77 19.72 1.45
N ARG G 73 28.74 20.62 1.47
CA ARG G 73 28.86 21.54 2.58
C ARG G 73 27.57 22.36 2.74
N LEU G 74 26.93 22.72 1.64
CA LEU G 74 25.67 23.45 1.74
C LEU G 74 24.58 22.57 2.37
N HIS G 75 24.52 21.32 1.91
CA HIS G 75 23.62 20.33 2.45
C HIS G 75 23.77 20.27 3.98
N TYR G 76 25.00 20.07 4.45
CA TYR G 76 25.23 20.04 5.90
C TYR G 76 24.96 21.39 6.56
N ALA G 77 25.39 22.47 5.92
CA ALA G 77 25.20 23.80 6.48
C ALA G 77 23.72 24.12 6.72
N VAL G 78 22.88 23.78 5.75
CA VAL G 78 21.48 24.13 5.89
C VAL G 78 20.81 23.19 6.90
N ARG G 79 21.14 21.92 6.82
CA ARG G 79 20.61 20.98 7.80
C ARG G 79 21.03 21.35 9.24
N ALA G 80 22.26 21.80 9.43
CA ALA G 80 22.71 22.22 10.77
C ALA G 80 21.97 23.46 11.23
N LEU G 81 21.78 24.38 10.29
CA LEU G 81 21.08 25.63 10.58
C LEU G 81 19.67 25.28 11.04
N ARG G 82 19.05 24.33 10.34
CA ARG G 82 17.65 23.96 10.63
C ARG G 82 17.48 23.46 12.08
N LEU G 83 18.38 22.59 12.49
CA LEU G 83 18.45 22.09 13.88
C LEU G 83 18.47 23.20 14.91
N THR G 84 19.37 24.17 14.75
CA THR G 84 19.38 25.26 15.72
C THR G 84 18.03 25.96 15.71
N LEU G 85 17.60 26.32 14.51
CA LEU G 85 16.31 27.02 14.34
C LEU G 85 15.21 26.23 15.04
N GLN G 86 15.20 24.92 14.82
CA GLN G 86 14.23 24.09 15.52
C GLN G 86 14.46 24.21 17.01
N GLU G 87 15.70 24.07 17.44
CA GLU G 87 15.90 24.09 18.88
C GLU G 87 15.44 25.45 19.43
N LEU G 88 15.76 26.51 18.68
CA LEU G 88 15.44 27.86 19.12
C LEU G 88 13.94 28.12 19.06
N GLY G 89 13.17 27.19 18.49
CA GLY G 89 11.70 27.27 18.54
C GLY G 89 11.15 28.11 17.40
N VAL G 90 12.01 28.46 16.47
CA VAL G 90 11.68 29.33 15.36
C VAL G 90 10.87 28.61 14.27
N THR G 91 11.22 27.36 14.00
CA THR G 91 10.49 26.53 13.05
C THR G 91 10.21 25.23 13.79
N ARG G 92 9.16 24.52 13.42
CA ARG G 92 8.77 23.34 14.18
C ARG G 92 9.84 22.22 14.16
N ASP H 24 26.56 6.20 -3.74
CA ASP H 24 25.64 5.69 -4.76
C ASP H 24 24.72 6.80 -5.26
N HIS H 25 24.21 7.61 -4.33
CA HIS H 25 23.08 8.49 -4.62
C HIS H 25 23.74 9.83 -4.33
N HIS H 26 24.14 10.53 -5.38
CA HIS H 26 25.00 11.70 -5.19
C HIS H 26 24.05 12.88 -5.18
N TYR H 27 22.93 12.76 -5.91
CA TYR H 27 21.92 13.81 -5.94
C TYR H 27 21.45 14.18 -4.53
N ALA H 28 21.53 13.25 -3.61
CA ALA H 28 21.09 13.50 -2.23
C ALA H 28 21.79 14.70 -1.60
N MET H 29 22.97 15.04 -2.11
CA MET H 29 23.69 16.22 -1.62
C MET H 29 23.21 17.53 -2.25
N TRP H 30 22.40 17.46 -3.30
CA TRP H 30 22.00 18.65 -4.05
C TRP H 30 20.83 19.41 -3.46
N ASP H 31 20.16 18.83 -2.48
CA ASP H 31 18.93 19.41 -1.98
C ASP H 31 19.05 20.87 -1.54
N ALA H 32 20.11 21.20 -0.84
CA ALA H 32 20.21 22.54 -0.24
C ALA H 32 20.60 23.58 -1.31
N ALA H 33 21.53 23.21 -2.17
CA ALA H 33 21.91 24.06 -3.25
C ALA H 33 20.65 24.41 -4.04
N TYR H 34 19.78 23.42 -4.23
CA TYR H 34 18.58 23.61 -5.07
C TYR H 34 17.59 24.59 -4.44
N VAL H 35 17.29 24.37 -3.18
CA VAL H 35 16.34 25.19 -2.47
C VAL H 35 16.89 26.62 -2.27
N LEU H 36 18.21 26.76 -2.29
CA LEU H 36 18.80 28.07 -2.10
C LEU H 36 19.01 28.77 -3.45
N GLY H 37 18.67 28.11 -4.54
CA GLY H 37 18.86 28.71 -5.85
C GLY H 37 20.29 28.78 -6.34
N ALA H 38 21.17 27.90 -5.87
CA ALA H 38 22.60 27.98 -6.22
C ALA H 38 23.05 27.01 -7.30
N LEU H 39 22.14 26.19 -7.80
CA LEU H 39 22.46 25.28 -8.88
C LEU H 39 22.53 26.04 -10.21
N SER H 40 23.44 25.66 -11.10
CA SER H 40 23.45 26.20 -12.46
C SER H 40 22.15 25.84 -13.17
N ALA H 41 21.84 26.57 -14.24
CA ALA H 41 20.72 26.23 -15.11
C ALA H 41 20.67 24.73 -15.47
N ALA H 42 21.80 24.16 -15.87
CA ALA H 42 21.86 22.74 -16.24
C ALA H 42 21.66 21.79 -15.06
N ASP H 43 22.36 22.06 -13.96
CA ASP H 43 22.24 21.26 -12.75
C ASP H 43 20.80 21.26 -12.22
N ARG H 44 20.20 22.44 -12.17
CA ARG H 44 18.82 22.56 -11.72
C ARG H 44 17.92 21.68 -12.56
N ARG H 45 18.12 21.73 -13.86
CA ARG H 45 17.30 20.97 -14.80
C ARG H 45 17.46 19.49 -14.48
N GLU H 46 18.73 19.09 -14.40
CA GLU H 46 19.07 17.71 -14.11
C GLU H 46 18.48 17.25 -12.78
N PHE H 47 18.55 18.08 -11.75
CA PHE H 47 18.00 17.72 -10.45
C PHE H 47 16.48 17.62 -10.50
N GLU H 48 15.84 18.50 -11.25
CA GLU H 48 14.38 18.46 -11.34
C GLU H 48 13.95 17.16 -12.00
N ALA H 49 14.75 16.67 -12.93
CA ALA H 49 14.47 15.37 -13.57
C ALA H 49 14.56 14.24 -12.56
N HIS H 50 15.63 14.23 -11.77
CA HIS H 50 15.79 13.27 -10.70
C HIS H 50 14.63 13.36 -9.73
N LEU H 51 14.19 14.57 -9.42
CA LEU H 51 13.12 14.74 -8.44
C LEU H 51 11.84 14.08 -8.90
N ALA H 52 11.57 14.16 -10.19
CA ALA H 52 10.35 13.58 -10.73
C ALA H 52 10.26 12.08 -10.42
N GLY H 53 11.41 11.40 -10.35
CA GLY H 53 11.43 9.98 -9.94
C GLY H 53 12.12 9.55 -8.64
N CYS H 54 12.29 10.46 -7.67
CA CYS H 54 12.99 10.10 -6.41
C CYS H 54 12.38 10.71 -5.13
N PRO H 55 11.50 9.96 -4.48
CA PRO H 55 10.74 10.42 -3.32
C PRO H 55 11.60 10.78 -2.12
N GLU H 56 12.80 10.24 -2.02
CA GLU H 56 13.65 10.62 -0.92
C GLU H 56 14.11 12.06 -1.11
N CYS H 57 14.58 12.38 -2.30
CA CYS H 57 15.02 13.72 -2.58
C CYS H 57 13.83 14.73 -2.53
N ARG H 58 12.66 14.35 -3.06
CA ARG H 58 11.50 15.23 -2.90
C ARG H 58 11.28 15.53 -1.45
N GLY H 59 11.30 14.50 -0.61
CA GLY H 59 11.07 14.67 0.82
C GLY H 59 12.17 15.51 1.44
N ALA H 60 13.38 15.36 0.92
CA ALA H 60 14.51 16.17 1.36
C ALA H 60 14.29 17.67 1.08
N VAL H 61 13.93 18.02 -0.16
CA VAL H 61 13.61 19.43 -0.43
C VAL H 61 12.43 19.90 0.41
N THR H 62 11.44 19.03 0.63
CA THR H 62 10.31 19.38 1.50
C THR H 62 10.74 19.77 2.92
N GLU H 63 11.67 19.01 3.48
CA GLU H 63 12.18 19.33 4.78
C GLU H 63 12.87 20.69 4.79
N LEU H 64 13.54 21.03 3.69
CA LEU H 64 14.36 22.23 3.64
C LEU H 64 13.66 23.50 3.16
N CYS H 65 12.48 23.40 2.59
CA CYS H 65 11.89 24.57 1.92
C CYS H 65 11.64 25.71 2.87
N GLY H 66 11.23 25.43 4.10
CA GLY H 66 11.03 26.46 5.08
C GLY H 66 12.27 27.28 5.45
N VAL H 67 13.45 26.89 4.97
CA VAL H 67 14.68 27.56 5.44
C VAL H 67 15.04 28.87 4.75
N PRO H 68 15.09 28.87 3.40
CA PRO H 68 15.29 30.12 2.67
C PRO H 68 14.25 31.14 3.10
N ALA H 69 13.05 30.68 3.41
CA ALA H 69 12.00 31.55 3.91
C ALA H 69 12.38 32.25 5.20
N LEU H 70 13.07 31.54 6.09
CA LEU H 70 13.50 32.13 7.34
C LEU H 70 14.73 32.99 7.10
N LEU H 71 15.61 32.55 6.21
CA LEU H 71 16.82 33.28 5.89
C LEU H 71 16.55 34.60 5.23
N SER H 72 15.37 34.74 4.63
CA SER H 72 15.04 35.98 3.91
C SER H 72 14.67 37.02 4.93
N GLN H 73 14.61 36.67 6.19
CA GLN H 73 14.28 37.68 7.23
C GLN H 73 15.39 38.66 7.55
N LEU H 74 16.52 38.54 6.87
CA LEU H 74 17.68 39.38 7.15
C LEU H 74 18.25 39.76 5.80
N ASP H 75 18.95 40.89 5.73
CA ASP H 75 19.65 41.25 4.49
C ASP H 75 21.13 40.85 4.51
N ARG H 76 21.75 40.85 3.35
CA ARG H 76 23.13 40.37 3.24
C ARG H 76 24.10 41.14 4.14
N ASP H 77 23.68 42.30 4.61
CA ASP H 77 24.56 43.14 5.41
C ASP H 77 24.52 42.77 6.87
N GLU H 78 23.33 42.46 7.36
CA GLU H 78 23.18 41.94 8.71
C GLU H 78 23.98 40.65 8.85
N VAL H 79 24.07 39.90 7.76
CA VAL H 79 24.82 38.66 7.74
C VAL H 79 26.34 38.85 7.65
N ALA H 80 26.78 39.83 6.86
CA ALA H 80 28.21 40.13 6.77
C ALA H 80 28.74 40.56 8.15
N ALA H 81 27.93 41.32 8.87
CA ALA H 81 28.30 41.81 10.20
C ALA H 81 28.57 40.65 11.17
N ILE H 82 27.73 39.63 11.08
CA ILE H 82 27.82 38.44 11.90
C ILE H 82 29.11 37.65 11.61
N SER H 83 29.49 37.54 10.34
CA SER H 83 30.80 37.01 9.97
C SER H 83 31.80 38.15 10.27
N GLU H 84 31.96 38.42 11.60
CA GLU H 84 33.06 39.27 12.03
C GLU H 84 32.96 39.36 13.55
N GLN I 16 55.35 -2.65 12.74
CA GLN I 16 54.79 -1.53 11.92
C GLN I 16 53.35 -1.21 12.31
N SER I 17 52.48 -0.99 11.31
CA SER I 17 51.12 -0.49 11.56
C SER I 17 50.14 -0.86 10.43
N THR I 18 49.10 -1.65 10.75
CA THR I 18 48.17 -2.17 9.73
C THR I 18 47.12 -1.15 9.28
N PRO I 19 46.66 -1.28 8.03
CA PRO I 19 45.49 -0.54 7.57
C PRO I 19 44.35 -0.53 8.60
N ASP I 20 44.05 -1.68 9.20
CA ASP I 20 42.95 -1.74 10.16
C ASP I 20 43.25 -0.84 11.36
N GLU I 21 44.48 -0.87 11.86
CA GLU I 21 44.81 -0.10 13.07
C GLU I 21 44.82 1.42 12.83
N VAL I 22 45.23 1.83 11.63
CA VAL I 22 45.23 3.23 11.26
C VAL I 22 43.79 3.75 11.13
N ASN I 23 42.96 3.00 10.40
CA ASN I 23 41.55 3.35 10.22
C ASN I 23 40.82 3.45 11.55
N ALA I 24 41.01 2.45 12.39
CA ALA I 24 40.47 2.52 13.73
C ALA I 24 40.94 3.80 14.44
N ALA I 25 42.23 4.10 14.37
CA ALA I 25 42.71 5.32 15.00
C ALA I 25 42.14 6.58 14.33
N LEU I 26 42.03 6.56 13.00
CA LEU I 26 41.44 7.69 12.26
C LEU I 26 40.03 7.94 12.75
N ASP I 27 39.23 6.88 12.84
CA ASP I 27 37.88 7.01 13.37
C ASP I 27 37.82 7.66 14.72
N ARG I 28 38.66 7.23 15.67
CA ARG I 28 38.66 7.86 16.99
CA ARG I 28 38.64 7.87 16.98
C ARG I 28 38.96 9.36 16.86
N LEU I 29 39.88 9.71 15.97
CA LEU I 29 40.21 11.11 15.72
C LEU I 29 38.98 11.92 15.29
N LEU I 30 38.31 11.42 14.27
CA LEU I 30 37.14 12.12 13.71
C LEU I 30 36.02 12.21 14.72
N ILE I 31 35.77 11.11 15.43
CA ILE I 31 34.68 11.13 16.38
C ILE I 31 34.97 12.14 17.48
N ALA I 32 36.22 12.16 17.94
CA ALA I 32 36.63 13.15 18.93
C ALA I 32 36.47 14.58 18.39
N ASP I 33 36.95 14.81 17.17
CA ASP I 33 36.75 16.08 16.48
C ASP I 33 35.26 16.45 16.44
N ALA I 34 34.42 15.52 15.95
CA ALA I 34 32.98 15.75 15.88
C ALA I 34 32.40 16.18 17.23
N LEU I 35 32.78 15.49 18.29
CA LEU I 35 32.32 15.90 19.62
C LEU I 35 32.83 17.30 19.96
N ALA I 36 34.05 17.59 19.52
CA ALA I 36 34.67 18.89 19.81
C ALA I 36 33.91 20.01 19.13
N GLN I 37 33.27 19.70 18.00
CA GLN I 37 32.50 20.74 17.28
C GLN I 37 31.11 21.05 17.87
N LEU I 38 30.55 20.16 18.66
CA LEU I 38 29.29 20.43 19.32
C LEU I 38 29.40 21.70 20.13
N SER I 39 28.27 22.31 20.43
CA SER I 39 28.22 23.40 21.34
C SER I 39 28.41 22.85 22.75
N ALA I 40 28.76 23.73 23.69
CA ALA I 40 28.99 23.29 25.05
C ALA I 40 27.75 22.63 25.60
N GLU I 41 26.58 23.19 25.30
CA GLU I 41 25.33 22.65 25.82
C GLU I 41 25.01 21.24 25.28
N HIS I 42 25.40 20.99 24.05
CA HIS I 42 25.09 19.73 23.42
C HIS I 42 26.03 18.65 23.95
N ARG I 43 27.32 18.95 24.00
CA ARG I 43 28.31 18.04 24.56
C ARG I 43 27.95 17.72 26.01
N ALA I 44 27.52 18.73 26.76
CA ALA I 44 27.19 18.48 28.13
C ALA I 44 26.17 17.37 28.29
N VAL I 45 25.12 17.36 27.47
CA VAL I 45 24.06 16.37 27.69
C VAL I 45 24.47 15.02 27.16
N ILE I 46 25.25 15.00 26.10
CA ILE I 46 25.76 13.73 25.61
C ILE I 46 26.76 13.10 26.57
N GLN I 47 27.63 13.93 27.15
CA GLN I 47 28.54 13.47 28.17
C GLN I 47 27.77 12.86 29.34
N ARG I 48 26.81 13.58 29.89
CA ARG I 48 26.09 13.09 31.07
C ARG I 48 25.26 11.86 30.82
N SER I 49 24.71 11.71 29.62
CA SER I 49 23.86 10.55 29.39
C SER I 49 24.69 9.34 28.97
N TYR I 50 25.46 9.47 27.89
CA TYR I 50 26.09 8.30 27.34
C TYR I 50 27.33 7.91 28.13
N TYR I 51 28.15 8.90 28.46
CA TYR I 51 29.41 8.62 29.11
C TYR I 51 29.32 8.47 30.65
N ARG I 52 28.40 9.18 31.30
CA ARG I 52 28.27 9.02 32.75
C ARG I 52 27.07 8.16 33.16
N GLY I 53 26.23 7.79 32.19
CA GLY I 53 25.10 6.93 32.44
C GLY I 53 24.03 7.55 33.33
N TRP I 54 24.00 8.87 33.37
CA TRP I 54 22.93 9.55 34.11
C TRP I 54 21.58 9.43 33.42
N SER I 55 20.54 9.38 34.25
CA SER I 55 19.18 9.45 33.77
C SER I 55 18.81 10.88 33.43
N THR I 56 17.74 10.99 32.66
CA THR I 56 17.12 12.26 32.33
C THR I 56 16.82 13.16 33.54
N ALA I 57 16.26 12.60 34.59
CA ALA I 57 15.95 13.36 35.79
C ALA I 57 17.22 13.84 36.45
N GLN I 58 18.24 12.97 36.50
CA GLN I 58 19.52 13.37 37.09
C GLN I 58 20.19 14.51 36.34
N ILE I 59 20.11 14.49 35.00
CA ILE I 59 20.69 15.56 34.19
C ILE I 59 19.92 16.86 34.38
N ALA I 60 18.60 16.77 34.47
CA ALA I 60 17.78 17.97 34.72
C ALA I 60 18.25 18.68 35.98
N THR I 61 18.22 17.97 37.11
CA THR I 61 18.68 18.52 38.37
C THR I 61 20.04 19.18 38.19
N ASP I 62 21.02 18.39 37.73
CA ASP I 62 22.39 18.87 37.64
C ASP I 62 22.54 20.11 36.79
N LEU I 63 21.80 20.20 35.69
CA LEU I 63 21.91 21.35 34.80
C LEU I 63 20.93 22.45 35.14
N GLY I 64 20.00 22.17 36.04
CA GLY I 64 19.01 23.18 36.41
C GLY I 64 17.98 23.49 35.34
N ILE I 65 17.66 22.51 34.49
CA ILE I 65 16.63 22.73 33.49
C ILE I 65 15.57 21.66 33.69
N ALA I 66 14.46 21.79 32.99
CA ALA I 66 13.39 20.84 33.15
C ALA I 66 13.73 19.53 32.41
N GLU I 67 13.22 18.43 32.93
CA GLU I 67 13.48 17.15 32.32
C GLU I 67 13.11 17.10 30.84
N GLY I 68 11.97 17.69 30.49
CA GLY I 68 11.54 17.77 29.08
C GLY I 68 12.57 18.44 28.20
N THR I 69 13.26 19.45 28.71
CA THR I 69 14.29 20.15 27.94
C THR I 69 15.55 19.28 27.77
N VAL I 70 15.83 18.42 28.75
CA VAL I 70 16.94 17.49 28.62
C VAL I 70 16.72 16.58 27.42
N LYS I 71 15.54 15.98 27.36
CA LYS I 71 15.18 15.12 26.25
C LYS I 71 15.29 15.84 24.90
N SER I 72 14.61 16.98 24.77
CA SER I 72 14.67 17.71 23.49
C SER I 72 16.11 18.12 23.16
N ARG I 73 16.84 18.63 24.14
CA ARG I 73 18.23 19.03 23.93
C ARG I 73 19.11 17.86 23.50
N LEU I 74 18.88 16.69 24.08
CA LEU I 74 19.57 15.47 23.69
C LEU I 74 19.24 15.13 22.24
N HIS I 75 17.97 15.28 21.90
CA HIS I 75 17.50 15.07 20.54
C HIS I 75 18.29 15.93 19.54
N TYR I 76 18.43 17.22 19.82
CA TYR I 76 19.17 18.08 18.88
C TYR I 76 20.68 17.82 18.95
N ALA I 77 21.18 17.50 20.15
CA ALA I 77 22.60 17.20 20.31
C ALA I 77 23.03 16.01 19.44
N VAL I 78 22.32 14.90 19.57
CA VAL I 78 22.65 13.76 18.75
C VAL I 78 22.52 14.04 17.26
N ARG I 79 21.45 14.75 16.86
CA ARG I 79 21.27 15.03 15.42
C ARG I 79 22.37 15.95 14.89
N ALA I 80 22.78 16.93 15.69
CA ALA I 80 23.89 17.78 15.27
C ALA I 80 25.17 16.94 15.15
N LEU I 81 25.40 16.05 16.10
CA LEU I 81 26.59 15.22 16.09
C LEU I 81 26.60 14.37 14.83
N ARG I 82 25.47 13.73 14.56
CA ARG I 82 25.40 12.85 13.41
C ARG I 82 25.72 13.58 12.09
N LEU I 83 25.19 14.79 11.95
CA LEU I 83 25.56 15.68 10.82
C LEU I 83 27.07 15.82 10.62
N THR I 84 27.77 16.20 11.69
CA THR I 84 29.22 16.34 11.59
C THR I 84 29.86 15.01 11.24
N LEU I 85 29.43 13.96 11.93
CA LEU I 85 29.95 12.63 11.66
C LEU I 85 29.77 12.31 10.19
N GLN I 86 28.59 12.60 9.63
CA GLN I 86 28.39 12.38 8.20
C GLN I 86 29.32 13.23 7.35
N GLU I 87 29.41 14.53 7.67
CA GLU I 87 30.30 15.36 6.88
C GLU I 87 31.76 14.88 6.97
N LEU I 88 32.17 14.43 8.16
CA LEU I 88 33.56 13.95 8.33
C LEU I 88 33.81 12.63 7.62
N GLY I 89 32.75 11.99 7.12
CA GLY I 89 32.89 10.74 6.39
C GLY I 89 32.86 9.50 7.28
N VAL I 90 32.41 9.66 8.53
CA VAL I 90 32.47 8.59 9.51
C VAL I 90 31.27 7.64 9.43
N THR I 91 30.05 8.17 9.29
CA THR I 91 28.86 7.40 8.94
C THR I 91 28.34 7.94 7.61
N ARG I 92 27.64 7.09 6.86
CA ARG I 92 26.91 7.54 5.69
C ARG I 92 25.53 8.09 6.13
N ASP J 24 1.33 17.85 19.22
CA ASP J 24 1.74 17.54 20.58
C ASP J 24 2.37 16.16 20.68
N HIS J 25 3.05 15.76 19.62
CA HIS J 25 3.71 14.44 19.58
C HIS J 25 5.02 14.48 20.38
N HIS J 26 4.92 14.53 21.71
CA HIS J 26 6.11 14.72 22.56
C HIS J 26 7.15 13.60 22.44
N TYR J 27 6.68 12.36 22.27
CA TYR J 27 7.58 11.22 22.16
C TYR J 27 8.67 11.38 21.11
N ALA J 28 8.48 12.34 20.20
CA ALA J 28 9.41 12.52 19.08
C ALA J 28 10.74 13.07 19.59
N MET J 29 10.70 13.64 20.79
CA MET J 29 11.90 14.21 21.36
C MET J 29 12.68 13.14 22.15
N TRP J 30 12.08 11.96 22.32
CA TRP J 30 12.67 10.92 23.19
C TRP J 30 13.62 9.99 22.45
N ASP J 31 13.72 10.13 21.14
CA ASP J 31 14.55 9.22 20.35
C ASP J 31 16.02 9.09 20.81
N ALA J 32 16.72 10.23 20.91
CA ALA J 32 18.11 10.27 21.36
C ALA J 32 18.29 9.67 22.78
N ALA J 33 17.42 10.08 23.70
CA ALA J 33 17.47 9.64 25.09
C ALA J 33 17.31 8.13 25.17
N TYR J 34 16.41 7.59 24.37
CA TYR J 34 16.25 6.14 24.30
C TYR J 34 17.52 5.43 23.83
N VAL J 35 18.06 5.84 22.69
CA VAL J 35 19.21 5.21 22.07
C VAL J 35 20.51 5.34 22.92
N LEU J 36 20.67 6.43 23.66
CA LEU J 36 21.83 6.66 24.49
C LEU J 36 21.66 6.13 25.91
N GLY J 37 20.49 5.60 26.23
CA GLY J 37 20.29 4.98 27.53
C GLY J 37 19.87 5.90 28.65
N ALA J 38 19.46 7.12 28.33
CA ALA J 38 19.10 8.03 29.39
C ALA J 38 17.65 7.96 29.91
N LEU J 39 16.81 7.15 29.29
CA LEU J 39 15.47 7.03 29.81
C LEU J 39 15.47 6.18 31.08
N SER J 40 14.73 6.64 32.09
CA SER J 40 14.46 5.87 33.30
C SER J 40 13.74 4.57 32.93
N ALA J 41 13.78 3.58 33.82
CA ALA J 41 13.11 2.33 33.58
C ALA J 41 11.63 2.50 33.18
N ALA J 42 10.93 3.47 33.79
CA ALA J 42 9.52 3.70 33.43
C ALA J 42 9.35 4.41 32.08
N ASP J 43 10.12 5.46 31.82
CA ASP J 43 10.11 6.12 30.49
C ASP J 43 10.47 5.17 29.35
N ARG J 44 11.46 4.32 29.56
CA ARG J 44 11.89 3.40 28.53
C ARG J 44 10.73 2.49 28.17
N ARG J 45 10.03 1.96 29.18
CA ARG J 45 8.89 1.06 28.96
C ARG J 45 7.75 1.79 28.25
N GLU J 46 7.50 3.03 28.66
CA GLU J 46 6.52 3.87 28.01
C GLU J 46 6.86 4.11 26.53
N PHE J 47 8.12 4.43 26.27
CA PHE J 47 8.53 4.72 24.92
C PHE J 47 8.46 3.47 24.04
N GLU J 48 8.84 2.33 24.60
CA GLU J 48 8.80 1.10 23.84
C GLU J 48 7.37 0.75 23.41
N ALA J 49 6.40 0.96 24.31
CA ALA J 49 5.00 0.76 24.00
C ALA J 49 4.64 1.65 22.80
N HIS J 50 4.96 2.93 22.92
CA HIS J 50 4.72 3.86 21.83
C HIS J 50 5.42 3.44 20.54
N LEU J 51 6.69 3.05 20.63
CA LEU J 51 7.42 2.63 19.44
C LEU J 51 6.63 1.58 18.70
N ALA J 52 6.00 0.68 19.46
CA ALA J 52 5.33 -0.47 18.88
C ALA J 52 4.15 -0.02 17.99
N GLY J 53 3.59 1.16 18.27
CA GLY J 53 2.54 1.71 17.44
C GLY J 53 2.85 2.98 16.65
N CYS J 54 4.12 3.33 16.47
CA CYS J 54 4.44 4.60 15.78
C CYS J 54 5.64 4.58 14.87
N PRO J 55 5.39 4.40 13.58
CA PRO J 55 6.43 4.24 12.53
C PRO J 55 7.35 5.44 12.43
N GLU J 56 6.85 6.61 12.79
CA GLU J 56 7.69 7.79 12.74
C GLU J 56 8.79 7.70 13.82
N CYS J 57 8.41 7.27 15.02
CA CYS J 57 9.36 7.17 16.09
C CYS J 57 10.33 6.02 15.80
N ARG J 58 9.81 4.93 15.23
CA ARG J 58 10.66 3.81 14.87
C ARG J 58 11.68 4.23 13.84
N GLY J 59 11.23 5.03 12.86
CA GLY J 59 12.15 5.55 11.85
C GLY J 59 13.21 6.41 12.52
N ALA J 60 12.80 7.19 13.51
CA ALA J 60 13.70 8.10 14.19
C ALA J 60 14.84 7.35 14.93
N VAL J 61 14.52 6.28 15.67
CA VAL J 61 15.56 5.53 16.39
C VAL J 61 16.45 4.75 15.41
N THR J 62 15.87 4.24 14.35
CA THR J 62 16.66 3.63 13.29
C THR J 62 17.73 4.58 12.74
N GLU J 63 17.38 5.85 12.56
CA GLU J 63 18.33 6.84 12.09
C GLU J 63 19.50 6.99 13.05
N LEU J 64 19.18 6.95 14.34
CA LEU J 64 20.12 7.34 15.36
C LEU J 64 20.95 6.16 15.87
N CYS J 65 20.59 4.95 15.47
CA CYS J 65 21.08 3.77 16.16
C CYS J 65 22.48 3.34 15.76
N GLY J 66 23.22 4.16 15.04
CA GLY J 66 24.58 3.83 14.76
C GLY J 66 25.43 4.67 15.69
N VAL J 67 24.78 5.59 16.39
CA VAL J 67 25.49 6.65 17.09
C VAL J 67 26.19 6.17 18.34
N PRO J 68 25.45 5.47 19.19
CA PRO J 68 26.04 4.78 20.31
C PRO J 68 27.27 3.98 19.89
N ALA J 69 27.14 3.26 18.79
CA ALA J 69 28.27 2.46 18.33
C ALA J 69 29.48 3.34 18.03
N LEU J 70 29.28 4.59 17.61
CA LEU J 70 30.43 5.47 17.41
C LEU J 70 30.86 6.14 18.71
N LEU J 71 29.89 6.56 19.50
CA LEU J 71 30.21 7.18 20.75
C LEU J 71 31.13 6.25 21.55
N SER J 72 30.89 4.95 21.46
CA SER J 72 31.59 3.99 22.28
C SER J 72 33.06 3.90 21.95
N GLN J 73 33.50 4.47 20.84
CA GLN J 73 34.92 4.37 20.53
C GLN J 73 35.79 5.25 21.42
N LEU J 74 35.18 6.04 22.31
CA LEU J 74 35.92 6.88 23.25
C LEU J 74 35.52 6.58 24.67
N ASP J 75 36.34 6.99 25.64
CA ASP J 75 36.05 6.82 27.06
C ASP J 75 35.55 8.10 27.64
N ARG J 76 34.91 8.02 28.79
CA ARG J 76 34.40 9.22 29.46
C ARG J 76 35.50 10.24 29.79
N ASP J 77 36.70 9.79 30.12
CA ASP J 77 37.74 10.78 30.40
C ASP J 77 38.22 11.53 29.15
N GLU J 78 38.29 10.87 28.02
CA GLU J 78 38.61 11.58 26.78
C GLU J 78 37.54 12.64 26.51
N VAL J 79 36.28 12.30 26.77
CA VAL J 79 35.21 13.26 26.54
C VAL J 79 35.22 14.44 27.49
N ALA J 80 35.41 14.18 28.78
CA ALA J 80 35.60 15.26 29.75
C ALA J 80 36.80 16.14 29.38
N ALA J 81 37.78 15.55 28.70
CA ALA J 81 38.98 16.28 28.29
C ALA J 81 38.61 17.22 27.15
N ILE J 82 37.85 16.71 26.18
CA ILE J 82 37.35 17.57 25.13
C ILE J 82 36.55 18.71 25.75
N SER J 83 35.70 18.43 26.72
CA SER J 83 34.96 19.54 27.34
C SER J 83 35.88 20.50 28.08
N GLU J 84 36.90 19.97 28.72
CA GLU J 84 37.82 20.83 29.44
C GLU J 84 38.68 21.72 28.52
N SER J 85 39.02 21.25 27.32
CA SER J 85 39.87 22.07 26.44
C SER J 85 39.11 23.04 25.53
N ALA J 86 37.78 23.08 25.64
CA ALA J 86 37.00 24.00 24.83
C ALA J 86 37.28 25.44 25.26
N PRO J 87 37.56 26.32 24.29
CA PRO J 87 37.90 27.76 24.53
C PRO J 87 36.96 28.47 25.51
N VAL K 22 9.84 -1.13 36.98
CA VAL K 22 9.67 0.11 37.82
C VAL K 22 10.99 0.77 38.25
N ASN K 23 12.12 0.05 38.17
CA ASN K 23 13.41 0.60 38.64
C ASN K 23 14.67 0.16 37.89
N ALA K 24 15.62 1.07 37.77
CA ALA K 24 16.93 0.75 37.18
C ALA K 24 17.70 -0.30 38.00
N ALA K 25 17.52 -0.29 39.31
CA ALA K 25 18.25 -1.22 40.15
C ALA K 25 17.76 -2.66 39.98
N LEU K 26 16.45 -2.85 39.85
CA LEU K 26 15.92 -4.18 39.61
C LEU K 26 16.31 -4.63 38.19
N ASP K 27 16.22 -3.71 37.25
CA ASP K 27 16.63 -4.00 35.88
C ASP K 27 18.06 -4.57 35.74
N ARG K 28 19.05 -3.92 36.35
CA ARG K 28 20.42 -4.47 36.22
C ARG K 28 20.56 -5.87 36.77
N LEU K 29 19.86 -6.15 37.86
CA LEU K 29 19.81 -7.51 38.39
C LEU K 29 19.26 -8.51 37.35
N LEU K 30 18.11 -8.21 36.78
CA LEU K 30 17.57 -9.00 35.66
C LEU K 30 18.51 -9.05 34.46
N ILE K 31 19.11 -7.91 34.13
CA ILE K 31 20.02 -7.90 33.01
C ILE K 31 21.22 -8.80 33.26
N ALA K 32 21.79 -8.71 34.46
CA ALA K 32 22.89 -9.60 34.80
C ALA K 32 22.40 -11.06 34.74
N ASP K 33 21.21 -11.30 35.27
CA ASP K 33 20.53 -12.60 35.17
C ASP K 33 20.44 -13.10 33.71
N ALA K 34 19.98 -12.21 32.83
CA ALA K 34 19.91 -12.53 31.41
C ALA K 34 21.26 -12.90 30.83
N LEU K 35 22.31 -12.14 31.18
CA LEU K 35 23.65 -12.47 30.65
C LEU K 35 24.18 -13.82 31.14
N ALA K 36 23.86 -14.15 32.39
CA ALA K 36 24.26 -15.44 32.95
C ALA K 36 23.52 -16.59 32.24
N GLN K 37 22.29 -16.35 31.75
CA GLN K 37 21.61 -17.43 31.03
C GLN K 37 22.17 -17.68 29.64
N LEU K 38 22.88 -16.69 29.08
CA LEU K 38 23.51 -16.91 27.78
C LEU K 38 24.37 -18.16 27.78
N SER K 39 24.47 -18.83 26.65
CA SER K 39 25.46 -19.87 26.53
C SER K 39 26.83 -19.21 26.58
N ALA K 40 27.85 -20.00 26.92
CA ALA K 40 29.21 -19.50 27.01
C ALA K 40 29.64 -18.82 25.71
N GLU K 41 29.35 -19.47 24.58
CA GLU K 41 29.70 -18.95 23.26
C GLU K 41 29.08 -17.58 22.97
N HIS K 42 27.82 -17.42 23.38
CA HIS K 42 27.12 -16.19 23.18
C HIS K 42 27.68 -15.09 24.07
N ARG K 43 27.93 -15.43 25.33
CA ARG K 43 28.44 -14.46 26.30
C ARG K 43 29.87 -14.12 25.89
N ALA K 44 30.63 -15.10 25.44
CA ALA K 44 31.97 -14.79 24.98
C ALA K 44 32.02 -13.65 23.93
N VAL K 45 31.12 -13.67 22.94
CA VAL K 45 31.25 -12.65 21.89
C VAL K 45 30.67 -11.31 22.30
N ILE K 46 29.62 -11.33 23.11
CA ILE K 46 29.09 -10.10 23.66
C ILE K 46 30.11 -9.45 24.60
N GLN K 47 30.75 -10.26 25.43
CA GLN K 47 31.76 -9.73 26.34
C GLN K 47 32.84 -9.01 25.53
N ARG K 48 33.43 -9.73 24.57
CA ARG K 48 34.55 -9.21 23.82
C ARG K 48 34.20 -7.97 22.96
N SER K 49 32.99 -7.90 22.41
CA SER K 49 32.65 -6.79 21.51
C SER K 49 32.21 -5.58 22.28
N TYR K 50 31.14 -5.72 23.04
CA TYR K 50 30.61 -4.56 23.71
C TYR K 50 31.39 -4.19 24.94
N TYR K 51 31.74 -5.16 25.80
CA TYR K 51 32.41 -4.78 27.06
C TYR K 51 33.92 -4.52 26.96
N ARG K 52 34.58 -5.15 26.00
CA ARG K 52 36.00 -4.92 25.80
C ARG K 52 36.24 -4.01 24.61
N GLY K 53 35.19 -3.75 23.84
CA GLY K 53 35.30 -2.88 22.69
C GLY K 53 36.17 -3.44 21.59
N TRP K 54 36.27 -4.77 21.49
CA TRP K 54 37.10 -5.38 20.45
C TRP K 54 36.40 -5.41 19.10
N SER K 55 37.18 -5.38 18.03
CA SER K 55 36.60 -5.49 16.73
C SER K 55 36.30 -6.94 16.37
N THR K 56 35.50 -7.10 15.34
CA THR K 56 35.16 -8.37 14.78
C THR K 56 36.43 -9.20 14.47
N ALA K 57 37.43 -8.58 13.84
CA ALA K 57 38.67 -9.26 13.49
C ALA K 57 39.47 -9.68 14.74
N GLN K 58 39.52 -8.82 15.76
CA GLN K 58 40.22 -9.15 17.00
C GLN K 58 39.55 -10.33 17.73
N ILE K 59 38.22 -10.31 17.81
CA ILE K 59 37.49 -11.40 18.43
C ILE K 59 37.75 -12.72 17.70
N ALA K 60 37.81 -12.68 16.35
CA ALA K 60 38.02 -13.90 15.58
C ALA K 60 39.38 -14.51 15.89
N THR K 61 40.36 -13.62 16.03
CA THR K 61 41.72 -14.01 16.34
C THR K 61 41.78 -14.57 17.74
N ASP K 62 41.16 -13.87 18.69
CA ASP K 62 41.15 -14.34 20.07
C ASP K 62 40.50 -15.72 20.21
N LEU K 63 39.44 -16.01 19.45
CA LEU K 63 38.73 -17.27 19.65
C LEU K 63 39.12 -18.29 18.61
N GLY K 64 39.94 -17.87 17.66
CA GLY K 64 40.33 -18.75 16.58
C GLY K 64 39.16 -19.30 15.79
N ILE K 65 38.14 -18.48 15.54
CA ILE K 65 37.10 -18.84 14.58
C ILE K 65 37.15 -17.85 13.43
N ALA K 66 36.45 -18.18 12.35
CA ALA K 66 36.34 -17.25 11.23
C ALA K 66 35.60 -15.96 11.66
N GLU K 67 36.00 -14.85 11.07
CA GLU K 67 35.35 -13.59 11.34
C GLU K 67 33.86 -13.61 11.02
N GLY K 68 33.51 -14.16 9.88
CA GLY K 68 32.11 -14.35 9.51
C GLY K 68 31.32 -15.08 10.57
N THR K 69 32.00 -15.96 11.33
CA THR K 69 31.35 -16.70 12.41
C THR K 69 31.18 -15.85 13.67
N VAL K 70 32.12 -14.95 13.89
CA VAL K 70 31.96 -13.93 14.93
C VAL K 70 30.68 -13.17 14.67
N LYS K 71 30.50 -12.72 13.45
CA LYS K 71 29.31 -11.93 13.15
C LYS K 71 28.01 -12.71 13.41
N SER K 72 27.85 -13.87 12.78
CA SER K 72 26.60 -14.62 12.99
C SER K 72 26.45 -14.98 14.46
N ARG K 73 27.54 -15.34 15.11
CA ARG K 73 27.46 -15.63 16.54
C ARG K 73 26.95 -14.44 17.39
N LEU K 74 27.40 -13.22 17.08
CA LEU K 74 26.85 -12.03 17.73
C LEU K 74 25.38 -11.84 17.39
N HIS K 75 25.07 -12.03 16.11
CA HIS K 75 23.69 -11.90 15.63
C HIS K 75 22.75 -12.71 16.53
N TYR K 76 23.07 -13.98 16.75
CA TYR K 76 22.21 -14.86 17.55
C TYR K 76 22.31 -14.58 19.05
N ALA K 77 23.54 -14.34 19.52
CA ALA K 77 23.78 -13.96 20.94
C ALA K 77 22.90 -12.79 21.35
N VAL K 78 22.91 -11.72 20.58
CA VAL K 78 22.12 -10.57 20.99
C VAL K 78 20.63 -10.91 20.95
N ARG K 79 20.24 -11.68 19.95
CA ARG K 79 18.83 -12.05 19.87
C ARG K 79 18.45 -13.01 20.97
N ALA K 80 19.34 -13.92 21.35
CA ALA K 80 19.07 -14.77 22.52
C ALA K 80 18.92 -13.89 23.76
N LEU K 81 19.78 -12.88 23.87
CA LEU K 81 19.77 -12.02 25.04
C LEU K 81 18.42 -11.34 25.16
N ARG K 82 18.00 -10.76 24.06
CA ARG K 82 16.79 -9.95 24.02
C ARG K 82 15.53 -10.74 24.41
N LEU K 83 15.50 -11.98 23.93
CA LEU K 83 14.43 -12.89 24.24
C LEU K 83 14.37 -13.09 25.75
N THR K 84 15.52 -13.36 26.36
CA THR K 84 15.55 -13.55 27.80
C THR K 84 15.04 -12.29 28.47
N LEU K 85 15.54 -11.13 28.04
CA LEU K 85 15.15 -9.84 28.61
C LEU K 85 13.65 -9.57 28.46
N GLN K 86 13.04 -10.07 27.38
CA GLN K 86 11.60 -9.92 27.24
C GLN K 86 10.86 -10.80 28.24
N GLU K 87 11.32 -12.03 28.39
CA GLU K 87 10.71 -12.90 29.38
C GLU K 87 10.88 -12.39 30.82
N LEU K 88 11.98 -11.71 31.11
CA LEU K 88 12.21 -11.20 32.46
C LEU K 88 11.43 -9.94 32.71
N GLY K 89 10.88 -9.34 31.66
CA GLY K 89 10.06 -8.14 31.82
C GLY K 89 10.85 -6.86 31.75
N VAL K 90 12.07 -6.93 31.22
CA VAL K 90 12.91 -5.74 31.16
C VAL K 90 12.56 -4.89 29.94
N THR K 91 12.38 -5.54 28.79
CA THR K 91 12.03 -4.87 27.55
C THR K 91 10.79 -5.57 26.98
N ARG K 92 10.02 -4.89 26.14
CA ARG K 92 8.73 -5.45 25.70
C ARG K 92 8.85 -6.48 24.56
N ASP L 24 20.50 -16.02 2.90
CA ASP L 24 21.68 -16.30 2.08
C ASP L 24 22.31 -15.02 1.57
N HIS L 25 21.82 -13.88 2.06
CA HIS L 25 22.54 -12.61 1.95
C HIS L 25 23.28 -12.28 3.24
N HIS L 26 24.60 -12.28 3.16
CA HIS L 26 25.44 -12.36 4.35
C HIS L 26 25.20 -11.19 5.31
N TYR L 27 24.93 -10.02 4.73
CA TYR L 27 24.72 -8.83 5.53
C TYR L 27 23.71 -9.01 6.65
N ALA L 28 22.80 -9.97 6.52
CA ALA L 28 21.78 -10.14 7.55
C ALA L 28 22.39 -10.53 8.91
N MET L 29 23.59 -11.12 8.88
CA MET L 29 24.25 -11.53 10.11
C MET L 29 24.96 -10.37 10.78
N TRP L 30 25.05 -9.22 10.10
CA TRP L 30 25.88 -8.10 10.55
C TRP L 30 25.16 -7.15 11.51
N ASP L 31 23.86 -7.29 11.66
CA ASP L 31 23.10 -6.34 12.47
C ASP L 31 23.68 -6.13 13.88
N ALA L 32 23.93 -7.21 14.61
CA ALA L 32 24.32 -7.06 16.01
C ALA L 32 25.72 -6.42 16.15
N ALA L 33 26.67 -6.88 15.33
CA ALA L 33 28.04 -6.35 15.35
C ALA L 33 27.99 -4.86 15.09
N TYR L 34 27.11 -4.48 14.17
CA TYR L 34 26.98 -3.09 13.81
C TYR L 34 26.48 -2.28 15.00
N VAL L 35 25.38 -2.71 15.60
CA VAL L 35 24.81 -1.93 16.68
C VAL L 35 25.70 -1.91 17.91
N LEU L 36 26.46 -2.98 18.15
CA LEU L 36 27.40 -3.04 19.27
C LEU L 36 28.74 -2.37 18.99
N GLY L 37 28.98 -1.95 17.77
CA GLY L 37 30.19 -1.16 17.51
C GLY L 37 31.42 -1.99 17.20
N ALA L 38 31.25 -3.29 16.93
CA ALA L 38 32.36 -4.18 16.57
C ALA L 38 32.76 -4.20 15.09
N LEU L 39 32.04 -3.48 14.23
CA LEU L 39 32.41 -3.45 12.80
C LEU L 39 33.54 -2.46 12.60
N SER L 40 34.57 -2.88 11.88
CA SER L 40 35.64 -1.98 11.50
C SER L 40 35.03 -0.88 10.65
N ALA L 41 35.79 0.19 10.50
CA ALA L 41 35.38 1.30 9.65
C ALA L 41 35.02 0.81 8.25
N ALA L 42 35.87 -0.02 7.64
CA ALA L 42 35.57 -0.53 6.31
C ALA L 42 34.26 -1.34 6.28
N ASP L 43 34.09 -2.27 7.22
CA ASP L 43 32.86 -3.06 7.28
C ASP L 43 31.63 -2.19 7.57
N ARG L 44 31.81 -1.15 8.37
CA ARG L 44 30.69 -0.26 8.77
C ARG L 44 30.17 0.49 7.54
N ARG L 45 31.10 0.95 6.72
CA ARG L 45 30.75 1.60 5.44
C ARG L 45 29.93 0.69 4.55
N GLU L 46 30.44 -0.52 4.27
CA GLU L 46 29.69 -1.50 3.48
C GLU L 46 28.29 -1.64 4.01
N PHE L 47 28.20 -1.94 5.30
CA PHE L 47 26.93 -2.25 5.91
C PHE L 47 26.00 -1.06 5.83
N GLU L 48 26.50 0.14 6.07
CA GLU L 48 25.60 1.29 6.05
C GLU L 48 25.06 1.51 4.63
N ALA L 49 25.89 1.22 3.64
CA ALA L 49 25.43 1.27 2.26
C ALA L 49 24.39 0.17 1.99
N HIS L 50 24.63 -1.06 2.48
CA HIS L 50 23.61 -2.10 2.28
C HIS L 50 22.33 -1.69 2.95
N LEU L 51 22.42 -1.08 4.13
CA LEU L 51 21.22 -0.62 4.83
C LEU L 51 20.36 0.36 4.03
N ALA L 52 21.01 1.20 3.22
CA ALA L 52 20.29 2.28 2.52
C ALA L 52 19.25 1.73 1.52
N GLY L 53 19.46 0.52 1.01
CA GLY L 53 18.44 -0.13 0.19
C GLY L 53 18.00 -1.53 0.63
N CYS L 54 18.06 -1.83 1.92
CA CYS L 54 17.59 -3.13 2.38
C CYS L 54 16.73 -2.98 3.61
N PRO L 55 15.39 -2.96 3.42
CA PRO L 55 14.35 -2.81 4.46
C PRO L 55 14.34 -3.93 5.52
N GLU L 56 14.79 -5.12 5.14
CA GLU L 56 14.87 -6.20 6.12
C GLU L 56 16.00 -5.92 7.13
N CYS L 57 17.21 -5.66 6.62
CA CYS L 57 18.30 -5.36 7.54
C CYS L 57 17.99 -4.13 8.38
N ARG L 58 17.33 -3.15 7.78
CA ARG L 58 16.96 -1.97 8.52
C ARG L 58 16.01 -2.29 9.68
N GLY L 59 15.03 -3.16 9.42
CA GLY L 59 14.12 -3.63 10.46
C GLY L 59 14.90 -4.45 11.51
N ALA L 60 15.94 -5.15 11.07
CA ALA L 60 16.77 -5.91 11.99
C ALA L 60 17.50 -4.97 13.01
N VAL L 61 18.22 -3.96 12.52
CA VAL L 61 18.86 -3.07 13.47
C VAL L 61 17.87 -2.30 14.36
N THR L 62 16.70 -1.92 13.83
CA THR L 62 15.64 -1.30 14.63
C THR L 62 15.26 -2.19 15.81
N GLU L 63 15.11 -3.49 15.57
CA GLU L 63 14.85 -4.42 16.67
C GLU L 63 15.94 -4.41 17.75
N LEU L 64 17.20 -4.21 17.34
CA LEU L 64 18.33 -4.29 18.29
C LEU L 64 18.72 -2.96 18.92
N CYS L 65 18.16 -1.86 18.43
CA CYS L 65 18.73 -0.57 18.78
C CYS L 65 18.51 -0.13 20.24
N GLY L 66 17.81 -0.93 21.05
CA GLY L 66 17.65 -0.64 22.48
C GLY L 66 18.67 -1.43 23.30
N VAL L 67 19.40 -2.32 22.66
CA VAL L 67 20.20 -3.29 23.37
C VAL L 67 21.40 -2.70 24.13
N PRO L 68 22.27 -1.96 23.43
CA PRO L 68 23.45 -1.32 24.06
C PRO L 68 23.05 -0.56 25.32
N ALA L 69 21.97 0.22 25.23
CA ALA L 69 21.43 0.87 26.41
C ALA L 69 21.26 -0.11 27.58
N LEU L 70 20.77 -1.32 27.28
CA LEU L 70 20.57 -2.32 28.31
C LEU L 70 21.89 -2.90 28.79
N LEU L 71 22.80 -3.17 27.87
CA LEU L 71 24.10 -3.74 28.21
C LEU L 71 24.92 -2.75 29.03
N SER L 72 24.78 -1.48 28.72
CA SER L 72 25.52 -0.45 29.43
C SER L 72 25.12 -0.39 30.91
N GLN L 73 24.11 -1.14 31.32
CA GLN L 73 23.78 -1.13 32.75
C GLN L 73 24.68 -2.04 33.62
N LEU L 74 25.58 -2.76 32.97
CA LEU L 74 26.58 -3.57 33.67
C LEU L 74 27.98 -3.07 33.29
N ASP L 75 28.97 -3.33 34.15
CA ASP L 75 30.36 -2.96 33.91
C ASP L 75 31.10 -4.17 33.36
N ARG L 76 32.23 -3.94 32.70
CA ARG L 76 33.00 -5.08 32.22
C ARG L 76 33.44 -6.02 33.36
N ASP L 77 33.67 -5.46 34.54
CA ASP L 77 34.07 -6.27 35.69
C ASP L 77 32.96 -7.23 36.08
N GLU L 78 31.73 -6.74 36.11
CA GLU L 78 30.60 -7.60 36.39
C GLU L 78 30.44 -8.67 35.30
N VAL L 79 30.69 -8.28 34.06
CA VAL L 79 30.56 -9.23 32.96
C VAL L 79 31.62 -10.30 33.07
N ALA L 80 32.86 -9.91 33.29
CA ALA L 80 33.92 -10.93 33.54
C ALA L 80 33.56 -11.83 34.73
N ALA L 81 32.89 -11.30 35.73
CA ALA L 81 32.55 -12.12 36.88
C ALA L 81 31.49 -13.15 36.50
N ILE L 82 30.45 -12.71 35.79
CA ILE L 82 29.41 -13.64 35.35
C ILE L 82 30.04 -14.72 34.47
N SER L 83 30.94 -14.35 33.56
CA SER L 83 31.53 -15.38 32.71
C SER L 83 32.45 -16.34 33.47
N GLU L 84 33.14 -15.82 34.48
CA GLU L 84 34.10 -16.62 35.23
C GLU L 84 33.39 -17.74 35.97
N SER L 85 32.20 -17.44 36.50
CA SER L 85 31.55 -18.34 37.42
C SER L 85 30.40 -19.09 36.76
N ALA L 86 30.55 -19.40 35.48
CA ALA L 86 29.61 -20.28 34.78
C ALA L 86 30.08 -21.73 34.87
N PRO M 19 22.41 -43.79 1.41
CA PRO M 19 21.23 -43.25 0.72
C PRO M 19 21.00 -41.76 1.06
N ASP M 20 19.86 -41.49 1.70
CA ASP M 20 19.59 -40.18 2.28
C ASP M 20 19.11 -40.30 3.73
N GLU M 21 19.32 -41.47 4.33
CA GLU M 21 19.10 -41.62 5.76
C GLU M 21 20.09 -40.70 6.49
N VAL M 22 21.11 -40.24 5.77
CA VAL M 22 22.21 -39.49 6.35
C VAL M 22 21.85 -38.04 6.75
N ASN M 23 21.26 -37.29 5.82
CA ASN M 23 20.82 -35.95 6.14
C ASN M 23 19.74 -35.93 7.21
N ALA M 24 18.95 -37.01 7.28
CA ALA M 24 17.91 -37.14 8.29
C ALA M 24 18.53 -37.42 9.64
N ALA M 25 19.58 -38.23 9.62
CA ALA M 25 20.32 -38.57 10.83
C ALA M 25 20.89 -37.28 11.42
N LEU M 26 21.57 -36.50 10.60
CA LEU M 26 22.16 -35.24 11.05
C LEU M 26 21.12 -34.30 11.68
N ASP M 27 20.01 -34.08 10.97
CA ASP M 27 18.97 -33.19 11.48
C ASP M 27 18.49 -33.62 12.85
N ARG M 28 18.20 -34.91 13.01
CA ARG M 28 17.75 -35.42 14.31
C ARG M 28 18.76 -35.08 15.41
N LEU M 29 20.04 -35.15 15.07
CA LEU M 29 21.13 -34.88 16.02
C LEU M 29 21.12 -33.40 16.42
N LEU M 30 20.95 -32.55 15.42
CA LEU M 30 20.89 -31.10 15.67
C LEU M 30 19.64 -30.72 16.47
N ILE M 31 18.52 -31.39 16.21
CA ILE M 31 17.32 -31.02 16.91
C ILE M 31 17.43 -31.38 18.39
N ALA M 32 17.97 -32.57 18.66
CA ALA M 32 18.29 -33.02 20.04
C ALA M 32 19.31 -32.10 20.70
N ASP M 33 20.39 -31.81 19.99
CA ASP M 33 21.33 -30.86 20.52
C ASP M 33 20.63 -29.51 20.86
N ALA M 34 19.83 -28.99 19.94
CA ALA M 34 19.06 -27.78 20.22
C ALA M 34 18.24 -27.92 21.49
N LEU M 35 17.54 -29.05 21.65
CA LEU M 35 16.74 -29.25 22.86
C LEU M 35 17.60 -29.32 24.14
N ALA M 36 18.79 -29.90 24.02
CA ALA M 36 19.74 -29.95 25.14
C ALA M 36 20.23 -28.55 25.53
N GLN M 37 20.32 -27.63 24.56
CA GLN M 37 20.79 -26.27 24.85
C GLN M 37 19.71 -25.38 25.48
N LEU M 38 18.45 -25.78 25.38
CA LEU M 38 17.43 -25.05 26.10
C LEU M 38 17.77 -24.97 27.60
N SER M 39 17.34 -23.90 28.23
CA SER M 39 17.35 -23.86 29.66
C SER M 39 16.34 -24.91 30.20
N ALA M 40 16.52 -25.31 31.45
CA ALA M 40 15.71 -26.37 32.04
C ALA M 40 14.23 -26.00 32.08
N GLU M 41 13.94 -24.74 32.39
CA GLU M 41 12.55 -24.31 32.47
C GLU M 41 11.87 -24.32 31.08
N HIS M 42 12.65 -24.06 30.04
CA HIS M 42 12.09 -24.00 28.70
C HIS M 42 11.90 -25.42 28.20
N ARG M 43 12.88 -26.29 28.46
CA ARG M 43 12.81 -27.69 28.03
C ARG M 43 11.64 -28.37 28.77
N ALA M 44 11.43 -28.00 30.01
CA ALA M 44 10.33 -28.55 30.79
C ALA M 44 8.99 -28.38 30.07
N VAL M 45 8.70 -27.14 29.65
CA VAL M 45 7.42 -26.84 28.99
C VAL M 45 7.31 -27.47 27.59
N ILE M 46 8.38 -27.47 26.81
CA ILE M 46 8.35 -28.10 25.50
C ILE M 46 8.04 -29.58 25.67
N GLN M 47 8.80 -30.23 26.56
CA GLN M 47 8.67 -31.65 26.84
C GLN M 47 7.24 -32.03 27.23
N ARG M 48 6.65 -31.29 28.16
CA ARG M 48 5.35 -31.62 28.70
C ARG M 48 4.21 -31.35 27.69
N SER M 49 4.28 -30.20 27.00
CA SER M 49 3.25 -29.82 26.04
C SER M 49 3.37 -30.69 24.79
N TYR M 50 4.51 -30.68 24.16
CA TYR M 50 4.58 -31.42 22.92
C TYR M 50 4.75 -32.91 23.08
N TYR M 51 5.59 -33.36 23.99
CA TYR M 51 5.89 -34.80 24.04
C TYR M 51 4.98 -35.57 25.00
N ARG M 52 4.51 -34.91 26.03
CA ARG M 52 3.58 -35.55 26.95
C ARG M 52 2.12 -35.31 26.56
N GLY M 53 1.89 -34.32 25.70
CA GLY M 53 0.55 -34.03 25.24
C GLY M 53 -0.28 -33.37 26.31
N TRP M 54 0.36 -32.70 27.26
CA TRP M 54 -0.37 -32.14 28.38
C TRP M 54 -0.95 -30.82 28.02
N SER M 55 -2.09 -30.53 28.63
CA SER M 55 -2.67 -29.26 28.44
C SER M 55 -1.93 -28.23 29.25
N THR M 56 -2.22 -27.00 28.92
CA THR M 56 -1.67 -25.87 29.57
C THR M 56 -2.01 -25.86 31.07
N ALA M 57 -3.22 -26.26 31.45
CA ALA M 57 -3.59 -26.31 32.87
C ALA M 57 -2.97 -27.51 33.62
N GLN M 58 -2.81 -28.64 32.93
CA GLN M 58 -2.12 -29.78 33.54
C GLN M 58 -0.66 -29.42 33.84
N ILE M 59 0.01 -28.81 32.86
CA ILE M 59 1.39 -28.37 33.02
C ILE M 59 1.53 -27.46 34.22
N ALA M 60 0.63 -26.51 34.35
CA ALA M 60 0.65 -25.59 35.47
C ALA M 60 0.57 -26.33 36.80
N THR M 61 -0.33 -27.30 36.90
CA THR M 61 -0.49 -28.01 38.14
C THR M 61 0.84 -28.67 38.45
N ASP M 62 1.38 -29.40 37.48
CA ASP M 62 2.64 -30.09 37.61
C ASP M 62 3.82 -29.21 38.03
N LEU M 63 3.84 -27.95 37.58
CA LEU M 63 4.98 -27.05 37.86
C LEU M 63 4.70 -26.04 38.99
N GLY M 64 3.48 -26.01 39.49
CA GLY M 64 3.15 -25.09 40.54
C GLY M 64 3.25 -23.64 40.15
N ILE M 65 2.91 -23.30 38.90
CA ILE M 65 2.94 -21.91 38.46
C ILE M 65 1.58 -21.56 37.88
N ALA M 66 1.30 -20.27 37.68
CA ALA M 66 0.03 -19.85 37.08
C ALA M 66 -0.07 -20.25 35.61
N GLU M 67 -1.29 -20.53 35.16
CA GLU M 67 -1.50 -21.01 33.80
C GLU M 67 -1.00 -19.99 32.77
N GLY M 68 -1.25 -18.72 33.03
CA GLY M 68 -0.68 -17.63 32.21
C GLY M 68 0.81 -17.82 32.02
N THR M 69 1.50 -18.13 33.13
CA THR M 69 2.95 -18.26 33.10
C THR M 69 3.39 -19.44 32.22
N VAL M 70 2.62 -20.53 32.24
CA VAL M 70 2.87 -21.61 31.27
C VAL M 70 2.80 -21.12 29.82
N LYS M 71 1.80 -20.31 29.54
CA LYS M 71 1.68 -19.74 28.20
C LYS M 71 2.91 -18.89 27.84
N SER M 72 3.15 -17.82 28.60
CA SER M 72 4.41 -17.06 28.54
C SER M 72 5.60 -17.93 28.25
N ARG M 73 5.86 -18.86 29.15
CA ARG M 73 7.07 -19.63 29.11
C ARG M 73 7.14 -20.45 27.83
N LEU M 74 6.02 -20.96 27.36
CA LEU M 74 6.05 -21.74 26.13
C LEU M 74 6.37 -20.82 24.95
N HIS M 75 5.84 -19.63 25.04
CA HIS M 75 6.11 -18.59 24.09
C HIS M 75 7.58 -18.31 23.93
N TYR M 76 8.31 -18.12 25.01
CA TYR M 76 9.77 -17.90 24.92
C TYR M 76 10.54 -19.15 24.62
N ALA M 77 10.09 -20.26 25.18
CA ALA M 77 10.81 -21.50 25.00
C ALA M 77 10.85 -21.85 23.50
N VAL M 78 9.69 -21.81 22.86
CA VAL M 78 9.69 -22.16 21.46
C VAL M 78 10.54 -21.17 20.64
N ARG M 79 10.44 -19.89 20.96
CA ARG M 79 11.31 -18.92 20.27
C ARG M 79 12.79 -19.19 20.51
N ALA M 80 13.15 -19.57 21.73
CA ALA M 80 14.57 -19.79 21.99
C ALA M 80 15.06 -21.04 21.24
N LEU M 81 14.15 -22.02 21.09
CA LEU M 81 14.51 -23.25 20.39
C LEU M 81 14.76 -22.88 18.93
N ARG M 82 13.87 -22.05 18.38
CA ARG M 82 13.94 -21.65 16.99
C ARG M 82 15.27 -20.96 16.69
N LEU M 83 15.58 -19.96 17.51
CA LEU M 83 16.87 -19.29 17.40
C LEU M 83 18.04 -20.27 17.33
N THR M 84 18.08 -21.23 18.26
CA THR M 84 19.13 -22.23 18.25
C THR M 84 19.10 -23.05 16.97
N LEU M 85 17.90 -23.48 16.58
CA LEU M 85 17.73 -24.26 15.34
C LEU M 85 18.25 -23.46 14.13
N GLN M 86 17.95 -22.17 14.10
CA GLN M 86 18.52 -21.33 13.05
C GLN M 86 20.04 -21.26 13.11
N GLU M 87 20.61 -21.05 14.29
CA GLU M 87 22.04 -20.95 14.36
C GLU M 87 22.67 -22.27 13.92
N LEU M 88 22.02 -23.38 14.24
CA LEU M 88 22.58 -24.68 13.91
C LEU M 88 22.38 -25.03 12.42
N GLY M 89 21.56 -24.28 11.71
CA GLY M 89 21.38 -24.52 10.27
C GLY M 89 20.27 -25.53 9.94
N VAL M 90 19.39 -25.77 10.90
CA VAL M 90 18.34 -26.73 10.72
C VAL M 90 17.13 -26.07 10.10
N THR M 91 16.87 -24.83 10.49
CA THR M 91 15.80 -24.03 9.90
C THR M 91 16.33 -22.65 9.50
N ARG M 92 15.72 -22.02 8.51
CA ARG M 92 16.26 -20.78 7.92
C ARG M 92 16.25 -19.53 8.85
N ASP N 24 -1.40 -5.75 27.70
CA ASP N 24 -2.85 -5.81 27.48
C ASP N 24 -3.19 -6.73 26.32
N HIS N 25 -2.23 -6.93 25.42
CA HIS N 25 -2.43 -7.79 24.26
C HIS N 25 -2.00 -9.20 24.72
N HIS N 26 -2.81 -9.78 25.61
CA HIS N 26 -2.39 -11.00 26.30
C HIS N 26 -2.31 -12.22 25.39
N TYR N 27 -3.11 -12.25 24.32
CA TYR N 27 -3.09 -13.38 23.40
C TYR N 27 -1.74 -13.52 22.71
N ALA N 28 -0.93 -12.47 22.78
CA ALA N 28 0.39 -12.55 22.13
C ALA N 28 1.18 -13.69 22.71
N MET N 29 0.85 -14.09 23.95
CA MET N 29 1.59 -15.16 24.61
C MET N 29 1.07 -16.56 24.27
N TRP N 30 -0.06 -16.66 23.55
CA TRP N 30 -0.65 -17.97 23.27
C TRP N 30 -0.14 -18.69 22.02
N ASP N 31 0.59 -18.00 21.15
CA ASP N 31 1.00 -18.59 19.87
C ASP N 31 1.63 -20.00 19.96
N ALA N 32 2.63 -20.16 20.83
CA ALA N 32 3.34 -21.44 21.04
C ALA N 32 2.41 -22.54 21.58
N ALA N 33 1.68 -22.23 22.63
CA ALA N 33 0.73 -23.19 23.19
C ALA N 33 -0.27 -23.66 22.12
N TYR N 34 -0.84 -22.68 21.41
CA TYR N 34 -1.74 -22.98 20.32
C TYR N 34 -1.09 -23.94 19.33
N VAL N 35 0.05 -23.55 18.82
CA VAL N 35 0.68 -24.33 17.80
C VAL N 35 1.16 -25.68 18.34
N LEU N 36 1.40 -25.77 19.65
CA LEU N 36 1.90 -27.01 20.26
C LEU N 36 0.77 -27.94 20.65
N GLY N 37 -0.45 -27.42 20.75
CA GLY N 37 -1.60 -28.26 21.03
C GLY N 37 -2.00 -28.24 22.50
N ALA N 38 -1.51 -27.26 23.24
CA ALA N 38 -1.64 -27.28 24.68
C ALA N 38 -2.87 -26.51 25.15
N LEU N 39 -3.54 -25.83 24.24
CA LEU N 39 -4.69 -25.03 24.62
C LEU N 39 -5.87 -25.95 24.82
N SER N 40 -6.70 -25.67 25.82
CA SER N 40 -7.98 -26.35 25.97
C SER N 40 -8.90 -25.95 24.82
N ALA N 41 -9.98 -26.70 24.64
CA ALA N 41 -10.97 -26.38 23.62
C ALA N 41 -11.51 -24.96 23.80
N ALA N 42 -11.85 -24.59 25.03
CA ALA N 42 -12.32 -23.23 25.25
C ALA N 42 -11.26 -22.21 24.83
N ASP N 43 -10.01 -22.40 25.25
CA ASP N 43 -8.96 -21.43 24.95
C ASP N 43 -8.60 -21.37 23.46
N ARG N 44 -8.59 -22.52 22.80
CA ARG N 44 -8.29 -22.58 21.36
C ARG N 44 -9.30 -21.75 20.54
N ARG N 45 -10.58 -21.83 20.91
CA ARG N 45 -11.62 -21.05 20.26
C ARG N 45 -11.48 -19.55 20.51
N GLU N 46 -11.20 -19.17 21.75
CA GLU N 46 -10.86 -17.77 22.02
C GLU N 46 -9.69 -17.29 21.19
N PHE N 47 -8.64 -18.09 21.11
CA PHE N 47 -7.48 -17.66 20.34
C PHE N 47 -7.77 -17.59 18.84
N GLU N 48 -8.43 -18.62 18.32
CA GLU N 48 -8.81 -18.63 16.90
C GLU N 48 -9.69 -17.41 16.59
N ALA N 49 -10.65 -17.10 17.45
CA ALA N 49 -11.42 -15.87 17.28
C ALA N 49 -10.51 -14.67 17.22
N HIS N 50 -9.53 -14.60 18.11
CA HIS N 50 -8.63 -13.43 18.11
C HIS N 50 -7.73 -13.45 16.88
N LEU N 51 -7.37 -14.62 16.40
CA LEU N 51 -6.52 -14.69 15.20
C LEU N 51 -7.26 -14.10 13.99
N ALA N 52 -8.56 -14.36 13.92
CA ALA N 52 -9.34 -13.93 12.76
C ALA N 52 -9.19 -12.42 12.59
N GLY N 53 -9.06 -11.73 13.71
CA GLY N 53 -8.96 -10.28 13.69
C GLY N 53 -7.65 -9.63 14.12
N CYS N 54 -6.59 -10.41 14.32
CA CYS N 54 -5.29 -9.81 14.69
C CYS N 54 -4.14 -10.28 13.80
N PRO N 55 -3.58 -9.38 12.99
CA PRO N 55 -2.50 -9.79 12.07
C PRO N 55 -1.16 -10.05 12.78
N GLU N 56 -0.92 -9.35 13.89
CA GLU N 56 0.29 -9.61 14.67
C GLU N 56 0.29 -11.07 15.12
N CYS N 57 -0.77 -11.50 15.77
CA CYS N 57 -0.81 -12.87 16.26
C CYS N 57 -0.82 -13.87 15.12
N ARG N 58 -1.36 -13.46 13.97
CA ARG N 58 -1.39 -14.33 12.82
C ARG N 58 0.03 -14.49 12.29
N GLY N 59 0.83 -13.42 12.31
CA GLY N 59 2.25 -13.49 11.92
C GLY N 59 3.09 -14.27 12.93
N ALA N 60 2.76 -14.12 14.20
CA ALA N 60 3.44 -14.90 15.22
C ALA N 60 3.23 -16.40 14.92
N VAL N 61 1.98 -16.82 14.81
CA VAL N 61 1.73 -18.22 14.53
C VAL N 61 2.44 -18.72 13.30
N THR N 62 2.57 -17.85 12.30
CA THR N 62 3.24 -18.24 11.06
C THR N 62 4.72 -18.48 11.29
N GLU N 63 5.35 -17.63 12.09
CA GLU N 63 6.76 -17.83 12.44
C GLU N 63 7.03 -19.20 13.11
N LEU N 64 6.12 -19.65 13.97
CA LEU N 64 6.29 -20.93 14.68
C LEU N 64 5.74 -22.17 13.97
N CYS N 65 4.95 -21.98 12.92
CA CYS N 65 4.19 -23.11 12.40
C CYS N 65 5.06 -24.25 11.88
N GLY N 66 6.39 -24.08 11.91
CA GLY N 66 7.30 -25.10 11.41
C GLY N 66 8.01 -25.83 12.54
N VAL N 67 7.71 -25.48 13.79
CA VAL N 67 8.45 -26.00 14.92
C VAL N 67 7.99 -27.39 15.37
N PRO N 68 6.67 -27.61 15.47
CA PRO N 68 6.17 -28.95 15.77
C PRO N 68 6.74 -29.94 14.75
N ALA N 69 6.80 -29.52 13.49
CA ALA N 69 7.28 -30.36 12.44
C ALA N 69 8.67 -30.82 12.76
N LEU N 70 9.49 -29.90 13.25
CA LEU N 70 10.86 -30.24 13.67
C LEU N 70 10.87 -31.10 14.94
N LEU N 71 10.07 -30.71 15.91
CA LEU N 71 9.91 -31.47 17.15
C LEU N 71 9.54 -32.93 16.87
N SER N 72 8.68 -33.14 15.88
CA SER N 72 8.12 -34.45 15.67
C SER N 72 9.18 -35.40 15.14
N GLN N 73 10.36 -34.89 14.82
CA GLN N 73 11.44 -35.76 14.38
C GLN N 73 12.06 -36.60 15.51
N LEU N 74 11.69 -36.31 16.75
CA LEU N 74 12.24 -37.06 17.88
C LEU N 74 11.13 -37.76 18.64
N ASP N 75 11.47 -38.89 19.25
CA ASP N 75 10.50 -39.63 20.05
C ASP N 75 10.42 -39.07 21.46
N ARG N 76 9.25 -39.20 22.08
CA ARG N 76 9.07 -38.85 23.50
C ARG N 76 10.17 -39.41 24.43
N ASP N 77 10.78 -40.52 24.03
CA ASP N 77 11.76 -41.23 24.85
C ASP N 77 13.17 -40.69 24.67
N GLU N 78 13.49 -40.33 23.42
CA GLU N 78 14.75 -39.66 23.13
C GLU N 78 14.83 -38.31 23.86
N VAL N 79 13.69 -37.64 23.98
CA VAL N 79 13.67 -36.36 24.70
C VAL N 79 13.81 -36.57 26.21
N ALA N 80 13.23 -37.65 26.70
CA ALA N 80 13.34 -37.98 28.12
C ALA N 80 14.80 -38.21 28.47
N ALA N 81 15.54 -38.88 27.59
CA ALA N 81 16.98 -39.09 27.73
C ALA N 81 17.71 -37.75 27.93
N ILE N 82 17.26 -36.73 27.20
CA ILE N 82 17.94 -35.45 27.19
C ILE N 82 17.78 -34.74 28.54
N SER N 83 16.56 -34.69 29.06
CA SER N 83 16.30 -34.08 30.38
C SER N 83 17.00 -34.77 31.56
N GLU N 84 17.64 -35.91 31.30
CA GLU N 84 18.30 -36.72 32.36
C GLU N 84 19.81 -36.98 32.16
N ASP O 20 -15.87 -31.96 34.77
CA ASP O 20 -15.58 -30.50 34.68
C ASP O 20 -15.21 -30.12 33.26
N GLU O 21 -14.27 -30.88 32.68
CA GLU O 21 -13.76 -30.66 31.32
C GLU O 21 -13.89 -31.93 30.50
N VAL O 22 -15.13 -32.26 30.14
CA VAL O 22 -15.43 -33.37 29.26
C VAL O 22 -15.43 -32.86 27.82
N ASN O 23 -15.02 -31.61 27.67
CA ASN O 23 -14.91 -30.98 26.36
C ASN O 23 -13.73 -31.52 25.60
N ALA O 24 -12.68 -31.88 26.32
CA ALA O 24 -11.58 -32.58 25.69
C ALA O 24 -12.13 -33.90 25.17
N ALA O 25 -13.20 -34.35 25.81
CA ALA O 25 -13.81 -35.63 25.48
C ALA O 25 -14.52 -35.56 24.14
N LEU O 26 -15.39 -34.56 24.00
CA LEU O 26 -16.11 -34.35 22.76
C LEU O 26 -15.10 -34.13 21.62
N ASP O 27 -14.17 -33.21 21.86
CA ASP O 27 -13.17 -32.86 20.86
C ASP O 27 -12.47 -34.05 20.24
N ARG O 28 -12.00 -34.97 21.05
CA ARG O 28 -11.32 -36.17 20.55
C ARG O 28 -12.24 -36.98 19.64
N LEU O 29 -13.50 -37.09 20.04
CA LEU O 29 -14.49 -37.84 19.28
C LEU O 29 -14.85 -37.14 17.98
N LEU O 30 -15.03 -35.82 18.04
CA LEU O 30 -15.24 -35.02 16.85
C LEU O 30 -14.07 -35.15 15.86
N ILE O 31 -12.85 -35.08 16.40
CA ILE O 31 -11.64 -35.16 15.60
C ILE O 31 -11.50 -36.53 14.96
N ALA O 32 -11.88 -37.58 15.69
CA ALA O 32 -11.81 -38.95 15.16
C ALA O 32 -12.89 -39.14 14.10
N ASP O 33 -14.04 -38.55 14.35
CA ASP O 33 -15.12 -38.51 13.37
C ASP O 33 -14.60 -37.93 12.06
N ALA O 34 -14.02 -36.73 12.15
CA ALA O 34 -13.44 -36.06 11.00
C ALA O 34 -12.48 -36.97 10.22
N LEU O 35 -11.53 -37.62 10.90
CA LEU O 35 -10.60 -38.52 10.21
C LEU O 35 -11.33 -39.71 9.59
N ALA O 36 -12.43 -40.10 10.23
CA ALA O 36 -13.24 -41.21 9.74
C ALA O 36 -13.94 -40.80 8.45
N GLN O 37 -14.35 -39.54 8.37
CA GLN O 37 -15.04 -39.05 7.16
C GLN O 37 -14.16 -38.85 5.92
N LEU O 38 -12.83 -38.86 6.07
CA LEU O 38 -11.93 -38.71 4.93
C LEU O 38 -12.04 -39.86 3.97
N SER O 39 -11.61 -39.67 2.73
CA SER O 39 -11.47 -40.78 1.83
C SER O 39 -10.34 -41.73 2.27
N ALA O 40 -10.31 -42.92 1.70
CA ALA O 40 -9.31 -43.89 2.09
C ALA O 40 -7.96 -43.34 1.70
N GLU O 41 -7.89 -42.75 0.52
CA GLU O 41 -6.63 -42.20 0.05
C GLU O 41 -6.11 -41.05 0.95
N HIS O 42 -7.02 -40.19 1.42
CA HIS O 42 -6.63 -39.06 2.26
C HIS O 42 -6.15 -39.50 3.64
N ARG O 43 -6.89 -40.43 4.26
CA ARG O 43 -6.53 -40.95 5.57
C ARG O 43 -5.19 -41.67 5.50
N ALA O 44 -4.96 -42.34 4.38
CA ALA O 44 -3.75 -43.11 4.22
C ALA O 44 -2.52 -42.21 4.31
N VAL O 45 -2.53 -41.07 3.63
CA VAL O 45 -1.35 -40.20 3.66
C VAL O 45 -1.21 -39.45 4.98
N ILE O 46 -2.30 -39.07 5.60
CA ILE O 46 -2.23 -38.40 6.87
C ILE O 46 -1.69 -39.34 7.96
N GLN O 47 -2.20 -40.58 7.97
CA GLN O 47 -1.78 -41.61 8.90
C GLN O 47 -0.29 -41.89 8.78
N ARG O 48 0.16 -42.07 7.55
CA ARG O 48 1.56 -42.34 7.27
C ARG O 48 2.45 -41.16 7.63
N SER O 49 2.03 -39.95 7.27
CA SER O 49 2.85 -38.76 7.52
C SER O 49 2.86 -38.40 9.00
N TYR O 50 1.69 -38.12 9.57
CA TYR O 50 1.66 -37.61 10.94
C TYR O 50 1.82 -38.71 11.97
N TYR O 51 1.04 -39.79 11.84
CA TYR O 51 1.00 -40.77 12.92
C TYR O 51 2.19 -41.75 12.93
N ARG O 52 2.66 -42.14 11.76
CA ARG O 52 3.81 -43.02 11.65
C ARG O 52 5.09 -42.21 11.44
N GLY O 53 4.97 -40.89 11.39
CA GLY O 53 6.10 -39.99 11.20
C GLY O 53 6.93 -40.24 9.96
N TRP O 54 6.33 -40.80 8.92
CA TRP O 54 7.04 -41.12 7.67
C TRP O 54 7.39 -39.92 6.78
N SER O 55 8.46 -40.06 6.01
CA SER O 55 8.83 -39.03 5.08
C SER O 55 8.04 -39.15 3.79
N THR O 56 8.17 -38.12 2.98
CA THR O 56 7.45 -38.02 1.75
C THR O 56 7.90 -39.16 0.84
N ALA O 57 9.20 -39.39 0.76
CA ALA O 57 9.75 -40.44 -0.11
C ALA O 57 9.37 -41.84 0.36
N GLN O 58 9.24 -42.00 1.67
CA GLN O 58 8.83 -43.27 2.21
C GLN O 58 7.39 -43.59 1.85
N ILE O 59 6.55 -42.56 1.87
CA ILE O 59 5.15 -42.75 1.61
C ILE O 59 5.00 -43.13 0.14
N ALA O 60 5.74 -42.46 -0.72
CA ALA O 60 5.70 -42.76 -2.13
C ALA O 60 6.03 -44.23 -2.37
N THR O 61 7.00 -44.73 -1.62
CA THR O 61 7.43 -46.12 -1.70
C THR O 61 6.33 -47.06 -1.22
N ASP O 62 5.81 -46.80 -0.04
CA ASP O 62 4.80 -47.68 0.53
C ASP O 62 3.52 -47.73 -0.32
N LEU O 63 3.37 -46.80 -1.25
CA LEU O 63 2.10 -46.68 -1.99
C LEU O 63 2.25 -46.83 -3.50
N GLY O 64 3.47 -46.70 -4.02
CA GLY O 64 3.71 -46.87 -5.45
C GLY O 64 3.30 -45.69 -6.32
N ILE O 65 3.33 -44.49 -5.76
CA ILE O 65 3.05 -43.29 -6.54
C ILE O 65 4.27 -42.36 -6.51
N ALA O 66 4.29 -41.40 -7.42
CA ALA O 66 5.37 -40.41 -7.43
C ALA O 66 5.37 -39.61 -6.12
N GLU O 67 6.56 -39.15 -5.75
CA GLU O 67 6.72 -38.30 -4.58
C GLU O 67 5.89 -37.02 -4.70
N GLY O 68 5.83 -36.46 -5.90
CA GLY O 68 5.06 -35.25 -6.15
C GLY O 68 3.59 -35.41 -5.83
N THR O 69 3.11 -36.65 -5.92
CA THR O 69 1.69 -36.95 -5.71
C THR O 69 1.39 -37.15 -4.26
N VAL O 70 2.37 -37.66 -3.52
CA VAL O 70 2.21 -37.74 -2.09
C VAL O 70 1.99 -36.33 -1.57
N LYS O 71 2.72 -35.38 -2.12
CA LYS O 71 2.56 -33.98 -1.68
C LYS O 71 1.17 -33.41 -1.97
N SER O 72 0.73 -33.49 -3.23
CA SER O 72 -0.60 -32.99 -3.64
C SER O 72 -1.61 -33.58 -2.72
N ARG O 73 -1.52 -34.90 -2.57
CA ARG O 73 -2.52 -35.66 -1.87
C ARG O 73 -2.55 -35.23 -0.42
N LEU O 74 -1.37 -35.02 0.17
CA LEU O 74 -1.34 -34.47 1.52
C LEU O 74 -2.01 -33.09 1.61
N HIS O 75 -1.66 -32.21 0.69
CA HIS O 75 -2.28 -30.90 0.59
C HIS O 75 -3.83 -30.99 0.64
N TYR O 76 -4.40 -31.82 -0.23
CA TYR O 76 -5.88 -31.96 -0.28
C TYR O 76 -6.45 -32.69 0.93
N ALA O 77 -5.75 -33.72 1.41
CA ALA O 77 -6.17 -34.44 2.63
C ALA O 77 -6.24 -33.53 3.83
N VAL O 78 -5.21 -32.73 4.06
CA VAL O 78 -5.28 -31.87 5.23
C VAL O 78 -6.37 -30.83 5.06
N ARG O 79 -6.50 -30.30 3.85
CA ARG O 79 -7.52 -29.27 3.61
C ARG O 79 -8.92 -29.82 3.73
N ALA O 80 -9.13 -31.04 3.24
CA ALA O 80 -10.43 -31.67 3.43
C ALA O 80 -10.72 -31.88 4.93
N LEU O 81 -9.73 -32.39 5.67
CA LEU O 81 -9.88 -32.60 7.12
C LEU O 81 -10.32 -31.30 7.78
N ARG O 82 -9.61 -30.23 7.46
CA ARG O 82 -9.90 -28.97 8.10
C ARG O 82 -11.36 -28.55 7.91
N LEU O 83 -11.85 -28.76 6.69
CA LEU O 83 -13.22 -28.39 6.31
C LEU O 83 -14.19 -29.12 7.20
N THR O 84 -13.99 -30.42 7.34
CA THR O 84 -14.84 -31.18 8.24
C THR O 84 -14.69 -30.70 9.68
N LEU O 85 -13.44 -30.50 10.12
CA LEU O 85 -13.23 -30.05 11.49
C LEU O 85 -14.02 -28.76 11.68
N GLN O 86 -14.01 -27.89 10.67
CA GLN O 86 -14.74 -26.62 10.80
C GLN O 86 -16.24 -26.83 10.84
N GLU O 87 -16.76 -27.74 10.03
CA GLU O 87 -18.20 -27.96 10.04
C GLU O 87 -18.62 -28.58 11.38
N LEU O 88 -17.74 -29.40 11.95
CA LEU O 88 -18.03 -30.05 13.23
C LEU O 88 -17.90 -29.12 14.43
N GLY O 89 -17.35 -27.94 14.24
CA GLY O 89 -17.26 -26.93 15.32
C GLY O 89 -15.98 -27.06 16.14
N VAL O 90 -15.10 -27.96 15.72
CA VAL O 90 -13.82 -28.12 16.36
C VAL O 90 -12.88 -26.92 16.18
N THR O 91 -12.70 -26.46 14.95
CA THR O 91 -11.84 -25.30 14.69
C THR O 91 -12.69 -24.24 13.98
N ARG O 92 -12.31 -22.97 14.08
CA ARG O 92 -13.19 -21.89 13.60
C ARG O 92 -13.67 -22.05 12.14
N ASP P 24 3.67 -22.79 -13.03
CA ASP P 24 3.48 -24.00 -12.23
C ASP P 24 3.11 -23.66 -10.79
N HIS P 25 4.01 -22.95 -10.11
CA HIS P 25 3.90 -22.78 -8.65
C HIS P 25 3.68 -24.10 -7.92
N HIS P 26 4.62 -25.03 -8.08
CA HIS P 26 4.51 -26.36 -7.47
C HIS P 26 4.56 -26.35 -5.92
N TYR P 27 5.34 -25.42 -5.36
CA TYR P 27 5.46 -25.29 -3.88
C TYR P 27 4.10 -25.18 -3.20
N ALA P 28 3.10 -24.73 -3.94
CA ALA P 28 1.76 -24.58 -3.38
C ALA P 28 1.23 -25.92 -2.87
N MET P 29 1.74 -27.02 -3.43
CA MET P 29 1.36 -28.35 -2.93
C MET P 29 2.20 -28.82 -1.72
N TRP P 30 3.13 -28.01 -1.25
CA TRP P 30 4.04 -28.43 -0.21
C TRP P 30 3.59 -28.07 1.19
N ASP P 31 2.58 -27.22 1.30
CA ASP P 31 2.20 -26.66 2.59
C ASP P 31 1.93 -27.70 3.67
N ALA P 32 1.10 -28.70 3.35
CA ALA P 32 0.69 -29.69 4.33
C ALA P 32 1.88 -30.55 4.76
N ALA P 33 2.66 -31.05 3.81
CA ALA P 33 3.84 -31.85 4.08
C ALA P 33 4.80 -31.09 5.01
N TYR P 34 4.98 -29.81 4.75
CA TYR P 34 5.84 -29.00 5.54
C TYR P 34 5.34 -28.98 6.97
N VAL P 35 4.05 -28.76 7.13
CA VAL P 35 3.49 -28.57 8.46
C VAL P 35 3.39 -29.89 9.23
N LEU P 36 3.28 -31.01 8.53
CA LEU P 36 3.13 -32.28 9.21
C LEU P 36 4.50 -32.91 9.51
N GLY P 37 5.53 -32.45 8.80
CA GLY P 37 6.88 -32.81 9.15
C GLY P 37 7.43 -33.84 8.20
N ALA P 38 6.80 -33.99 7.03
CA ALA P 38 7.15 -35.07 6.11
C ALA P 38 8.12 -34.65 5.01
N LEU P 39 8.53 -33.40 4.99
CA LEU P 39 9.48 -32.97 3.97
C LEU P 39 10.88 -33.47 4.32
N SER P 40 11.65 -33.91 3.34
CA SER P 40 13.04 -34.26 3.63
C SER P 40 13.77 -32.98 4.03
N ALA P 41 14.89 -33.12 4.73
CA ALA P 41 15.68 -31.97 5.14
C ALA P 41 16.02 -31.06 3.95
N ALA P 42 16.31 -31.66 2.80
CA ALA P 42 16.61 -30.89 1.60
C ALA P 42 15.38 -30.14 1.08
N ASP P 43 14.21 -30.78 1.12
CA ASP P 43 12.99 -30.17 0.61
C ASP P 43 12.51 -29.07 1.55
N ARG P 44 12.72 -29.28 2.84
CA ARG P 44 12.29 -28.34 3.87
C ARG P 44 13.06 -27.02 3.73
N ARG P 45 14.34 -27.10 3.44
CA ARG P 45 15.15 -25.90 3.24
C ARG P 45 14.73 -25.17 1.96
N GLU P 46 14.55 -25.94 0.91
CA GLU P 46 14.04 -25.41 -0.33
C GLU P 46 12.70 -24.69 -0.08
N PHE P 47 11.79 -25.34 0.64
CA PHE P 47 10.46 -24.76 0.80
C PHE P 47 10.52 -23.53 1.68
N GLU P 48 11.33 -23.63 2.73
CA GLU P 48 11.61 -22.48 3.58
C GLU P 48 12.19 -21.30 2.78
N ALA P 49 13.08 -21.57 1.82
CA ALA P 49 13.60 -20.46 1.01
C ALA P 49 12.45 -19.88 0.20
N HIS P 50 11.60 -20.74 -0.37
CA HIS P 50 10.45 -20.22 -1.10
C HIS P 50 9.50 -19.43 -0.20
N LEU P 51 9.29 -19.87 1.03
CA LEU P 51 8.37 -19.16 1.91
C LEU P 51 8.85 -17.73 2.17
N ALA P 52 10.15 -17.55 2.24
CA ALA P 52 10.70 -16.25 2.60
C ALA P 52 10.26 -15.21 1.58
N GLY P 53 10.00 -15.65 0.35
CA GLY P 53 9.54 -14.72 -0.68
C GLY P 53 8.19 -14.98 -1.31
N CYS P 54 7.34 -15.79 -0.69
CA CYS P 54 6.04 -16.07 -1.30
C CYS P 54 4.92 -15.92 -0.28
N PRO P 55 4.24 -14.77 -0.31
CA PRO P 55 3.14 -14.54 0.61
C PRO P 55 1.96 -15.50 0.45
N GLU P 56 1.82 -16.14 -0.70
CA GLU P 56 0.67 -17.04 -0.82
C GLU P 56 0.93 -18.32 -0.04
N CYS P 57 2.14 -18.86 -0.15
CA CYS P 57 2.45 -20.07 0.59
C CYS P 57 2.52 -19.78 2.08
N ARG P 58 2.98 -18.58 2.45
CA ARG P 58 3.02 -18.20 3.85
C ARG P 58 1.60 -18.24 4.43
N GLY P 59 0.64 -17.71 3.69
CA GLY P 59 -0.74 -17.78 4.10
C GLY P 59 -1.22 -19.22 4.13
N ALA P 60 -0.71 -20.02 3.19
CA ALA P 60 -1.13 -21.42 3.11
C ALA P 60 -0.70 -22.15 4.38
N VAL P 61 0.56 -22.00 4.78
CA VAL P 61 1.01 -22.71 5.97
C VAL P 61 0.30 -22.18 7.22
N THR P 62 0.02 -20.88 7.23
CA THR P 62 -0.74 -20.32 8.34
C THR P 62 -2.14 -20.90 8.50
N GLU P 63 -2.82 -21.21 7.41
CA GLU P 63 -4.15 -21.78 7.49
C GLU P 63 -4.11 -23.18 8.08
N LEU P 64 -3.01 -23.88 7.83
CA LEU P 64 -2.90 -25.29 8.25
C LEU P 64 -2.18 -25.51 9.59
N CYS P 65 -1.68 -24.47 10.22
CA CYS P 65 -0.81 -24.68 11.38
C CYS P 65 -1.58 -25.07 12.64
N GLY P 66 -2.89 -24.97 12.63
CA GLY P 66 -3.66 -25.46 13.78
C GLY P 66 -3.96 -26.95 13.65
N VAL P 67 -3.56 -27.54 12.53
CA VAL P 67 -4.01 -28.89 12.20
C VAL P 67 -3.18 -30.02 12.83
N PRO P 68 -1.84 -29.97 12.67
CA PRO P 68 -1.07 -30.94 13.46
C PRO P 68 -1.50 -30.84 14.93
N ALA P 69 -1.72 -29.63 15.42
CA ALA P 69 -2.21 -29.47 16.78
C ALA P 69 -3.46 -30.30 17.09
N LEU P 70 -4.41 -30.38 16.17
CA LEU P 70 -5.64 -31.14 16.41
C LEU P 70 -5.40 -32.63 16.24
N LEU P 71 -4.60 -32.98 15.25
CA LEU P 71 -4.20 -34.34 15.00
C LEU P 71 -3.55 -34.98 16.23
N SER P 72 -2.78 -34.19 16.98
CA SER P 72 -2.01 -34.70 18.11
C SER P 72 -2.92 -35.17 19.25
N GLN P 73 -4.16 -34.73 19.26
CA GLN P 73 -5.09 -35.21 20.28
C GLN P 73 -5.27 -36.74 20.31
N LEU P 74 -4.95 -37.43 19.23
CA LEU P 74 -5.08 -38.88 19.19
C LEU P 74 -3.76 -39.61 18.93
N ASP P 75 -3.72 -40.91 19.18
CA ASP P 75 -2.50 -41.68 18.90
C ASP P 75 -2.67 -42.64 17.73
N ARG P 76 -1.55 -43.16 17.23
CA ARG P 76 -1.58 -43.99 16.04
C ARG P 76 -2.50 -45.21 16.14
N ASP P 77 -2.71 -45.67 17.38
CA ASP P 77 -3.58 -46.82 17.61
C ASP P 77 -5.00 -46.44 17.27
N GLU P 78 -5.52 -45.43 17.97
CA GLU P 78 -6.88 -44.97 17.74
C GLU P 78 -7.12 -44.79 16.24
N VAL P 79 -6.13 -44.24 15.54
CA VAL P 79 -6.27 -43.98 14.10
C VAL P 79 -6.26 -45.24 13.26
N ALA P 80 -5.20 -46.03 13.37
CA ALA P 80 -5.14 -47.28 12.62
C ALA P 80 -6.42 -48.08 12.88
N ALA P 81 -6.94 -47.94 14.10
CA ALA P 81 -8.23 -48.50 14.47
C ALA P 81 -9.38 -47.97 13.61
N ILE P 82 -9.36 -46.67 13.35
CA ILE P 82 -10.39 -46.01 12.53
C ILE P 82 -10.54 -46.60 11.12
N SER P 83 -9.44 -47.04 10.52
CA SER P 83 -9.51 -47.74 9.23
C SER P 83 -9.76 -49.25 9.40
N GLN Q 16 -9.64 -38.82 -34.00
CA GLN Q 16 -10.86 -38.32 -34.68
C GLN Q 16 -11.78 -37.46 -33.78
N SER Q 17 -11.94 -37.82 -32.51
CA SER Q 17 -12.56 -36.89 -31.55
C SER Q 17 -11.54 -35.78 -31.32
N THR Q 18 -11.98 -34.53 -31.39
CA THR Q 18 -11.10 -33.38 -31.11
C THR Q 18 -10.58 -33.45 -29.68
N PRO Q 19 -9.42 -32.81 -29.42
CA PRO Q 19 -9.03 -32.75 -28.00
C PRO Q 19 -10.07 -31.98 -27.18
N ASP Q 20 -10.78 -31.05 -27.81
CA ASP Q 20 -11.80 -30.27 -27.10
C ASP Q 20 -13.01 -31.13 -26.75
N GLU Q 21 -13.44 -31.97 -27.68
CA GLU Q 21 -14.53 -32.92 -27.41
C GLU Q 21 -14.20 -33.87 -26.24
N VAL Q 22 -12.97 -34.40 -26.23
CA VAL Q 22 -12.47 -35.31 -25.19
C VAL Q 22 -12.36 -34.64 -23.82
N ASN Q 23 -11.79 -33.43 -23.75
CA ASN Q 23 -11.68 -32.72 -22.47
C ASN Q 23 -13.04 -32.36 -21.92
N ALA Q 24 -13.96 -31.99 -22.82
CA ALA Q 24 -15.32 -31.68 -22.37
C ALA Q 24 -15.94 -32.95 -21.74
N ALA Q 25 -15.83 -34.09 -22.42
CA ALA Q 25 -16.31 -35.33 -21.81
C ALA Q 25 -15.48 -35.65 -20.56
N LEU Q 26 -14.18 -35.43 -20.60
CA LEU Q 26 -13.35 -35.72 -19.43
C LEU Q 26 -13.86 -34.91 -18.22
N ASP Q 27 -14.14 -33.63 -18.45
CA ASP Q 27 -14.67 -32.74 -17.41
C ASP Q 27 -15.97 -33.25 -16.80
N ARG Q 28 -16.97 -33.58 -17.62
CA ARG Q 28 -18.24 -34.14 -17.11
C ARG Q 28 -18.02 -35.40 -16.28
N LEU Q 29 -17.13 -36.24 -16.78
CA LEU Q 29 -16.76 -37.45 -16.11
C LEU Q 29 -16.19 -37.07 -14.74
N LEU Q 30 -15.23 -36.17 -14.73
CA LEU Q 30 -14.60 -35.79 -13.47
C LEU Q 30 -15.54 -35.02 -12.54
N ILE Q 31 -16.42 -34.21 -13.11
CA ILE Q 31 -17.34 -33.47 -12.26
C ILE Q 31 -18.30 -34.43 -11.57
N ALA Q 32 -18.71 -35.48 -12.27
CA ALA Q 32 -19.62 -36.49 -11.72
C ALA Q 32 -18.94 -37.25 -10.60
N ASP Q 33 -17.71 -37.69 -10.85
CA ASP Q 33 -16.90 -38.29 -9.78
C ASP Q 33 -16.79 -37.39 -8.54
N ALA Q 34 -16.41 -36.13 -8.72
CA ALA Q 34 -16.39 -35.19 -7.60
C ALA Q 34 -17.69 -35.18 -6.82
N LEU Q 35 -18.83 -35.12 -7.51
CA LEU Q 35 -20.11 -35.07 -6.79
C LEU Q 35 -20.41 -36.39 -6.08
N ALA Q 36 -19.92 -37.48 -6.63
CA ALA Q 36 -20.09 -38.79 -6.04
C ALA Q 36 -19.27 -38.91 -4.77
N GLN Q 37 -18.17 -38.18 -4.69
CA GLN Q 37 -17.29 -38.30 -3.54
C GLN Q 37 -17.79 -37.47 -2.37
N LEU Q 38 -18.77 -36.61 -2.61
CA LEU Q 38 -19.34 -35.78 -1.55
C LEU Q 38 -20.06 -36.64 -0.52
N SER Q 39 -20.24 -36.15 0.70
CA SER Q 39 -21.05 -36.90 1.65
C SER Q 39 -22.50 -36.80 1.20
N ALA Q 40 -23.37 -37.68 1.70
CA ALA Q 40 -24.76 -37.63 1.30
C ALA Q 40 -25.37 -36.29 1.68
N GLU Q 41 -24.97 -35.74 2.82
CA GLU Q 41 -25.53 -34.47 3.28
C GLU Q 41 -25.08 -33.30 2.40
N HIS Q 42 -23.83 -33.33 1.98
CA HIS Q 42 -23.31 -32.30 1.13
C HIS Q 42 -23.96 -32.39 -0.26
N ARG Q 43 -23.98 -33.58 -0.85
CA ARG Q 43 -24.60 -33.75 -2.15
C ARG Q 43 -26.06 -33.34 -2.07
N ALA Q 44 -26.70 -33.60 -0.94
CA ALA Q 44 -28.12 -33.26 -0.83
C ALA Q 44 -28.41 -31.76 -0.94
N VAL Q 45 -27.60 -30.91 -0.32
CA VAL Q 45 -27.89 -29.47 -0.38
C VAL Q 45 -27.57 -28.90 -1.75
N ILE Q 46 -26.49 -29.39 -2.35
CA ILE Q 46 -26.10 -28.96 -3.68
C ILE Q 46 -27.15 -29.35 -4.70
N GLN Q 47 -27.57 -30.61 -4.65
CA GLN Q 47 -28.58 -31.09 -5.55
C GLN Q 47 -29.82 -30.20 -5.49
N ARG Q 48 -30.22 -29.85 -4.28
CA ARG Q 48 -31.47 -29.15 -4.07
C ARG Q 48 -31.36 -27.66 -4.41
N SER Q 49 -30.22 -27.06 -4.08
CA SER Q 49 -30.08 -25.64 -4.35
C SER Q 49 -29.80 -25.41 -5.82
N TYR Q 50 -28.80 -26.10 -6.35
CA TYR Q 50 -28.37 -25.84 -7.70
C TYR Q 50 -29.21 -26.60 -8.74
N TYR Q 51 -29.41 -27.90 -8.55
CA TYR Q 51 -30.09 -28.65 -9.57
C TYR Q 51 -31.62 -28.51 -9.53
N ARG Q 52 -32.21 -28.47 -8.34
CA ARG Q 52 -33.63 -28.22 -8.27
C ARG Q 52 -34.01 -26.75 -8.19
N GLY Q 53 -33.04 -25.85 -8.05
CA GLY Q 53 -33.34 -24.42 -7.93
C GLY Q 53 -34.10 -24.02 -6.67
N TRP Q 54 -34.03 -24.82 -5.61
CA TRP Q 54 -34.74 -24.50 -4.36
C TRP Q 54 -34.07 -23.38 -3.57
N SER Q 55 -34.89 -22.62 -2.85
CA SER Q 55 -34.37 -21.59 -2.00
C SER Q 55 -33.86 -22.16 -0.68
N THR Q 56 -33.05 -21.37 0.00
CA THR Q 56 -32.54 -21.66 1.32
C THR Q 56 -33.65 -22.12 2.30
N ALA Q 57 -34.76 -21.38 2.29
CA ALA Q 57 -35.92 -21.67 3.12
C ALA Q 57 -36.54 -23.02 2.76
N GLN Q 58 -36.66 -23.30 1.46
CA GLN Q 58 -37.32 -24.53 1.05
C GLN Q 58 -36.45 -25.70 1.36
N ILE Q 59 -35.15 -25.52 1.34
CA ILE Q 59 -34.27 -26.63 1.65
C ILE Q 59 -34.43 -26.95 3.14
N ALA Q 60 -34.49 -25.91 3.96
CA ALA Q 60 -34.69 -26.07 5.41
C ALA Q 60 -35.95 -26.87 5.71
N THR Q 61 -37.06 -26.48 5.10
CA THR Q 61 -38.32 -27.19 5.25
C THR Q 61 -38.19 -28.63 4.80
N ASP Q 62 -37.60 -28.84 3.63
CA ASP Q 62 -37.50 -30.19 3.09
C ASP Q 62 -36.66 -31.12 3.95
N LEU Q 63 -35.64 -30.58 4.61
CA LEU Q 63 -34.71 -31.42 5.35
C LEU Q 63 -35.00 -31.37 6.87
N GLY Q 64 -35.91 -30.48 7.26
CA GLY Q 64 -36.19 -30.26 8.67
C GLY Q 64 -34.99 -29.81 9.49
N ILE Q 65 -34.24 -28.82 8.99
CA ILE Q 65 -33.14 -28.26 9.75
C ILE Q 65 -33.30 -26.75 9.74
N ALA Q 66 -32.49 -26.04 10.52
CA ALA Q 66 -32.56 -24.56 10.53
C ALA Q 66 -32.01 -23.99 9.21
N GLU Q 67 -32.51 -22.82 8.85
CA GLU Q 67 -32.11 -22.21 7.62
C GLU Q 67 -30.66 -21.76 7.67
N GLY Q 68 -30.24 -21.26 8.82
CA GLY Q 68 -28.84 -20.91 9.03
C GLY Q 68 -27.92 -22.09 8.77
N THR Q 69 -28.41 -23.28 9.08
CA THR Q 69 -27.64 -24.49 8.89
C THR Q 69 -27.64 -24.90 7.42
N VAL Q 70 -28.71 -24.56 6.71
CA VAL Q 70 -28.71 -24.80 5.28
C VAL Q 70 -27.56 -24.04 4.62
N LYS Q 71 -27.40 -22.78 5.01
CA LYS Q 71 -26.32 -21.94 4.50
C LYS Q 71 -24.94 -22.47 4.83
N SER Q 72 -24.68 -22.82 6.10
CA SER Q 72 -23.38 -23.38 6.49
C SER Q 72 -23.07 -24.62 5.71
N ARG Q 73 -24.08 -25.47 5.60
CA ARG Q 73 -23.88 -26.76 5.00
C ARG Q 73 -23.52 -26.61 3.51
N LEU Q 74 -24.26 -25.74 2.80
CA LEU Q 74 -23.88 -25.32 1.44
C LEU Q 74 -22.43 -24.83 1.36
N HIS Q 75 -22.07 -23.97 2.31
CA HIS Q 75 -20.73 -23.42 2.38
C HIS Q 75 -19.70 -24.52 2.36
N TYR Q 76 -19.89 -25.47 3.26
CA TYR Q 76 -18.91 -26.54 3.39
C TYR Q 76 -18.99 -27.46 2.19
N ALA Q 77 -20.22 -27.65 1.69
CA ALA Q 77 -20.42 -28.57 0.55
C ALA Q 77 -19.74 -28.06 -0.71
N VAL Q 78 -19.96 -26.80 -1.03
CA VAL Q 78 -19.37 -26.26 -2.22
C VAL Q 78 -17.85 -26.25 -2.03
N ARG Q 79 -17.38 -25.88 -0.84
CA ARG Q 79 -15.93 -25.94 -0.64
C ARG Q 79 -15.37 -27.35 -0.70
N ALA Q 80 -16.07 -28.33 -0.12
CA ALA Q 80 -15.55 -29.70 -0.29
C ALA Q 80 -15.48 -30.13 -1.76
N LEU Q 81 -16.50 -29.74 -2.55
CA LEU Q 81 -16.53 -30.08 -3.98
C LEU Q 81 -15.35 -29.45 -4.67
N ARG Q 82 -15.13 -28.17 -4.37
CA ARG Q 82 -14.05 -27.48 -5.03
C ARG Q 82 -12.71 -28.20 -4.81
N LEU Q 83 -12.42 -28.53 -3.55
CA LEU Q 83 -11.21 -29.28 -3.22
C LEU Q 83 -11.06 -30.50 -4.11
N THR Q 84 -12.12 -31.31 -4.18
CA THR Q 84 -12.07 -32.53 -4.99
C THR Q 84 -11.85 -32.22 -6.46
N LEU Q 85 -12.55 -31.21 -6.93
CA LEU Q 85 -12.42 -30.76 -8.30
C LEU Q 85 -10.96 -30.35 -8.59
N GLN Q 86 -10.31 -29.66 -7.67
CA GLN Q 86 -8.89 -29.31 -7.79
C GLN Q 86 -7.99 -30.55 -7.81
N GLU Q 87 -8.19 -31.45 -6.85
CA GLU Q 87 -7.36 -32.63 -6.86
C GLU Q 87 -7.48 -33.35 -8.17
N LEU Q 88 -8.67 -33.31 -8.76
CA LEU Q 88 -8.92 -34.05 -9.99
C LEU Q 88 -8.41 -33.31 -11.23
N GLY Q 89 -7.96 -32.06 -11.06
CA GLY Q 89 -7.35 -31.33 -12.16
C GLY Q 89 -8.36 -30.63 -13.04
N VAL Q 90 -9.61 -30.61 -12.59
CA VAL Q 90 -10.65 -29.93 -13.33
C VAL Q 90 -10.49 -28.41 -13.23
N THR Q 91 -10.08 -27.94 -12.05
CA THR Q 91 -9.96 -26.49 -11.82
C THR Q 91 -8.67 -26.23 -11.00
N ARG Q 92 -8.11 -25.03 -11.11
CA ARG Q 92 -6.74 -24.76 -10.68
C ARG Q 92 -6.44 -24.86 -9.15
N ASP R 24 -21.29 -14.20 14.70
CA ASP R 24 -20.29 -13.14 14.62
C ASP R 24 -19.63 -13.15 13.25
N HIS R 25 -19.92 -12.17 12.41
CA HIS R 25 -19.61 -12.44 11.01
C HIS R 25 -20.25 -13.74 10.54
N HIS R 26 -21.57 -13.83 10.71
CA HIS R 26 -22.39 -14.92 10.01
C HIS R 26 -22.40 -14.91 8.50
N TYR R 27 -22.26 -13.75 7.88
CA TYR R 27 -22.30 -13.64 6.41
C TYR R 27 -21.26 -14.53 5.72
N ALA R 28 -20.20 -14.89 6.44
CA ALA R 28 -19.16 -15.71 5.83
C ALA R 28 -19.71 -17.05 5.37
N MET R 29 -20.83 -17.46 5.93
CA MET R 29 -21.39 -18.75 5.59
C MET R 29 -22.35 -18.63 4.43
N TRP R 30 -22.60 -17.40 3.98
CA TRP R 30 -23.51 -17.14 2.88
C TRP R 30 -22.91 -17.31 1.47
N ASP R 31 -21.60 -17.33 1.35
CA ASP R 31 -20.98 -17.30 0.02
C ASP R 31 -21.50 -18.33 -1.00
N ALA R 32 -21.59 -19.59 -0.58
CA ALA R 32 -22.03 -20.64 -1.48
C ALA R 32 -23.49 -20.46 -1.93
N ALA R 33 -24.37 -20.16 -0.98
CA ALA R 33 -25.78 -19.96 -1.28
C ALA R 33 -25.94 -18.80 -2.24
N TYR R 34 -25.09 -17.81 -2.10
CA TYR R 34 -25.15 -16.66 -2.98
C TYR R 34 -24.77 -17.02 -4.44
N VAL R 35 -23.67 -17.70 -4.60
CA VAL R 35 -23.17 -17.99 -5.93
C VAL R 35 -24.05 -19.05 -6.61
N LEU R 36 -24.72 -19.88 -5.82
CA LEU R 36 -25.58 -20.91 -6.35
C LEU R 36 -26.99 -20.40 -6.58
N GLY R 37 -27.34 -19.25 -6.04
CA GLY R 37 -28.65 -18.68 -6.31
C GLY R 37 -29.75 -19.15 -5.40
N ALA R 38 -29.39 -19.60 -4.19
CA ALA R 38 -30.37 -20.09 -3.23
C ALA R 38 -30.81 -19.02 -2.23
N LEU R 39 -30.16 -17.87 -2.27
CA LEU R 39 -30.59 -16.77 -1.41
C LEU R 39 -31.91 -16.17 -1.87
N SER R 40 -32.83 -15.93 -0.94
CA SER R 40 -34.07 -15.22 -1.23
C SER R 40 -33.77 -13.79 -1.61
N ALA R 41 -34.80 -13.11 -2.11
CA ALA R 41 -34.70 -11.73 -2.55
C ALA R 41 -34.06 -10.82 -1.50
N ALA R 42 -34.54 -10.94 -0.26
CA ALA R 42 -34.10 -10.09 0.84
C ALA R 42 -32.68 -10.43 1.30
N ASP R 43 -32.38 -11.72 1.40
CA ASP R 43 -31.06 -12.16 1.80
C ASP R 43 -30.00 -11.75 0.78
N ARG R 44 -30.31 -11.91 -0.51
CA ARG R 44 -29.35 -11.57 -1.56
C ARG R 44 -29.02 -10.09 -1.52
N ARG R 45 -30.06 -9.28 -1.32
CA ARG R 45 -29.86 -7.85 -1.14
C ARG R 45 -29.04 -7.56 0.12
N GLU R 46 -29.33 -8.28 1.19
CA GLU R 46 -28.59 -8.15 2.42
C GLU R 46 -27.11 -8.50 2.21
N PHE R 47 -26.86 -9.63 1.57
CA PHE R 47 -25.50 -10.06 1.31
C PHE R 47 -24.74 -9.13 0.37
N GLU R 48 -25.41 -8.64 -0.67
CA GLU R 48 -24.77 -7.70 -1.61
C GLU R 48 -24.34 -6.41 -0.92
N ALA R 49 -25.20 -5.88 -0.05
CA ALA R 49 -24.81 -4.74 0.79
C ALA R 49 -23.56 -5.09 1.62
N HIS R 50 -23.56 -6.22 2.30
CA HIS R 50 -22.39 -6.60 3.08
C HIS R 50 -21.15 -6.78 2.19
N LEU R 51 -21.35 -7.27 0.96
CA LEU R 51 -20.19 -7.52 0.09
C LEU R 51 -19.50 -6.21 -0.21
N ALA R 52 -20.31 -5.16 -0.33
CA ALA R 52 -19.78 -3.87 -0.74
C ALA R 52 -18.81 -3.29 0.29
N GLY R 53 -18.84 -3.81 1.52
CA GLY R 53 -17.91 -3.36 2.54
C GLY R 53 -16.99 -4.41 3.15
N CYS R 54 -16.94 -5.60 2.56
CA CYS R 54 -16.23 -6.70 3.19
C CYS R 54 -15.35 -7.44 2.21
N PRO R 55 -14.06 -7.06 2.16
CA PRO R 55 -13.06 -7.68 1.28
C PRO R 55 -12.94 -9.20 1.50
N GLU R 56 -13.15 -9.65 2.73
CA GLU R 56 -13.04 -11.08 3.00
C GLU R 56 -14.12 -11.82 2.20
N CYS R 57 -15.36 -11.34 2.28
CA CYS R 57 -16.49 -12.01 1.66
C CYS R 57 -16.42 -11.92 0.13
N ARG R 58 -16.04 -10.75 -0.38
CA ARG R 58 -15.72 -10.61 -1.78
C ARG R 58 -14.73 -11.68 -2.24
N GLY R 59 -13.68 -11.91 -1.46
CA GLY R 59 -12.64 -12.88 -1.85
C GLY R 59 -13.26 -14.28 -1.89
N ALA R 60 -14.16 -14.53 -0.94
CA ALA R 60 -14.83 -15.82 -0.83
C ALA R 60 -15.75 -16.15 -2.02
N VAL R 61 -16.65 -15.23 -2.39
CA VAL R 61 -17.48 -15.45 -3.57
C VAL R 61 -16.61 -15.60 -4.83
N THR R 62 -15.50 -14.87 -4.87
CA THR R 62 -14.60 -14.93 -6.00
C THR R 62 -13.97 -16.30 -6.14
N GLU R 63 -13.59 -16.89 -5.02
CA GLU R 63 -13.04 -18.23 -5.03
C GLU R 63 -14.06 -19.23 -5.54
N LEU R 64 -15.33 -18.95 -5.29
CA LEU R 64 -16.40 -19.89 -5.60
C LEU R 64 -17.07 -19.67 -6.94
N CYS R 65 -16.78 -18.57 -7.64
CA CYS R 65 -17.59 -18.28 -8.81
C CYS R 65 -17.48 -19.38 -9.89
N GLY R 66 -16.30 -19.96 -10.07
CA GLY R 66 -16.12 -20.99 -11.07
C GLY R 66 -17.06 -22.16 -10.89
N VAL R 67 -17.58 -22.33 -9.69
CA VAL R 67 -18.26 -23.58 -9.35
C VAL R 67 -19.59 -23.86 -10.08
N PRO R 68 -20.52 -22.89 -10.08
CA PRO R 68 -21.77 -23.10 -10.84
C PRO R 68 -21.51 -23.40 -12.31
N ALA R 69 -20.44 -22.84 -12.86
CA ALA R 69 -20.08 -23.07 -14.25
C ALA R 69 -19.75 -24.53 -14.42
N LEU R 70 -19.06 -25.10 -13.42
CA LEU R 70 -18.71 -26.50 -13.48
C LEU R 70 -19.95 -27.35 -13.23
N LEU R 71 -20.78 -26.97 -12.27
CA LEU R 71 -21.99 -27.75 -11.97
C LEU R 71 -22.92 -27.82 -13.19
N SER R 72 -22.98 -26.75 -13.96
CA SER R 72 -23.90 -26.69 -15.11
C SER R 72 -23.57 -27.70 -16.19
N GLN R 73 -22.45 -28.39 -16.11
CA GLN R 73 -22.16 -29.39 -17.15
C GLN R 73 -22.93 -30.70 -17.00
N LEU R 74 -23.68 -30.85 -15.91
CA LEU R 74 -24.41 -32.08 -15.65
C LEU R 74 -25.85 -31.70 -15.55
N ASP R 75 -26.75 -32.64 -15.81
CA ASP R 75 -28.18 -32.41 -15.66
C ASP R 75 -28.71 -33.00 -14.36
N ARG R 76 -29.88 -32.56 -13.92
CA ARG R 76 -30.43 -33.00 -12.64
C ARG R 76 -30.68 -34.50 -12.59
N ASP R 77 -30.89 -35.11 -13.75
CA ASP R 77 -31.15 -36.54 -13.79
C ASP R 77 -29.86 -37.34 -13.54
N GLU R 78 -28.76 -36.92 -14.14
CA GLU R 78 -27.47 -37.55 -13.85
C GLU R 78 -27.16 -37.44 -12.33
N VAL R 79 -27.35 -36.26 -11.78
CA VAL R 79 -27.12 -36.05 -10.35
C VAL R 79 -28.03 -36.94 -9.50
N ALA R 80 -29.31 -37.03 -9.84
CA ALA R 80 -30.20 -37.92 -9.14
C ALA R 80 -29.66 -39.34 -9.24
N ALA R 81 -29.19 -39.72 -10.41
CA ALA R 81 -28.60 -41.04 -10.60
C ALA R 81 -27.38 -41.21 -9.68
N ILE R 82 -26.60 -40.16 -9.50
CA ILE R 82 -25.47 -40.24 -8.59
C ILE R 82 -25.87 -40.49 -7.12
N SER R 83 -26.87 -39.81 -6.60
CA SER R 83 -27.26 -40.09 -5.23
C SER R 83 -27.76 -41.51 -5.15
N GLU R 84 -28.66 -41.85 -6.06
CA GLU R 84 -29.27 -43.18 -6.04
C GLU R 84 -28.18 -44.24 -5.85
N SER R 85 -27.14 -44.20 -6.68
CA SER R 85 -26.14 -45.25 -6.64
C SER R 85 -25.12 -45.11 -5.51
N ALA R 86 -25.29 -44.12 -4.64
CA ALA R 86 -24.27 -43.89 -3.59
C ALA R 86 -24.01 -45.17 -2.78
N ASP S 20 -43.84 -12.31 0.20
CA ASP S 20 -42.45 -12.25 -0.18
C ASP S 20 -42.04 -13.38 -1.11
N GLU S 21 -42.98 -14.23 -1.44
CA GLU S 21 -42.89 -14.97 -2.67
C GLU S 21 -43.27 -14.01 -3.74
N VAL S 22 -43.70 -12.85 -3.32
CA VAL S 22 -44.04 -11.79 -4.22
C VAL S 22 -42.79 -11.06 -4.60
N ASN S 23 -41.92 -10.83 -3.64
CA ASN S 23 -40.63 -10.23 -3.98
C ASN S 23 -39.84 -11.08 -4.97
N ALA S 24 -39.99 -12.40 -4.85
CA ALA S 24 -39.37 -13.31 -5.76
C ALA S 24 -39.94 -13.22 -7.14
N ALA S 25 -41.23 -13.04 -7.23
CA ALA S 25 -41.88 -12.97 -8.54
C ALA S 25 -41.54 -11.64 -9.23
N LEU S 26 -41.49 -10.56 -8.45
CA LEU S 26 -41.03 -9.29 -8.95
C LEU S 26 -39.60 -9.41 -9.53
N ASP S 27 -38.68 -10.00 -8.77
CA ASP S 27 -37.31 -10.20 -9.29
C ASP S 27 -37.31 -10.97 -10.59
N ARG S 28 -38.06 -12.04 -10.69
CA ARG S 28 -38.15 -12.80 -11.94
CA ARG S 28 -38.12 -12.80 -11.95
C ARG S 28 -38.63 -11.93 -13.10
N LEU S 29 -39.62 -11.11 -12.82
CA LEU S 29 -40.19 -10.23 -13.84
C LEU S 29 -39.13 -9.20 -14.30
N LEU S 30 -38.42 -8.62 -13.35
CA LEU S 30 -37.42 -7.60 -13.67
C LEU S 30 -36.23 -8.23 -14.42
N ILE S 31 -35.83 -9.44 -14.04
CA ILE S 31 -34.78 -10.15 -14.79
C ILE S 31 -35.21 -10.44 -16.22
N ALA S 32 -36.41 -11.00 -16.40
CA ALA S 32 -36.95 -11.18 -17.75
C ALA S 32 -37.00 -9.86 -18.55
N ASP S 33 -37.43 -8.80 -17.88
CA ASP S 33 -37.45 -7.50 -18.52
C ASP S 33 -36.04 -7.06 -18.97
N ALA S 34 -35.04 -7.18 -18.10
CA ALA S 34 -33.69 -6.79 -18.46
C ALA S 34 -33.22 -7.60 -19.68
N LEU S 35 -33.58 -8.88 -19.74
CA LEU S 35 -33.17 -9.70 -20.87
C LEU S 35 -33.84 -9.21 -22.15
N ALA S 36 -35.11 -8.85 -22.03
CA ALA S 36 -35.84 -8.32 -23.19
C ALA S 36 -35.23 -6.99 -23.66
N GLN S 37 -34.63 -6.22 -22.75
CA GLN S 37 -34.03 -4.92 -23.16
C GLN S 37 -32.66 -5.03 -23.86
N LEU S 38 -32.03 -6.19 -23.72
CA LEU S 38 -30.82 -6.48 -24.44
C LEU S 38 -31.09 -6.37 -25.96
N SER S 39 -30.07 -5.96 -26.70
CA SER S 39 -30.08 -6.13 -28.14
C SER S 39 -30.18 -7.62 -28.50
N ALA S 40 -30.73 -7.92 -29.67
CA ALA S 40 -30.81 -9.28 -30.14
C ALA S 40 -29.47 -10.00 -30.14
N GLU S 41 -28.41 -9.33 -30.55
CA GLU S 41 -27.06 -9.93 -30.52
C GLU S 41 -26.65 -10.31 -29.10
N HIS S 42 -26.95 -9.47 -28.13
CA HIS S 42 -26.51 -9.77 -26.78
C HIS S 42 -27.35 -10.90 -26.21
N ARG S 43 -28.65 -10.91 -26.54
CA ARG S 43 -29.54 -11.91 -25.96
C ARG S 43 -29.20 -13.26 -26.59
N ALA S 44 -28.89 -13.25 -27.87
CA ALA S 44 -28.53 -14.50 -28.54
C ALA S 44 -27.36 -15.22 -27.86
N VAL S 45 -26.31 -14.49 -27.48
CA VAL S 45 -25.19 -15.20 -26.89
C VAL S 45 -25.46 -15.63 -25.47
N ILE S 46 -26.20 -14.82 -24.73
CA ILE S 46 -26.52 -15.19 -23.36
C ILE S 46 -27.48 -16.39 -23.33
N GLN S 47 -28.50 -16.35 -24.18
CA GLN S 47 -29.43 -17.44 -24.26
C GLN S 47 -28.70 -18.75 -24.56
N ARG S 48 -27.80 -18.72 -25.53
CA ARG S 48 -27.08 -19.92 -25.94
C ARG S 48 -26.04 -20.38 -24.94
N SER S 49 -25.33 -19.44 -24.31
CA SER S 49 -24.37 -19.89 -23.32
C SER S 49 -25.10 -20.32 -22.05
N TYR S 50 -25.90 -19.46 -21.47
CA TYR S 50 -26.41 -19.80 -20.16
C TYR S 50 -27.59 -20.75 -20.21
N TYR S 51 -28.60 -20.50 -21.05
CA TYR S 51 -29.82 -21.30 -21.04
C TYR S 51 -29.73 -22.59 -21.87
N ARG S 52 -28.81 -22.64 -22.83
CA ARG S 52 -28.68 -23.86 -23.62
C ARG S 52 -27.41 -24.60 -23.22
N GLY S 53 -26.54 -23.95 -22.46
CA GLY S 53 -25.34 -24.59 -21.93
C GLY S 53 -24.29 -24.82 -23.01
N TRP S 54 -24.33 -24.07 -24.11
CA TRP S 54 -23.34 -24.28 -25.17
C TRP S 54 -21.96 -23.66 -24.88
N SER S 55 -20.93 -24.28 -25.41
CA SER S 55 -19.63 -23.70 -25.32
C SER S 55 -19.48 -22.54 -26.31
N THR S 56 -18.41 -21.83 -26.13
CA THR S 56 -18.01 -20.73 -26.99
C THR S 56 -17.83 -21.16 -28.46
N ALA S 57 -17.30 -22.36 -28.66
CA ALA S 57 -17.13 -22.87 -30.04
C ALA S 57 -18.47 -23.25 -30.70
N GLN S 58 -19.39 -23.83 -29.94
CA GLN S 58 -20.68 -24.21 -30.52
C GLN S 58 -21.51 -22.97 -30.82
N ILE S 59 -21.37 -21.95 -29.99
CA ILE S 59 -22.08 -20.70 -30.23
C ILE S 59 -21.55 -20.06 -31.51
N ALA S 60 -20.23 -20.10 -31.67
CA ALA S 60 -19.57 -19.55 -32.85
C ALA S 60 -20.12 -20.18 -34.10
N THR S 61 -20.08 -21.51 -34.14
CA THR S 61 -20.67 -22.26 -35.24
C THR S 61 -22.14 -21.91 -35.43
N ASP S 62 -22.90 -21.84 -34.35
CA ASP S 62 -24.32 -21.63 -34.54
C ASP S 62 -24.65 -20.25 -35.06
N LEU S 63 -23.85 -19.25 -34.68
CA LEU S 63 -24.17 -17.87 -35.00
C LEU S 63 -23.43 -17.36 -36.23
N GLY S 64 -22.50 -18.16 -36.75
CA GLY S 64 -21.76 -17.76 -37.92
C GLY S 64 -20.76 -16.67 -37.64
N ILE S 65 -20.29 -16.57 -36.41
CA ILE S 65 -19.27 -15.57 -36.08
C ILE S 65 -18.05 -16.28 -35.50
N ALA S 66 -16.95 -15.55 -35.33
CA ALA S 66 -15.76 -16.15 -34.76
C ALA S 66 -15.91 -16.37 -33.26
N GLU S 67 -15.13 -17.33 -32.78
CA GLU S 67 -15.05 -17.65 -31.37
C GLU S 67 -14.61 -16.44 -30.54
N GLY S 68 -13.60 -15.72 -31.02
CA GLY S 68 -13.11 -14.53 -30.31
C GLY S 68 -14.24 -13.54 -30.11
N THR S 69 -15.12 -13.46 -31.10
CA THR S 69 -16.22 -12.54 -31.09
C THR S 69 -17.32 -13.00 -30.12
N VAL S 70 -17.54 -14.31 -30.01
CA VAL S 70 -18.47 -14.81 -28.99
C VAL S 70 -18.00 -14.36 -27.61
N LYS S 71 -16.71 -14.51 -27.35
CA LYS S 71 -16.24 -14.12 -26.04
C LYS S 71 -16.50 -12.64 -25.72
N SER S 72 -16.07 -11.73 -26.61
CA SER S 72 -16.21 -10.30 -26.33
C SER S 72 -17.68 -9.90 -26.33
N ARG S 73 -18.43 -10.48 -27.25
CA ARG S 73 -19.84 -10.23 -27.27
C ARG S 73 -20.52 -10.65 -25.97
N LEU S 74 -20.10 -11.79 -25.39
CA LEU S 74 -20.66 -12.20 -24.10
C LEU S 74 -20.21 -11.24 -23.02
N HIS S 75 -18.98 -10.75 -23.15
CA HIS S 75 -18.46 -9.81 -22.17
C HIS S 75 -19.38 -8.63 -22.10
N TYR S 76 -19.72 -8.09 -23.26
CA TYR S 76 -20.52 -6.88 -23.33
C TYR S 76 -21.96 -7.15 -22.96
N ALA S 77 -22.46 -8.31 -23.40
CA ALA S 77 -23.84 -8.71 -23.15
C ALA S 77 -24.12 -8.77 -21.63
N VAL S 78 -23.30 -9.53 -20.92
CA VAL S 78 -23.48 -9.67 -19.49
C VAL S 78 -23.33 -8.30 -18.78
N ARG S 79 -22.37 -7.50 -19.21
CA ARG S 79 -22.22 -6.15 -18.60
C ARG S 79 -23.41 -5.24 -18.87
N ALA S 80 -23.96 -5.26 -20.09
CA ALA S 80 -25.20 -4.54 -20.37
C ALA S 80 -26.39 -5.03 -19.49
N LEU S 81 -26.50 -6.34 -19.33
CA LEU S 81 -27.56 -6.93 -18.53
C LEU S 81 -27.44 -6.40 -17.13
N ARG S 82 -26.22 -6.47 -16.62
CA ARG S 82 -25.95 -6.12 -15.26
C ARG S 82 -26.29 -4.66 -15.00
N LEU S 83 -25.93 -3.79 -15.94
CA LEU S 83 -26.26 -2.38 -15.84
C LEU S 83 -27.79 -2.20 -15.73
N THR S 84 -28.55 -2.88 -16.57
CA THR S 84 -29.99 -2.81 -16.50
C THR S 84 -30.54 -3.31 -15.16
N LEU S 85 -30.06 -4.48 -14.74
CA LEU S 85 -30.47 -5.05 -13.48
C LEU S 85 -30.16 -4.10 -12.30
N GLN S 86 -29.10 -3.33 -12.40
CA GLN S 86 -28.84 -2.32 -11.37
C GLN S 86 -29.88 -1.20 -11.51
N GLU S 87 -30.15 -0.76 -12.73
CA GLU S 87 -31.08 0.34 -12.85
C GLU S 87 -32.42 -0.12 -12.31
N LEU S 88 -32.76 -1.38 -12.57
CA LEU S 88 -34.07 -1.87 -12.22
C LEU S 88 -34.23 -2.15 -10.71
N GLY S 89 -33.16 -2.02 -9.94
CA GLY S 89 -33.21 -2.32 -8.51
C GLY S 89 -33.10 -3.81 -8.16
N VAL S 90 -32.65 -4.66 -9.09
CA VAL S 90 -32.57 -6.09 -8.79
C VAL S 90 -31.28 -6.43 -8.03
N THR S 91 -30.22 -5.69 -8.32
CA THR S 91 -28.91 -5.97 -7.74
C THR S 91 -28.21 -4.66 -7.41
N ARG S 92 -27.28 -4.68 -6.48
CA ARG S 92 -26.65 -3.45 -5.97
C ARG S 92 -26.14 -2.56 -7.13
N ASP T 24 -4.21 -5.50 -26.45
CA ASP T 24 -3.16 -5.90 -25.51
C ASP T 24 -3.65 -7.01 -24.58
N HIS T 25 -4.61 -6.69 -23.72
CA HIS T 25 -4.96 -7.55 -22.59
C HIS T 25 -6.18 -8.40 -22.97
N HIS T 26 -5.96 -9.47 -23.73
CA HIS T 26 -7.08 -10.15 -24.41
C HIS T 26 -7.99 -10.99 -23.51
N TYR T 27 -7.45 -11.43 -22.37
CA TYR T 27 -8.20 -12.21 -21.39
C TYR T 27 -9.29 -11.37 -20.75
N ALA T 28 -9.16 -10.05 -20.84
CA ALA T 28 -10.19 -9.20 -20.25
C ALA T 28 -11.58 -9.47 -20.84
N MET T 29 -11.62 -10.00 -22.06
CA MET T 29 -12.91 -10.32 -22.69
C MET T 29 -13.49 -11.67 -22.23
N TRP T 30 -12.73 -12.43 -21.44
CA TRP T 30 -13.12 -13.81 -21.10
C TRP T 30 -13.96 -13.90 -19.84
N ASP T 31 -14.09 -12.81 -19.10
CA ASP T 31 -14.75 -12.93 -17.80
C ASP T 31 -16.18 -13.51 -17.87
N ALA T 32 -17.00 -13.05 -18.80
CA ALA T 32 -18.37 -13.48 -18.87
C ALA T 32 -18.48 -14.94 -19.33
N ALA T 33 -17.69 -15.33 -20.32
CA ALA T 33 -17.69 -16.69 -20.80
C ALA T 33 -17.33 -17.59 -19.65
N TYR T 34 -16.28 -17.21 -18.92
CA TYR T 34 -15.82 -17.99 -17.81
C TYR T 34 -16.95 -18.21 -16.81
N VAL T 35 -17.56 -17.13 -16.35
CA VAL T 35 -18.57 -17.24 -15.31
C VAL T 35 -19.84 -17.95 -15.83
N LEU T 36 -20.14 -17.85 -17.11
CA LEU T 36 -21.33 -18.51 -17.59
C LEU T 36 -21.05 -19.98 -17.94
N GLY T 37 -19.81 -20.44 -17.87
CA GLY T 37 -19.57 -21.85 -18.18
C GLY T 37 -19.31 -22.19 -19.64
N ALA T 38 -19.07 -21.18 -20.48
CA ALA T 38 -18.95 -21.39 -21.94
C ALA T 38 -17.51 -21.63 -22.42
N LEU T 39 -16.55 -21.48 -21.54
CA LEU T 39 -15.16 -21.79 -21.90
C LEU T 39 -14.93 -23.30 -21.98
N SER T 40 -14.30 -23.73 -23.06
CA SER T 40 -13.73 -25.05 -23.20
C SER T 40 -12.80 -25.33 -22.04
N ALA T 41 -12.52 -26.61 -21.80
CA ALA T 41 -11.57 -26.97 -20.72
C ALA T 41 -10.20 -26.35 -20.88
N ALA T 42 -9.66 -26.33 -22.09
CA ALA T 42 -8.35 -25.68 -22.29
C ALA T 42 -8.40 -24.15 -22.01
N ASP T 43 -9.42 -23.46 -22.52
CA ASP T 43 -9.56 -22.00 -22.28
C ASP T 43 -9.75 -21.68 -20.80
N ARG T 44 -10.50 -22.54 -20.13
CA ARG T 44 -10.78 -22.34 -18.72
C ARG T 44 -9.49 -22.47 -17.90
N ARG T 45 -8.62 -23.42 -18.27
CA ARG T 45 -7.36 -23.59 -17.56
C ARG T 45 -6.44 -22.39 -17.84
N GLU T 46 -6.41 -21.98 -19.10
CA GLU T 46 -5.64 -20.80 -19.50
C GLU T 46 -6.07 -19.56 -18.70
N PHE T 47 -7.37 -19.33 -18.66
CA PHE T 47 -7.93 -18.18 -17.96
C PHE T 47 -7.72 -18.25 -16.44
N GLU T 48 -7.88 -19.44 -15.86
CA GLU T 48 -7.67 -19.59 -14.44
C GLU T 48 -6.20 -19.33 -14.05
N ALA T 49 -5.27 -19.88 -14.84
CA ALA T 49 -3.85 -19.59 -14.68
C ALA T 49 -3.60 -18.07 -14.67
N HIS T 50 -4.15 -17.37 -15.66
CA HIS T 50 -4.05 -15.92 -15.77
C HIS T 50 -4.68 -15.21 -14.58
N LEU T 51 -5.85 -15.67 -14.11
CA LEU T 51 -6.46 -15.04 -12.95
C LEU T 51 -5.55 -15.07 -11.74
N ALA T 52 -4.72 -16.11 -11.65
CA ALA T 52 -3.86 -16.28 -10.48
C ALA T 52 -2.88 -15.11 -10.34
N GLY T 53 -2.46 -14.52 -11.46
CA GLY T 53 -1.55 -13.38 -11.43
C GLY T 53 -2.08 -12.03 -11.87
N CYS T 54 -3.39 -11.91 -12.14
CA CYS T 54 -3.97 -10.66 -12.67
C CYS T 54 -5.11 -10.15 -11.80
N PRO T 55 -4.80 -9.19 -10.91
CA PRO T 55 -5.83 -8.62 -10.02
C PRO T 55 -6.99 -7.98 -10.78
N GLU T 56 -6.74 -7.51 -12.00
CA GLU T 56 -7.80 -6.83 -12.74
C GLU T 56 -8.84 -7.82 -13.27
N CYS T 57 -8.39 -8.91 -13.89
CA CYS T 57 -9.33 -9.95 -14.26
C CYS T 57 -10.10 -10.49 -13.06
N ARG T 58 -9.42 -10.73 -11.93
CA ARG T 58 -10.11 -11.21 -10.75
C ARG T 58 -11.25 -10.29 -10.34
N GLY T 59 -10.98 -8.99 -10.37
CA GLY T 59 -11.99 -7.99 -10.03
C GLY T 59 -13.15 -8.05 -11.02
N ALA T 60 -12.84 -8.36 -12.27
CA ALA T 60 -13.89 -8.50 -13.25
C ALA T 60 -14.82 -9.71 -12.97
N VAL T 61 -14.24 -10.85 -12.61
CA VAL T 61 -15.09 -12.02 -12.40
C VAL T 61 -15.91 -11.82 -11.14
N THR T 62 -15.26 -11.31 -10.10
CA THR T 62 -15.92 -10.88 -8.88
C THR T 62 -17.18 -10.05 -9.18
N GLU T 63 -17.06 -9.07 -10.07
CA GLU T 63 -18.20 -8.21 -10.40
C GLU T 63 -19.32 -9.01 -11.03
N LEU T 64 -18.95 -10.01 -11.82
CA LEU T 64 -19.94 -10.76 -12.57
C LEU T 64 -20.47 -11.98 -11.83
N CYS T 65 -19.93 -12.29 -10.65
CA CYS T 65 -20.19 -13.61 -10.11
C CYS T 65 -21.64 -13.82 -9.68
N GLY T 66 -22.39 -12.74 -9.46
CA GLY T 66 -23.79 -12.91 -9.06
C GLY T 66 -24.74 -13.18 -10.22
N VAL T 67 -24.26 -12.96 -11.44
CA VAL T 67 -25.10 -13.00 -12.64
C VAL T 67 -25.77 -14.33 -12.99
N PRO T 68 -25.03 -15.44 -12.92
CA PRO T 68 -25.64 -16.77 -13.10
C PRO T 68 -26.74 -17.03 -12.07
N ALA T 69 -26.50 -16.67 -10.81
CA ALA T 69 -27.53 -16.86 -9.79
C ALA T 69 -28.80 -16.16 -10.23
N LEU T 70 -28.70 -14.90 -10.66
CA LEU T 70 -29.84 -14.18 -11.22
C LEU T 70 -30.48 -14.81 -12.46
N LEU T 71 -29.67 -15.22 -13.42
CA LEU T 71 -30.15 -15.82 -14.67
C LEU T 71 -30.92 -17.11 -14.36
N SER T 72 -30.48 -17.79 -13.30
CA SER T 72 -31.05 -19.11 -12.97
C SER T 72 -32.48 -19.00 -12.44
N GLN T 73 -33.01 -17.78 -12.30
CA GLN T 73 -34.35 -17.63 -11.79
C GLN T 73 -35.39 -17.74 -12.88
N LEU T 74 -34.95 -17.77 -14.14
CA LEU T 74 -35.85 -18.05 -15.25
C LEU T 74 -35.44 -19.39 -15.84
N ASP T 75 -36.32 -19.97 -16.66
CA ASP T 75 -35.93 -21.18 -17.38
C ASP T 75 -35.82 -20.90 -18.87
N ARG T 76 -35.20 -21.82 -19.62
CA ARG T 76 -34.91 -21.57 -21.04
C ARG T 76 -36.15 -21.39 -21.91
N ASP T 77 -37.27 -21.95 -21.48
CA ASP T 77 -38.54 -21.72 -22.16
C ASP T 77 -38.95 -20.24 -22.09
N GLU T 78 -38.92 -19.69 -20.87
CA GLU T 78 -39.26 -18.29 -20.66
C GLU T 78 -38.40 -17.37 -21.52
N VAL T 79 -37.13 -17.71 -21.66
CA VAL T 79 -36.16 -16.90 -22.40
C VAL T 79 -36.28 -17.06 -23.90
N ALA T 80 -36.58 -18.27 -24.35
CA ALA T 80 -36.94 -18.45 -25.76
C ALA T 80 -38.19 -17.63 -26.10
N ALA T 81 -39.16 -17.62 -25.18
CA ALA T 81 -40.37 -16.83 -25.34
C ALA T 81 -40.04 -15.36 -25.54
N ILE T 82 -39.11 -14.85 -24.75
CA ILE T 82 -38.68 -13.47 -24.88
C ILE T 82 -38.11 -13.15 -26.26
N SER T 83 -37.27 -14.02 -26.81
CA SER T 83 -36.66 -13.76 -28.13
C SER T 83 -37.65 -13.82 -29.30
N GLU T 84 -38.60 -14.74 -29.22
CA GLU T 84 -39.64 -14.85 -30.24
C GLU T 84 -40.28 -13.50 -30.52
N SER T 85 -40.62 -12.78 -29.46
CA SER T 85 -41.22 -11.46 -29.59
C SER T 85 -40.29 -10.34 -29.09
S SO4 U . -33.82 19.22 -29.99
O1 SO4 U . -33.74 20.50 -29.28
O2 SO4 U . -35.02 19.17 -30.80
O3 SO4 U . -32.64 19.06 -30.84
O4 SO4 U . -33.85 18.13 -29.01
ZN ZN V . -18.22 9.02 -3.35
S SO4 W . -15.65 31.11 -34.65
O1 SO4 W . -17.01 30.82 -34.20
O2 SO4 W . -15.25 30.10 -35.63
O3 SO4 W . -15.62 32.43 -35.25
O4 SO4 W . -14.67 31.05 -33.57
ZN ZN X . 1.71 9.08 -18.68
ZN ZN Y . -3.61 20.97 4.38
S SO4 Z . 28.68 40.57 1.41
O1 SO4 Z . 29.29 40.03 0.19
O2 SO4 Z . 29.39 41.77 1.83
O3 SO4 Z . 27.28 40.90 1.13
O4 SO4 Z . 28.76 39.57 2.47
ZN ZN AA . 17.28 11.09 -5.08
S SO4 BA . 33.12 12.31 34.18
O1 SO4 BA . 32.31 12.03 35.36
O2 SO4 BA . 33.43 11.06 33.49
O3 SO4 BA . 32.41 13.22 33.30
O4 SO4 BA . 34.36 12.93 34.63
S SO4 CA . 44.08 11.75 21.06
O1 SO4 CA . 43.16 10.71 21.53
O2 SO4 CA . 44.33 11.57 19.62
O3 SO4 CA . 43.48 13.07 21.30
O4 SO4 CA . 45.36 11.66 21.78
ZN ZN DA . 5.80 8.55 17.85
S SO4 EA . 37.79 -8.04 31.15
O1 SO4 EA . 36.77 -7.26 31.87
O2 SO4 EA . 37.22 -8.90 30.12
O3 SO4 EA . 38.67 -7.07 30.54
O4 SO4 EA . 38.46 -8.90 32.12
ZN ZN FA . 20.05 -6.88 3.95
S SO4 GA . 8.09 -38.47 29.99
O1 SO4 GA . 6.64 -38.39 30.19
O2 SO4 GA . 8.43 -38.96 28.65
O3 SO4 GA . 8.67 -37.14 30.24
O4 SO4 GA . 8.61 -39.44 30.93
ZN ZN HA . -3.20 -10.57 18.81
S SO4 IA . 0.03 -47.76 12.37
O1 SO4 IA . -0.96 -48.82 12.46
O2 SO4 IA . 1.37 -48.33 12.21
O3 SO4 IA . -0.23 -46.93 11.20
O4 SO4 IA . -0.03 -46.98 13.61
ZN ZN JA . 4.49 -20.06 -3.08
S SO4 KA . -34.81 -34.45 -9.20
O1 SO4 KA . -35.44 -35.76 -9.06
O2 SO4 KA . -34.16 -34.39 -10.51
O3 SO4 KA . -35.82 -33.38 -9.12
O4 SO4 KA . -33.85 -34.28 -8.09
ZN ZN LA . -17.98 -10.47 5.34
S SO4 MA . -34.02 -22.84 -26.61
O1 SO4 MA . -34.76 -23.12 -25.38
O2 SO4 MA . -33.07 -23.92 -26.87
O3 SO4 MA . -34.93 -22.69 -27.73
O4 SO4 MA . -33.27 -21.60 -26.43
ZN ZN NA . -6.15 -9.98 -16.89
#